data_1LB6
# 
_entry.id   1LB6 
# 
_audit_conform.dict_name       mmcif_pdbx.dic 
_audit_conform.dict_version    5.389 
_audit_conform.dict_location   http://mmcif.pdb.org/dictionaries/ascii/mmcif_pdbx.dic 
# 
loop_
_database_2.database_id 
_database_2.database_code 
_database_2.pdbx_database_accession 
_database_2.pdbx_DOI 
PDB   1LB6         pdb_00001lb6 10.2210/pdb1lb6/pdb 
RCSB  RCSB015806   ?            ?                   
WWPDB D_1000015806 ?            ?                   
# 
loop_
_pdbx_audit_revision_history.ordinal 
_pdbx_audit_revision_history.data_content_type 
_pdbx_audit_revision_history.major_revision 
_pdbx_audit_revision_history.minor_revision 
_pdbx_audit_revision_history.revision_date 
1 'Structure model' 1 0 2002-07-31 
2 'Structure model' 1 1 2008-04-28 
3 'Structure model' 1 2 2011-07-13 
4 'Structure model' 1 3 2017-10-11 
5 'Structure model' 1 4 2024-02-14 
6 'Structure model' 1 5 2024-04-03 
# 
_pdbx_audit_revision_details.ordinal             1 
_pdbx_audit_revision_details.revision_ordinal    1 
_pdbx_audit_revision_details.data_content_type   'Structure model' 
_pdbx_audit_revision_details.provider            repository 
_pdbx_audit_revision_details.type                'Initial release' 
_pdbx_audit_revision_details.description         ? 
_pdbx_audit_revision_details.details             ? 
# 
loop_
_pdbx_audit_revision_group.ordinal 
_pdbx_audit_revision_group.revision_ordinal 
_pdbx_audit_revision_group.data_content_type 
_pdbx_audit_revision_group.group 
1 2 'Structure model' 'Version format compliance' 
2 3 'Structure model' 'Version format compliance' 
3 4 'Structure model' 'Refinement description'    
4 5 'Structure model' 'Data collection'           
5 5 'Structure model' 'Database references'       
6 6 'Structure model' 'Refinement description'    
# 
loop_
_pdbx_audit_revision_category.ordinal 
_pdbx_audit_revision_category.revision_ordinal 
_pdbx_audit_revision_category.data_content_type 
_pdbx_audit_revision_category.category 
1 4 'Structure model' software                      
2 5 'Structure model' chem_comp_atom                
3 5 'Structure model' chem_comp_bond                
4 5 'Structure model' database_2                    
5 5 'Structure model' struct_ref_seq_dif            
6 6 'Structure model' pdbx_initial_refinement_model 
# 
loop_
_pdbx_audit_revision_item.ordinal 
_pdbx_audit_revision_item.revision_ordinal 
_pdbx_audit_revision_item.data_content_type 
_pdbx_audit_revision_item.item 
1 5 'Structure model' '_database_2.pdbx_DOI'                
2 5 'Structure model' '_database_2.pdbx_database_accession' 
3 5 'Structure model' '_struct_ref_seq_dif.details'         
# 
_pdbx_database_status.status_code                     REL 
_pdbx_database_status.entry_id                        1LB6 
_pdbx_database_status.recvd_initial_deposition_date   2002-04-02 
_pdbx_database_status.deposit_site                    RCSB 
_pdbx_database_status.process_site                    RCSB 
_pdbx_database_status.SG_entry                        . 
_pdbx_database_status.pdb_format_compatible           Y 
_pdbx_database_status.status_code_mr                  ? 
_pdbx_database_status.status_code_sf                  ? 
_pdbx_database_status.status_code_cs                  ? 
_pdbx_database_status.methods_development_category    ? 
_pdbx_database_status.status_code_nmr_data            ? 
# 
loop_
_pdbx_database_related.db_name 
_pdbx_database_related.db_id 
_pdbx_database_related.details 
_pdbx_database_related.content_type 
PDB 1LB4 'TRAF6 apo structure' unspecified 
PDB 1LB5 'TRAF6-RANK complex'  unspecified 
# 
loop_
_audit_author.name 
_audit_author.pdbx_ordinal 
'Ye, H.'           1  
'Arron, J.R.'      2  
'Lamothe, B.'      3  
'Cirilli, M.'      4  
'Kobayashi, T.'    5  
'Shevde, N.K.'     6  
'Segal, D.'        7  
'Dzivenu, O.'      8  
'Vologodskaia, M.' 9  
'Yim, M.'          10 
'Du, K.'           11 
'Singh, S.'        12 
'Pike, J.W.'       13 
'Darnay, B.G.'     14 
'Choi, Y.'         15 
'Wu, H.'           16 
# 
_citation.id                        primary 
_citation.title                     'Distinct molecular mechanism for initiating TRAF6 signalling.' 
_citation.journal_abbrev            Nature 
_citation.journal_volume            418 
_citation.page_first                443 
_citation.page_last                 447 
_citation.year                      2002 
_citation.journal_id_ASTM           NATUAS 
_citation.country                   UK 
_citation.journal_id_ISSN           0028-0836 
_citation.journal_id_CSD            0006 
_citation.book_publisher            ? 
_citation.pdbx_database_id_PubMed   12140561 
_citation.pdbx_database_id_DOI      10.1038/nature00888 
# 
loop_
_citation_author.citation_id 
_citation_author.name 
_citation_author.ordinal 
_citation_author.identifier_ORCID 
primary 'Ye, H.'           1  ? 
primary 'Arron, J.R.'      2  ? 
primary 'Lamothe, B.'      3  ? 
primary 'Cirilli, M.'      4  ? 
primary 'Kobayashi, T.'    5  ? 
primary 'Shevde, N.K.'     6  ? 
primary 'Segal, D.'        7  ? 
primary 'Dzivenu, O.K.'    8  ? 
primary 'Vologodskaia, M.' 9  ? 
primary 'Yim, M.'          10 ? 
primary 'Du, K.'           11 ? 
primary 'Singh, S.'        12 ? 
primary 'Pike, J.W.'       13 ? 
primary 'Darnay, B.G.'     14 ? 
primary 'Choi, Y.'         15 ? 
primary 'Wu, H.'           16 ? 
# 
loop_
_entity.id 
_entity.type 
_entity.src_method 
_entity.pdbx_description 
_entity.formula_weight 
_entity.pdbx_number_of_molecules 
_entity.pdbx_ec 
_entity.pdbx_mutation 
_entity.pdbx_fragment 
_entity.details 
1 polymer man 'TNF receptor-associated factor 6' 18676.549 1   ? ? 'residues 347-504' ? 
2 polymer man 'CD40 antigen'                     1134.214  1   ? ? 'residues 230-238' ? 
3 water   nat water                              18.015    122 ? ? ?                  ? 
# 
loop_
_entity_poly.entity_id 
_entity_poly.type 
_entity_poly.nstd_linkage 
_entity_poly.nstd_monomer 
_entity_poly.pdbx_seq_one_letter_code 
_entity_poly.pdbx_seq_one_letter_code_can 
_entity_poly.pdbx_strand_id 
_entity_poly.pdbx_target_identifier 
1 'polypeptide(L)' no no 
;QQCNGIYIWKIGNFGMHLKCQEEEKPVVIHSPGFYTGKPGYKLCMRLHLQLPTAQRCANYISLFVHTMQGEYDSHLPWPF
QGTIRLTILDQSEAPVRQNHEEIMDAKPELLAFQRPTIPRNPKGFGYVTFMHLEALRQRTFIKDDTLLVRCEVSTRFDLE
;
;QQCNGIYIWKIGNFGMHLKCQEEEKPVVIHSPGFYTGKPGYKLCMRLHLQLPTAQRCANYISLFVHTMQGEYDSHLPWPF
QGTIRLTILDQSEAPVRQNHEEIMDAKPELLAFQRPTIPRNPKGFGYVTFMHLEALRQRTFIKDDTLLVRCEVSTRFDLE
;
A ? 
2 'polypeptide(L)' no no KQEPQEIDF KQEPQEIDF B ? 
# 
_pdbx_entity_nonpoly.entity_id   3 
_pdbx_entity_nonpoly.name        water 
_pdbx_entity_nonpoly.comp_id     HOH 
# 
loop_
_entity_poly_seq.entity_id 
_entity_poly_seq.num 
_entity_poly_seq.mon_id 
_entity_poly_seq.hetero 
1 1   GLN n 
1 2   GLN n 
1 3   CYS n 
1 4   ASN n 
1 5   GLY n 
1 6   ILE n 
1 7   TYR n 
1 8   ILE n 
1 9   TRP n 
1 10  LYS n 
1 11  ILE n 
1 12  GLY n 
1 13  ASN n 
1 14  PHE n 
1 15  GLY n 
1 16  MET n 
1 17  HIS n 
1 18  LEU n 
1 19  LYS n 
1 20  CYS n 
1 21  GLN n 
1 22  GLU n 
1 23  GLU n 
1 24  GLU n 
1 25  LYS n 
1 26  PRO n 
1 27  VAL n 
1 28  VAL n 
1 29  ILE n 
1 30  HIS n 
1 31  SER n 
1 32  PRO n 
1 33  GLY n 
1 34  PHE n 
1 35  TYR n 
1 36  THR n 
1 37  GLY n 
1 38  LYS n 
1 39  PRO n 
1 40  GLY n 
1 41  TYR n 
1 42  LYS n 
1 43  LEU n 
1 44  CYS n 
1 45  MET n 
1 46  ARG n 
1 47  LEU n 
1 48  HIS n 
1 49  LEU n 
1 50  GLN n 
1 51  LEU n 
1 52  PRO n 
1 53  THR n 
1 54  ALA n 
1 55  GLN n 
1 56  ARG n 
1 57  CYS n 
1 58  ALA n 
1 59  ASN n 
1 60  TYR n 
1 61  ILE n 
1 62  SER n 
1 63  LEU n 
1 64  PHE n 
1 65  VAL n 
1 66  HIS n 
1 67  THR n 
1 68  MET n 
1 69  GLN n 
1 70  GLY n 
1 71  GLU n 
1 72  TYR n 
1 73  ASP n 
1 74  SER n 
1 75  HIS n 
1 76  LEU n 
1 77  PRO n 
1 78  TRP n 
1 79  PRO n 
1 80  PHE n 
1 81  GLN n 
1 82  GLY n 
1 83  THR n 
1 84  ILE n 
1 85  ARG n 
1 86  LEU n 
1 87  THR n 
1 88  ILE n 
1 89  LEU n 
1 90  ASP n 
1 91  GLN n 
1 92  SER n 
1 93  GLU n 
1 94  ALA n 
1 95  PRO n 
1 96  VAL n 
1 97  ARG n 
1 98  GLN n 
1 99  ASN n 
1 100 HIS n 
1 101 GLU n 
1 102 GLU n 
1 103 ILE n 
1 104 MET n 
1 105 ASP n 
1 106 ALA n 
1 107 LYS n 
1 108 PRO n 
1 109 GLU n 
1 110 LEU n 
1 111 LEU n 
1 112 ALA n 
1 113 PHE n 
1 114 GLN n 
1 115 ARG n 
1 116 PRO n 
1 117 THR n 
1 118 ILE n 
1 119 PRO n 
1 120 ARG n 
1 121 ASN n 
1 122 PRO n 
1 123 LYS n 
1 124 GLY n 
1 125 PHE n 
1 126 GLY n 
1 127 TYR n 
1 128 VAL n 
1 129 THR n 
1 130 PHE n 
1 131 MET n 
1 132 HIS n 
1 133 LEU n 
1 134 GLU n 
1 135 ALA n 
1 136 LEU n 
1 137 ARG n 
1 138 GLN n 
1 139 ARG n 
1 140 THR n 
1 141 PHE n 
1 142 ILE n 
1 143 LYS n 
1 144 ASP n 
1 145 ASP n 
1 146 THR n 
1 147 LEU n 
1 148 LEU n 
1 149 VAL n 
1 150 ARG n 
1 151 CYS n 
1 152 GLU n 
1 153 VAL n 
1 154 SER n 
1 155 THR n 
1 156 ARG n 
1 157 PHE n 
1 158 ASP n 
1 159 LEU n 
1 160 GLU n 
2 1   LYS n 
2 2   GLN n 
2 3   GLU n 
2 4   PRO n 
2 5   GLN n 
2 6   GLU n 
2 7   ILE n 
2 8   ASP n 
2 9   PHE n 
# 
loop_
_entity_src_gen.entity_id 
_entity_src_gen.pdbx_src_id 
_entity_src_gen.pdbx_alt_source_flag 
_entity_src_gen.pdbx_seq_type 
_entity_src_gen.pdbx_beg_seq_num 
_entity_src_gen.pdbx_end_seq_num 
_entity_src_gen.gene_src_common_name 
_entity_src_gen.gene_src_genus 
_entity_src_gen.pdbx_gene_src_gene 
_entity_src_gen.gene_src_species 
_entity_src_gen.gene_src_strain 
_entity_src_gen.gene_src_tissue 
_entity_src_gen.gene_src_tissue_fraction 
_entity_src_gen.gene_src_details 
_entity_src_gen.pdbx_gene_src_fragment 
_entity_src_gen.pdbx_gene_src_scientific_name 
_entity_src_gen.pdbx_gene_src_ncbi_taxonomy_id 
_entity_src_gen.pdbx_gene_src_variant 
_entity_src_gen.pdbx_gene_src_cell_line 
_entity_src_gen.pdbx_gene_src_atcc 
_entity_src_gen.pdbx_gene_src_organ 
_entity_src_gen.pdbx_gene_src_organelle 
_entity_src_gen.pdbx_gene_src_cell 
_entity_src_gen.pdbx_gene_src_cellular_location 
_entity_src_gen.host_org_common_name 
_entity_src_gen.pdbx_host_org_scientific_name 
_entity_src_gen.pdbx_host_org_ncbi_taxonomy_id 
_entity_src_gen.host_org_genus 
_entity_src_gen.pdbx_host_org_gene 
_entity_src_gen.pdbx_host_org_organ 
_entity_src_gen.host_org_species 
_entity_src_gen.pdbx_host_org_tissue 
_entity_src_gen.pdbx_host_org_tissue_fraction 
_entity_src_gen.pdbx_host_org_strain 
_entity_src_gen.pdbx_host_org_variant 
_entity_src_gen.pdbx_host_org_cell_line 
_entity_src_gen.pdbx_host_org_atcc 
_entity_src_gen.pdbx_host_org_culture_collection 
_entity_src_gen.pdbx_host_org_cell 
_entity_src_gen.pdbx_host_org_organelle 
_entity_src_gen.pdbx_host_org_cellular_location 
_entity_src_gen.pdbx_host_org_vector_type 
_entity_src_gen.pdbx_host_org_vector 
_entity_src_gen.host_org_details 
_entity_src_gen.expression_system_id 
_entity_src_gen.plasmid_name 
_entity_src_gen.plasmid_details 
_entity_src_gen.pdbx_description 
1 1 sample ? ? ? human Homo TRAF6 ? ? ? ? ? ? 'Homo sapiens' 9606 ? ? ? ? ? ? ? ? 'Escherichia coli' 562 Escherichia ? ? ? ? ? ? ? 
? ? ? ? ? ? ? ? ? ? ? ? ? 
2 1 sample ? ? ? human Homo CD40  ? ? ? ? ? ? 'Homo sapiens' 9606 ? ? ? ? ? ? ? ? 'Escherichia coli' 562 Escherichia ? ? ? ? ? ? ? 
? ? ? ? ? ? ? ? ? ? ? ? ? 
# 
loop_
_chem_comp.id 
_chem_comp.type 
_chem_comp.mon_nstd_flag 
_chem_comp.name 
_chem_comp.pdbx_synonyms 
_chem_comp.formula 
_chem_comp.formula_weight 
ALA 'L-peptide linking' y ALANINE         ? 'C3 H7 N O2'     89.093  
ARG 'L-peptide linking' y ARGININE        ? 'C6 H15 N4 O2 1' 175.209 
ASN 'L-peptide linking' y ASPARAGINE      ? 'C4 H8 N2 O3'    132.118 
ASP 'L-peptide linking' y 'ASPARTIC ACID' ? 'C4 H7 N O4'     133.103 
CYS 'L-peptide linking' y CYSTEINE        ? 'C3 H7 N O2 S'   121.158 
GLN 'L-peptide linking' y GLUTAMINE       ? 'C5 H10 N2 O3'   146.144 
GLU 'L-peptide linking' y 'GLUTAMIC ACID' ? 'C5 H9 N O4'     147.129 
GLY 'peptide linking'   y GLYCINE         ? 'C2 H5 N O2'     75.067  
HIS 'L-peptide linking' y HISTIDINE       ? 'C6 H10 N3 O2 1' 156.162 
HOH non-polymer         . WATER           ? 'H2 O'           18.015  
ILE 'L-peptide linking' y ISOLEUCINE      ? 'C6 H13 N O2'    131.173 
LEU 'L-peptide linking' y LEUCINE         ? 'C6 H13 N O2'    131.173 
LYS 'L-peptide linking' y LYSINE          ? 'C6 H15 N2 O2 1' 147.195 
MET 'L-peptide linking' y METHIONINE      ? 'C5 H11 N O2 S'  149.211 
PHE 'L-peptide linking' y PHENYLALANINE   ? 'C9 H11 N O2'    165.189 
PRO 'L-peptide linking' y PROLINE         ? 'C5 H9 N O2'     115.130 
SER 'L-peptide linking' y SERINE          ? 'C3 H7 N O3'     105.093 
THR 'L-peptide linking' y THREONINE       ? 'C4 H9 N O3'     119.119 
TRP 'L-peptide linking' y TRYPTOPHAN      ? 'C11 H12 N2 O2'  204.225 
TYR 'L-peptide linking' y TYROSINE        ? 'C9 H11 N O3'    181.189 
VAL 'L-peptide linking' y VALINE          ? 'C5 H11 N O2'    117.146 
# 
loop_
_pdbx_poly_seq_scheme.asym_id 
_pdbx_poly_seq_scheme.entity_id 
_pdbx_poly_seq_scheme.seq_id 
_pdbx_poly_seq_scheme.mon_id 
_pdbx_poly_seq_scheme.ndb_seq_num 
_pdbx_poly_seq_scheme.pdb_seq_num 
_pdbx_poly_seq_scheme.auth_seq_num 
_pdbx_poly_seq_scheme.pdb_mon_id 
_pdbx_poly_seq_scheme.auth_mon_id 
_pdbx_poly_seq_scheme.pdb_strand_id 
_pdbx_poly_seq_scheme.pdb_ins_code 
_pdbx_poly_seq_scheme.hetero 
A 1 1   GLN 1   347 347 GLN ALA A . n 
A 1 2   GLN 2   348 348 GLN GLN A . n 
A 1 3   CYS 3   349 349 CYS CYS A . n 
A 1 4   ASN 4   350 350 ASN ASN A . n 
A 1 5   GLY 5   351 351 GLY GLY A . n 
A 1 6   ILE 6   352 352 ILE ILE A . n 
A 1 7   TYR 7   353 353 TYR TYR A . n 
A 1 8   ILE 8   354 354 ILE ILE A . n 
A 1 9   TRP 9   355 355 TRP TRP A . n 
A 1 10  LYS 10  356 356 LYS LYS A . n 
A 1 11  ILE 11  357 357 ILE ILE A . n 
A 1 12  GLY 12  358 358 GLY GLY A . n 
A 1 13  ASN 13  359 359 ASN ASN A . n 
A 1 14  PHE 14  360 360 PHE PHE A . n 
A 1 15  GLY 15  361 361 GLY GLY A . n 
A 1 16  MET 16  362 362 MET MET A . n 
A 1 17  HIS 17  363 363 HIS HIS A . n 
A 1 18  LEU 18  364 364 LEU LEU A . n 
A 1 19  LYS 19  365 365 LYS LYS A . n 
A 1 20  CYS 20  366 366 CYS CYS A . n 
A 1 21  GLN 21  367 367 GLN GLN A . n 
A 1 22  GLU 22  368 368 GLU GLU A . n 
A 1 23  GLU 23  369 369 GLU GLU A . n 
A 1 24  GLU 24  370 370 GLU GLU A . n 
A 1 25  LYS 25  371 371 LYS LYS A . n 
A 1 26  PRO 26  372 372 PRO PRO A . n 
A 1 27  VAL 27  373 373 VAL VAL A . n 
A 1 28  VAL 28  374 374 VAL VAL A . n 
A 1 29  ILE 29  375 375 ILE ILE A . n 
A 1 30  HIS 30  376 376 HIS HIS A . n 
A 1 31  SER 31  377 377 SER SER A . n 
A 1 32  PRO 32  378 378 PRO PRO A . n 
A 1 33  GLY 33  379 379 GLY GLY A . n 
A 1 34  PHE 34  380 380 PHE PHE A . n 
A 1 35  TYR 35  381 381 TYR TYR A . n 
A 1 36  THR 36  382 382 THR THR A . n 
A 1 37  GLY 37  383 383 GLY GLY A . n 
A 1 38  LYS 38  384 384 LYS LYS A . n 
A 1 39  PRO 39  385 385 PRO PRO A . n 
A 1 40  GLY 40  386 386 GLY GLY A . n 
A 1 41  TYR 41  387 387 TYR TYR A . n 
A 1 42  LYS 42  388 388 LYS LYS A . n 
A 1 43  LEU 43  389 389 LEU LEU A . n 
A 1 44  CYS 44  390 390 CYS CYS A . n 
A 1 45  MET 45  391 391 MET MET A . n 
A 1 46  ARG 46  392 392 ARG ARG A . n 
A 1 47  LEU 47  393 393 LEU LEU A . n 
A 1 48  HIS 48  394 394 HIS HIS A . n 
A 1 49  LEU 49  395 395 LEU LEU A . n 
A 1 50  GLN 50  396 396 GLN GLN A . n 
A 1 51  LEU 51  397 397 LEU LEU A . n 
A 1 52  PRO 52  398 398 PRO PRO A . n 
A 1 53  THR 53  399 399 THR THR A . n 
A 1 54  ALA 54  400 400 ALA ALA A . n 
A 1 55  GLN 55  401 401 GLN GLN A . n 
A 1 56  ARG 56  402 402 ARG ARG A . n 
A 1 57  CYS 57  403 403 CYS CYS A . n 
A 1 58  ALA 58  404 404 ALA ALA A . n 
A 1 59  ASN 59  405 405 ASN ASN A . n 
A 1 60  TYR 60  406 406 TYR TYR A . n 
A 1 61  ILE 61  407 407 ILE ILE A . n 
A 1 62  SER 62  408 408 SER SER A . n 
A 1 63  LEU 63  409 409 LEU LEU A . n 
A 1 64  PHE 64  410 410 PHE PHE A . n 
A 1 65  VAL 65  411 411 VAL VAL A . n 
A 1 66  HIS 66  412 412 HIS HIS A . n 
A 1 67  THR 67  413 413 THR THR A . n 
A 1 68  MET 68  414 414 MET MET A . n 
A 1 69  GLN 69  415 415 GLN GLN A . n 
A 1 70  GLY 70  416 416 GLY GLY A . n 
A 1 71  GLU 71  417 417 GLU GLU A . n 
A 1 72  TYR 72  418 418 TYR TYR A . n 
A 1 73  ASP 73  419 419 ASP ASP A . n 
A 1 74  SER 74  420 420 SER SER A . n 
A 1 75  HIS 75  421 421 HIS HIS A . n 
A 1 76  LEU 76  422 422 LEU LEU A . n 
A 1 77  PRO 77  423 423 PRO PRO A . n 
A 1 78  TRP 78  424 424 TRP TRP A . n 
A 1 79  PRO 79  425 425 PRO PRO A . n 
A 1 80  PHE 80  426 426 PHE PHE A . n 
A 1 81  GLN 81  427 427 GLN GLN A . n 
A 1 82  GLY 82  428 428 GLY GLY A . n 
A 1 83  THR 83  429 429 THR THR A . n 
A 1 84  ILE 84  430 430 ILE ILE A . n 
A 1 85  ARG 85  431 431 ARG ARG A . n 
A 1 86  LEU 86  432 432 LEU LEU A . n 
A 1 87  THR 87  433 433 THR THR A . n 
A 1 88  ILE 88  434 434 ILE ILE A . n 
A 1 89  LEU 89  435 435 LEU LEU A . n 
A 1 90  ASP 90  436 436 ASP ASP A . n 
A 1 91  GLN 91  437 437 GLN GLN A . n 
A 1 92  SER 92  438 438 SER SER A . n 
A 1 93  GLU 93  439 439 GLU GLU A . n 
A 1 94  ALA 94  440 440 ALA ALA A . n 
A 1 95  PRO 95  441 441 PRO PRO A . n 
A 1 96  VAL 96  442 442 VAL VAL A . n 
A 1 97  ARG 97  443 443 ARG ARG A . n 
A 1 98  GLN 98  444 444 GLN GLN A . n 
A 1 99  ASN 99  445 445 ASN ASN A . n 
A 1 100 HIS 100 446 446 HIS HIS A . n 
A 1 101 GLU 101 447 447 GLU GLU A . n 
A 1 102 GLU 102 448 448 GLU GLU A . n 
A 1 103 ILE 103 449 449 ILE ILE A . n 
A 1 104 MET 104 450 450 MET MET A . n 
A 1 105 ASP 105 451 451 ASP ASP A . n 
A 1 106 ALA 106 452 452 ALA ALA A . n 
A 1 107 LYS 107 453 453 LYS LYS A . n 
A 1 108 PRO 108 454 454 PRO PRO A . n 
A 1 109 GLU 109 455 455 GLU GLU A . n 
A 1 110 LEU 110 456 456 LEU LEU A . n 
A 1 111 LEU 111 457 457 LEU LEU A . n 
A 1 112 ALA 112 458 458 ALA ALA A . n 
A 1 113 PHE 113 459 459 PHE PHE A . n 
A 1 114 GLN 114 460 460 GLN GLN A . n 
A 1 115 ARG 115 461 461 ARG ARG A . n 
A 1 116 PRO 116 462 462 PRO PRO A . n 
A 1 117 THR 117 463 463 THR THR A . n 
A 1 118 ILE 118 464 464 ILE ILE A . n 
A 1 119 PRO 119 465 465 PRO PRO A . n 
A 1 120 ARG 120 466 466 ARG ARG A . n 
A 1 121 ASN 121 467 467 ASN ASN A . n 
A 1 122 PRO 122 468 468 PRO PRO A . n 
A 1 123 LYS 123 469 469 LYS LYS A . n 
A 1 124 GLY 124 470 470 GLY GLY A . n 
A 1 125 PHE 125 471 471 PHE PHE A . n 
A 1 126 GLY 126 472 472 GLY GLY A . n 
A 1 127 TYR 127 473 473 TYR TYR A . n 
A 1 128 VAL 128 474 474 VAL VAL A . n 
A 1 129 THR 129 475 475 THR THR A . n 
A 1 130 PHE 130 476 476 PHE PHE A . n 
A 1 131 MET 131 477 477 MET MET A . n 
A 1 132 HIS 132 478 478 HIS HIS A . n 
A 1 133 LEU 133 479 479 LEU LEU A . n 
A 1 134 GLU 134 480 480 GLU GLU A . n 
A 1 135 ALA 135 481 481 ALA ALA A . n 
A 1 136 LEU 136 482 482 LEU LEU A . n 
A 1 137 ARG 137 483 483 ARG ARG A . n 
A 1 138 GLN 138 484 484 GLN GLN A . n 
A 1 139 ARG 139 485 485 ARG ARG A . n 
A 1 140 THR 140 486 486 THR THR A . n 
A 1 141 PHE 141 487 487 PHE PHE A . n 
A 1 142 ILE 142 488 488 ILE ILE A . n 
A 1 143 LYS 143 489 489 LYS LYS A . n 
A 1 144 ASP 144 490 490 ASP ASP A . n 
A 1 145 ASP 145 491 491 ASP ASP A . n 
A 1 146 THR 146 492 492 THR THR A . n 
A 1 147 LEU 147 493 493 LEU LEU A . n 
A 1 148 LEU 148 494 494 LEU LEU A . n 
A 1 149 VAL 149 495 495 VAL VAL A . n 
A 1 150 ARG 150 496 496 ARG ARG A . n 
A 1 151 CYS 151 497 497 CYS CYS A . n 
A 1 152 GLU 152 498 498 GLU GLU A . n 
A 1 153 VAL 153 499 499 VAL VAL A . n 
A 1 154 SER 154 500 500 SER SER A . n 
A 1 155 THR 155 501 501 THR THR A . n 
A 1 156 ARG 156 502 ?   ?   ?   A . n 
A 1 157 PHE 157 503 ?   ?   ?   A . n 
A 1 158 ASP 158 504 ?   ?   ?   A . n 
A 1 159 LEU 159 505 ?   ?   ?   A . n 
A 1 160 GLU 160 506 ?   ?   ?   A . n 
B 2 1   LYS 1   601 601 LYS LYS B . n 
B 2 2   GLN 2   602 602 GLN GLN B . n 
B 2 3   GLU 3   603 603 GLU GLU B . n 
B 2 4   PRO 4   604 604 PRO PRO B . n 
B 2 5   GLN 5   605 605 GLN GLN B . n 
B 2 6   GLU 6   606 606 GLU GLU B . n 
B 2 7   ILE 7   607 607 ILE ILE B . n 
B 2 8   ASP 8   608 608 ASP ASP B . n 
B 2 9   PHE 9   609 609 PHE PHE B . n 
# 
loop_
_pdbx_nonpoly_scheme.asym_id 
_pdbx_nonpoly_scheme.entity_id 
_pdbx_nonpoly_scheme.mon_id 
_pdbx_nonpoly_scheme.ndb_seq_num 
_pdbx_nonpoly_scheme.pdb_seq_num 
_pdbx_nonpoly_scheme.auth_seq_num 
_pdbx_nonpoly_scheme.pdb_mon_id 
_pdbx_nonpoly_scheme.auth_mon_id 
_pdbx_nonpoly_scheme.pdb_strand_id 
_pdbx_nonpoly_scheme.pdb_ins_code 
C 3 HOH 1   700 700 HOH TIP A . 
C 3 HOH 2   701 701 HOH TIP A . 
C 3 HOH 3   703 703 HOH TIP A . 
C 3 HOH 4   705 705 HOH TIP A . 
C 3 HOH 5   706 706 HOH TIP A . 
C 3 HOH 6   707 707 HOH TIP A . 
C 3 HOH 7   708 708 HOH TIP A . 
C 3 HOH 8   709 709 HOH TIP A . 
C 3 HOH 9   710 710 HOH TIP A . 
C 3 HOH 10  711 711 HOH TIP A . 
C 3 HOH 11  712 712 HOH TIP A . 
C 3 HOH 12  713 713 HOH TIP A . 
C 3 HOH 13  714 714 HOH TIP A . 
C 3 HOH 14  715 715 HOH TIP A . 
C 3 HOH 15  716 716 HOH TIP A . 
C 3 HOH 16  717 717 HOH TIP A . 
C 3 HOH 17  718 718 HOH TIP A . 
C 3 HOH 18  719 719 HOH TIP A . 
C 3 HOH 19  720 720 HOH TIP A . 
C 3 HOH 20  721 721 HOH TIP A . 
C 3 HOH 21  722 722 HOH TIP A . 
C 3 HOH 22  723 723 HOH TIP A . 
C 3 HOH 23  724 724 HOH TIP A . 
C 3 HOH 24  725 725 HOH TIP A . 
C 3 HOH 25  726 726 HOH TIP A . 
C 3 HOH 26  727 727 HOH TIP A . 
C 3 HOH 27  728 728 HOH TIP A . 
C 3 HOH 28  729 729 HOH TIP A . 
C 3 HOH 29  730 730 HOH TIP A . 
C 3 HOH 30  731 731 HOH TIP A . 
C 3 HOH 31  732 732 HOH TIP A . 
C 3 HOH 32  733 733 HOH TIP A . 
C 3 HOH 33  736 736 HOH TIP A . 
C 3 HOH 34  737 737 HOH TIP A . 
C 3 HOH 35  738 738 HOH TIP A . 
C 3 HOH 36  739 739 HOH TIP A . 
C 3 HOH 37  740 740 HOH TIP A . 
C 3 HOH 38  741 741 HOH TIP A . 
C 3 HOH 39  742 742 HOH TIP A . 
C 3 HOH 40  743 743 HOH TIP A . 
C 3 HOH 41  744 744 HOH TIP A . 
C 3 HOH 42  745 745 HOH TIP A . 
C 3 HOH 43  746 746 HOH TIP A . 
C 3 HOH 44  747 747 HOH TIP A . 
C 3 HOH 45  748 748 HOH TIP A . 
C 3 HOH 46  749 749 HOH TIP A . 
C 3 HOH 47  750 750 HOH TIP A . 
C 3 HOH 48  752 752 HOH TIP A . 
C 3 HOH 49  753 753 HOH TIP A . 
C 3 HOH 50  754 754 HOH TIP A . 
C 3 HOH 51  755 755 HOH TIP A . 
C 3 HOH 52  756 756 HOH TIP A . 
C 3 HOH 53  757 757 HOH TIP A . 
C 3 HOH 54  758 758 HOH TIP A . 
C 3 HOH 55  759 759 HOH TIP A . 
C 3 HOH 56  760 760 HOH TIP A . 
C 3 HOH 57  761 761 HOH TIP A . 
C 3 HOH 58  762 762 HOH TIP A . 
C 3 HOH 59  763 763 HOH TIP A . 
C 3 HOH 60  764 764 HOH TIP A . 
C 3 HOH 61  765 765 HOH TIP A . 
C 3 HOH 62  766 766 HOH TIP A . 
C 3 HOH 63  767 767 HOH TIP A . 
C 3 HOH 64  768 768 HOH TIP A . 
C 3 HOH 65  769 769 HOH TIP A . 
C 3 HOH 66  770 770 HOH TIP A . 
C 3 HOH 67  771 771 HOH TIP A . 
C 3 HOH 68  772 772 HOH TIP A . 
C 3 HOH 69  773 773 HOH TIP A . 
C 3 HOH 70  774 774 HOH TIP A . 
C 3 HOH 71  775 775 HOH TIP A . 
C 3 HOH 72  776 776 HOH TIP A . 
C 3 HOH 73  777 777 HOH TIP A . 
C 3 HOH 74  778 778 HOH TIP A . 
C 3 HOH 75  779 779 HOH TIP A . 
C 3 HOH 76  780 780 HOH TIP A . 
C 3 HOH 77  781 781 HOH TIP A . 
C 3 HOH 78  782 782 HOH TIP A . 
C 3 HOH 79  783 783 HOH TIP A . 
C 3 HOH 80  784 784 HOH TIP A . 
C 3 HOH 81  785 785 HOH TIP A . 
C 3 HOH 82  786 786 HOH TIP A . 
C 3 HOH 83  787 787 HOH TIP A . 
C 3 HOH 84  788 788 HOH TIP A . 
C 3 HOH 85  789 789 HOH TIP A . 
C 3 HOH 86  790 790 HOH TIP A . 
C 3 HOH 87  791 791 HOH TIP A . 
C 3 HOH 88  792 792 HOH TIP A . 
C 3 HOH 89  793 793 HOH TIP A . 
C 3 HOH 90  794 794 HOH TIP A . 
C 3 HOH 91  795 795 HOH TIP A . 
C 3 HOH 92  796 796 HOH TIP A . 
C 3 HOH 93  797 797 HOH TIP A . 
C 3 HOH 94  798 798 HOH TIP A . 
C 3 HOH 95  800 800 HOH TIP A . 
C 3 HOH 96  801 801 HOH TIP A . 
C 3 HOH 97  802 802 HOH TIP A . 
C 3 HOH 98  803 803 HOH TIP A . 
C 3 HOH 99  805 805 HOH TIP A . 
C 3 HOH 100 806 806 HOH TIP A . 
C 3 HOH 101 807 807 HOH TIP A . 
C 3 HOH 102 808 808 HOH TIP A . 
C 3 HOH 103 809 809 HOH TIP A . 
C 3 HOH 104 810 810 HOH TIP A . 
C 3 HOH 105 811 811 HOH TIP A . 
C 3 HOH 106 812 812 HOH TIP A . 
C 3 HOH 107 813 813 HOH TIP A . 
C 3 HOH 108 815 815 HOH TIP A . 
C 3 HOH 109 816 816 HOH TIP A . 
C 3 HOH 110 818 818 HOH TIP A . 
C 3 HOH 111 820 820 HOH TIP A . 
C 3 HOH 112 821 821 HOH TIP A . 
D 3 HOH 1   702 702 HOH TIP B . 
D 3 HOH 2   704 704 HOH TIP B . 
D 3 HOH 3   734 734 HOH TIP B . 
D 3 HOH 4   735 735 HOH TIP B . 
D 3 HOH 5   751 751 HOH TIP B . 
D 3 HOH 6   799 799 HOH TIP B . 
D 3 HOH 7   804 804 HOH TIP B . 
D 3 HOH 8   814 814 HOH TIP B . 
D 3 HOH 9   817 817 HOH TIP B . 
D 3 HOH 10  819 819 HOH TIP B . 
# 
loop_
_pdbx_unobs_or_zero_occ_atoms.id 
_pdbx_unobs_or_zero_occ_atoms.PDB_model_num 
_pdbx_unobs_or_zero_occ_atoms.polymer_flag 
_pdbx_unobs_or_zero_occ_atoms.occupancy_flag 
_pdbx_unobs_or_zero_occ_atoms.auth_asym_id 
_pdbx_unobs_or_zero_occ_atoms.auth_comp_id 
_pdbx_unobs_or_zero_occ_atoms.auth_seq_id 
_pdbx_unobs_or_zero_occ_atoms.PDB_ins_code 
_pdbx_unobs_or_zero_occ_atoms.auth_atom_id 
_pdbx_unobs_or_zero_occ_atoms.label_alt_id 
_pdbx_unobs_or_zero_occ_atoms.label_asym_id 
_pdbx_unobs_or_zero_occ_atoms.label_comp_id 
_pdbx_unobs_or_zero_occ_atoms.label_seq_id 
_pdbx_unobs_or_zero_occ_atoms.label_atom_id 
1 1 Y 1 A GLN 347 ? CG  ? A GLN 1 CG  
2 1 Y 1 A GLN 347 ? CD  ? A GLN 1 CD  
3 1 Y 1 A GLN 347 ? OE1 ? A GLN 1 OE1 
4 1 Y 1 A GLN 347 ? NE2 ? A GLN 1 NE2 
# 
loop_
_software.name 
_software.classification 
_software.version 
_software.citation_id 
_software.pdbx_ordinal 
CNS       refinement       0.9 ? 1 
DENZO     'data reduction' .   ? 2 
SCALEPACK 'data scaling'   .   ? 3 
# 
_cell.entry_id           1LB6 
_cell.length_a           39.879 
_cell.length_b           43.815 
_cell.length_c           101.435 
_cell.angle_alpha        90.00 
_cell.angle_beta         90.00 
_cell.angle_gamma        90.00 
_cell.Z_PDB              4 
_cell.pdbx_unique_axis   ? 
# 
_symmetry.entry_id                         1LB6 
_symmetry.space_group_name_H-M             'P 21 21 21' 
_symmetry.pdbx_full_space_group_name_H-M   ? 
_symmetry.cell_setting                     ? 
_symmetry.Int_Tables_number                19 
# 
_exptl.entry_id          1LB6 
_exptl.method            'X-RAY DIFFRACTION' 
_exptl.crystals_number   1 
# 
_exptl_crystal.id                    1 
_exptl_crystal.density_meas          ? 
_exptl_crystal.density_percent_sol   44.97 
_exptl_crystal.density_Matthews      2.24 
_exptl_crystal.description           ? 
# 
_exptl_crystal_grow.crystal_id      1 
_exptl_crystal_grow.method          'VAPOR DIFFUSION, HANGING DROP' 
_exptl_crystal_grow.temp            293 
_exptl_crystal_grow.temp_details    ? 
_exptl_crystal_grow.pH              7.5 
_exptl_crystal_grow.pdbx_details    'PEG8000, Tris, pH 7.5, VAPOR DIFFUSION, HANGING DROP, temperature 293K' 
_exptl_crystal_grow.pdbx_pH_range   . 
# 
_diffrn.id                     1 
_diffrn.ambient_temp           100 
_diffrn.ambient_temp_details   ? 
_diffrn.crystal_id             1 
# 
_diffrn_detector.diffrn_id              1 
_diffrn_detector.detector               CCD 
_diffrn_detector.type                   'ADSC QUANTUM 4' 
_diffrn_detector.pdbx_collection_date   1999-09-21 
_diffrn_detector.details                ? 
# 
_diffrn_radiation.diffrn_id                        1 
_diffrn_radiation.wavelength_id                    1 
_diffrn_radiation.pdbx_monochromatic_or_laue_m_l   M 
_diffrn_radiation.monochromator                    ? 
_diffrn_radiation.pdbx_diffrn_protocol             'SINGLE WAVELENGTH' 
_diffrn_radiation.pdbx_scattering_type             x-ray 
# 
_diffrn_radiation_wavelength.id           1 
_diffrn_radiation_wavelength.wavelength   . 
_diffrn_radiation_wavelength.wt           1.0 
# 
_diffrn_source.diffrn_id                   1 
_diffrn_source.source                      SYNCHROTRON 
_diffrn_source.type                        'NSLS BEAMLINE X4A' 
_diffrn_source.pdbx_synchrotron_site       NSLS 
_diffrn_source.pdbx_synchrotron_beamline   X4A 
_diffrn_source.pdbx_wavelength             ? 
_diffrn_source.pdbx_wavelength_list        ? 
# 
_reflns.entry_id                     1LB6 
_reflns.observed_criterion_sigma_I   1.0 
_reflns.observed_criterion_sigma_F   2.0 
_reflns.d_resolution_low             33.2 
_reflns.d_resolution_high            1.80 
_reflns.number_obs                   15569 
_reflns.number_all                   ? 
_reflns.percent_possible_obs         90.9 
_reflns.pdbx_Rmerge_I_obs            ? 
_reflns.pdbx_Rsym_value              ? 
_reflns.pdbx_netI_over_sigmaI        ? 
_reflns.B_iso_Wilson_estimate        9.7 
_reflns.pdbx_redundancy              ? 
_reflns.R_free_details               ? 
_reflns.limit_h_max                  ? 
_reflns.limit_h_min                  ? 
_reflns.limit_k_max                  ? 
_reflns.limit_k_min                  ? 
_reflns.limit_l_max                  ? 
_reflns.limit_l_min                  ? 
_reflns.observed_criterion_F_max     ? 
_reflns.observed_criterion_F_min     ? 
_reflns.pdbx_diffrn_id               1 
_reflns.pdbx_ordinal                 1 
# 
_reflns_shell.d_res_high             1.80 
_reflns_shell.d_res_low              1.91 
_reflns_shell.percent_possible_all   66.9 
_reflns_shell.Rmerge_I_obs           ? 
_reflns_shell.pdbx_Rsym_value        ? 
_reflns_shell.meanI_over_sigI_obs    ? 
_reflns_shell.pdbx_redundancy        ? 
_reflns_shell.percent_possible_obs   ? 
_reflns_shell.number_unique_all      1887 
_reflns_shell.pdbx_diffrn_id         ? 
_reflns_shell.pdbx_ordinal           1 
# 
_refine.entry_id                                 1LB6 
_refine.ls_number_reflns_obs                     15569 
_refine.ls_number_reflns_all                     ? 
_refine.pdbx_ls_sigma_I                          0.0 
_refine.pdbx_ls_sigma_F                          0.0 
_refine.pdbx_data_cutoff_high_absF               ? 
_refine.pdbx_data_cutoff_low_absF                ? 
_refine.ls_d_res_low                             33.16 
_refine.ls_d_res_high                            1.80 
_refine.ls_percent_reflns_obs                    6.0 
_refine.ls_R_factor_obs                          ? 
_refine.ls_R_factor_all                          ? 
_refine.ls_R_factor_R_work                       0.2030000 
_refine.ls_R_factor_R_free                       0.2580000 
_refine.ls_R_factor_R_free_error                 ? 
_refine.ls_R_factor_R_free_error_details         ? 
_refine.ls_percent_reflns_R_free                 ? 
_refine.ls_number_reflns_R_free                  928 
_refine.ls_number_parameters                     ? 
_refine.ls_number_restraints                     ? 
_refine.occupancy_min                            ? 
_refine.occupancy_max                            ? 
_refine.B_iso_mean                               20.3 
_refine.aniso_B[1][1]                            ? 
_refine.aniso_B[2][2]                            ? 
_refine.aniso_B[3][3]                            ? 
_refine.aniso_B[1][2]                            ? 
_refine.aniso_B[1][3]                            ? 
_refine.aniso_B[2][3]                            ? 
_refine.solvent_model_details                    ? 
_refine.solvent_model_param_ksol                 ? 
_refine.solvent_model_param_bsol                 ? 
_refine.pdbx_ls_cross_valid_method               THROUGHOUT 
_refine.details                                  ? 
_refine.pdbx_starting_model                      'TRAF6 apo form' 
_refine.pdbx_method_to_determine_struct          'MOLECULAR REPLACEMENT' 
_refine.pdbx_isotropic_thermal_model             isotropic 
_refine.pdbx_stereochemistry_target_values       'Engh & Huber' 
_refine.pdbx_stereochem_target_val_spec_case     ? 
_refine.pdbx_R_Free_selection_details            random 
_refine.pdbx_overall_ESU_R_Free                  ? 
_refine.overall_SU_B                             ? 
_refine.ls_redundancy_reflns_obs                 ? 
_refine.B_iso_min                                ? 
_refine.B_iso_max                                ? 
_refine.correlation_coeff_Fo_to_Fc               ? 
_refine.overall_SU_R_Cruickshank_DPI             ? 
_refine.overall_SU_R_free                        ? 
_refine.overall_SU_ML                            ? 
_refine.pdbx_overall_ESU_R                       ? 
_refine.pdbx_data_cutoff_high_rms_absF           ? 
_refine.correlation_coeff_Fo_to_Fc_free          ? 
_refine.pdbx_solvent_vdw_probe_radii             ? 
_refine.pdbx_solvent_ion_probe_radii             ? 
_refine.pdbx_solvent_shrinkage_radii             ? 
_refine.pdbx_refine_id                           'X-RAY DIFFRACTION' 
_refine.pdbx_diffrn_id                           1 
_refine.pdbx_TLS_residual_ADP_flag               ? 
_refine.pdbx_overall_phase_error                 ? 
_refine.pdbx_overall_SU_R_free_Cruickshank_DPI   ? 
_refine.pdbx_overall_SU_R_Blow_DPI               ? 
_refine.pdbx_overall_SU_R_free_Blow_DPI          ? 
# 
_refine_analyze.entry_id                        1LB6 
_refine_analyze.Luzzati_coordinate_error_obs    0.22 
_refine_analyze.Luzzati_sigma_a_obs             0.17 
_refine_analyze.Luzzati_d_res_low_obs           5.00 
_refine_analyze.Luzzati_coordinate_error_free   0.25 
_refine_analyze.Luzzati_sigma_a_free            0.13 
_refine_analyze.Luzzati_d_res_low_free          ? 
_refine_analyze.number_disordered_residues      ? 
_refine_analyze.occupancy_sum_hydrogen          ? 
_refine_analyze.occupancy_sum_non_hydrogen      ? 
_refine_analyze.pdbx_Luzzati_d_res_high_obs     ? 
_refine_analyze.pdbx_refine_id                  'X-RAY DIFFRACTION' 
# 
_refine_hist.pdbx_refine_id                   'X-RAY DIFFRACTION' 
_refine_hist.cycle_id                         LAST 
_refine_hist.pdbx_number_atoms_protein        1340 
_refine_hist.pdbx_number_atoms_nucleic_acid   0 
_refine_hist.pdbx_number_atoms_ligand         0 
_refine_hist.number_atoms_solvent             122 
_refine_hist.number_atoms_total               1462 
_refine_hist.d_res_high                       1.80 
_refine_hist.d_res_low                        33.16 
# 
loop_
_refine_ls_restr.type 
_refine_ls_restr.dev_ideal 
_refine_ls_restr.dev_ideal_target 
_refine_ls_restr.weight 
_refine_ls_restr.number 
_refine_ls_restr.pdbx_refine_id 
_refine_ls_restr.pdbx_restraint_function 
c_bond_d           0.007 ? ? ? 'X-RAY DIFFRACTION' ? 
c_angle_deg        1.5   ? ? ? 'X-RAY DIFFRACTION' ? 
c_dihedral_angle_d 26.1  ? ? ? 'X-RAY DIFFRACTION' ? 
c_improper_angle_d 0.81  ? ? ? 'X-RAY DIFFRACTION' ? 
# 
_struct.entry_id                  1LB6 
_struct.title                     'TRAF6-CD40 Complex' 
_struct.pdbx_model_details        ? 
_struct.pdbx_CASP_flag            ? 
_struct.pdbx_model_type_details   ? 
# 
_struct_keywords.entry_id        1LB6 
_struct_keywords.pdbx_keywords   'SIGNALING PROTEIN' 
_struct_keywords.text            'TRAF6-CD40 complex, SIGNALING PROTEIN' 
# 
loop_
_struct_asym.id 
_struct_asym.pdbx_blank_PDB_chainid_flag 
_struct_asym.pdbx_modified 
_struct_asym.entity_id 
_struct_asym.details 
A N N 1 ? 
B N N 2 ? 
C N N 3 ? 
D N N 3 ? 
# 
loop_
_struct_ref.id 
_struct_ref.db_name 
_struct_ref.db_code 
_struct_ref.entity_id 
_struct_ref.pdbx_seq_one_letter_code 
_struct_ref.pdbx_align_begin 
_struct_ref.pdbx_db_accession 
_struct_ref.pdbx_db_isoform 
1 UNP TRAF6_HUMAN 1 
;QQCNGIYIWKIGNFGMHLKCQEEEKPVVIHSPGFYTGKPGYKLCMRLHLQLPTAQRCANYISLFVHTMQGEYDSHLPWPF
QGTIRLTILDQSEAPVRQNHEEIMDAKPELLAFQRPTIPRNPKGFGYVTFMHLEALRQRTFIKDDTLLVRCEVSTRFD
;
347 Q9Y4K3 ? 
2 UNP TNR5_HUMAN  2 KQEPQEINF 230 P25942 ? 
# 
loop_
_struct_ref_seq.align_id 
_struct_ref_seq.ref_id 
_struct_ref_seq.pdbx_PDB_id_code 
_struct_ref_seq.pdbx_strand_id 
_struct_ref_seq.seq_align_beg 
_struct_ref_seq.pdbx_seq_align_beg_ins_code 
_struct_ref_seq.seq_align_end 
_struct_ref_seq.pdbx_seq_align_end_ins_code 
_struct_ref_seq.pdbx_db_accession 
_struct_ref_seq.db_align_beg 
_struct_ref_seq.pdbx_db_align_beg_ins_code 
_struct_ref_seq.db_align_end 
_struct_ref_seq.pdbx_db_align_end_ins_code 
_struct_ref_seq.pdbx_auth_seq_align_beg 
_struct_ref_seq.pdbx_auth_seq_align_end 
1 1 1LB6 A 1 ? 158 ? Q9Y4K3 347 ? 504 ? 347 504 
2 2 1LB6 B 1 ? 9   ? P25942 230 ? 238 ? 601 609 
# 
loop_
_struct_ref_seq_dif.align_id 
_struct_ref_seq_dif.pdbx_pdb_id_code 
_struct_ref_seq_dif.mon_id 
_struct_ref_seq_dif.pdbx_pdb_strand_id 
_struct_ref_seq_dif.seq_num 
_struct_ref_seq_dif.pdbx_pdb_ins_code 
_struct_ref_seq_dif.pdbx_seq_db_name 
_struct_ref_seq_dif.pdbx_seq_db_accession_code 
_struct_ref_seq_dif.db_mon_id 
_struct_ref_seq_dif.pdbx_seq_db_seq_num 
_struct_ref_seq_dif.details 
_struct_ref_seq_dif.pdbx_auth_seq_num 
_struct_ref_seq_dif.pdbx_ordinal 
1 1LB6 LEU A 159 ? UNP Q9Y4K3 ?   ?   'cloning artifact' 505 1 
1 1LB6 GLU A 160 ? UNP Q9Y4K3 ?   ?   'cloning artifact' 506 2 
2 1LB6 ASP B 8   ? UNP P25942 ASN 237 conflict           608 3 
# 
_pdbx_struct_assembly.id                   1 
_pdbx_struct_assembly.details              author_and_software_defined_assembly 
_pdbx_struct_assembly.method_details       PISA 
_pdbx_struct_assembly.oligomeric_details   dimeric 
_pdbx_struct_assembly.oligomeric_count     2 
# 
loop_
_pdbx_struct_assembly_prop.biol_id 
_pdbx_struct_assembly_prop.type 
_pdbx_struct_assembly_prop.value 
_pdbx_struct_assembly_prop.details 
1 'ABSA (A^2)' 1150 ? 
1 MORE         -3   ? 
1 'SSA (A^2)'  9040 ? 
# 
_pdbx_struct_assembly_gen.assembly_id       1 
_pdbx_struct_assembly_gen.oper_expression   1 
_pdbx_struct_assembly_gen.asym_id_list      A,B,C,D 
# 
_pdbx_struct_oper_list.id                   1 
_pdbx_struct_oper_list.type                 'identity operation' 
_pdbx_struct_oper_list.name                 1_555 
_pdbx_struct_oper_list.symmetry_operation   x,y,z 
_pdbx_struct_oper_list.matrix[1][1]         1.0000000000 
_pdbx_struct_oper_list.matrix[1][2]         0.0000000000 
_pdbx_struct_oper_list.matrix[1][3]         0.0000000000 
_pdbx_struct_oper_list.vector[1]            0.0000000000 
_pdbx_struct_oper_list.matrix[2][1]         0.0000000000 
_pdbx_struct_oper_list.matrix[2][2]         1.0000000000 
_pdbx_struct_oper_list.matrix[2][3]         0.0000000000 
_pdbx_struct_oper_list.vector[2]            0.0000000000 
_pdbx_struct_oper_list.matrix[3][1]         0.0000000000 
_pdbx_struct_oper_list.matrix[3][2]         0.0000000000 
_pdbx_struct_oper_list.matrix[3][3]         1.0000000000 
_pdbx_struct_oper_list.vector[3]            0.0000000000 
# 
_struct_biol.id                    1 
_struct_biol.pdbx_parent_biol_id   ? 
_struct_biol.details               ? 
# 
loop_
_struct_conf.conf_type_id 
_struct_conf.id 
_struct_conf.pdbx_PDB_helix_id 
_struct_conf.beg_label_comp_id 
_struct_conf.beg_label_asym_id 
_struct_conf.beg_label_seq_id 
_struct_conf.pdbx_beg_PDB_ins_code 
_struct_conf.end_label_comp_id 
_struct_conf.end_label_asym_id 
_struct_conf.end_label_seq_id 
_struct_conf.pdbx_end_PDB_ins_code 
_struct_conf.beg_auth_comp_id 
_struct_conf.beg_auth_asym_id 
_struct_conf.beg_auth_seq_id 
_struct_conf.end_auth_comp_id 
_struct_conf.end_auth_asym_id 
_struct_conf.end_auth_seq_id 
_struct_conf.pdbx_PDB_helix_class 
_struct_conf.details 
_struct_conf.pdbx_PDB_helix_length 
HELX_P HELX_P1 1 ASN A 13  ? GLU A 23  ? ASN A 359 GLU A 369 1 ? 11 
HELX_P HELX_P2 2 TYR A 72  ? LEU A 76  ? TYR A 418 LEU A 422 5 ? 5  
HELX_P HELX_P3 3 LEU A 110 ? GLN A 114 ? LEU A 456 GLN A 460 5 ? 5  
HELX_P HELX_P4 4 GLU A 134 ? GLN A 138 ? GLU A 480 GLN A 484 5 ? 5  
# 
_struct_conf_type.id          HELX_P 
_struct_conf_type.criteria    ? 
_struct_conf_type.reference   ? 
# 
loop_
_struct_mon_prot_cis.pdbx_id 
_struct_mon_prot_cis.label_comp_id 
_struct_mon_prot_cis.label_seq_id 
_struct_mon_prot_cis.label_asym_id 
_struct_mon_prot_cis.label_alt_id 
_struct_mon_prot_cis.pdbx_PDB_ins_code 
_struct_mon_prot_cis.auth_comp_id 
_struct_mon_prot_cis.auth_seq_id 
_struct_mon_prot_cis.auth_asym_id 
_struct_mon_prot_cis.pdbx_label_comp_id_2 
_struct_mon_prot_cis.pdbx_label_seq_id_2 
_struct_mon_prot_cis.pdbx_label_asym_id_2 
_struct_mon_prot_cis.pdbx_PDB_ins_code_2 
_struct_mon_prot_cis.pdbx_auth_comp_id_2 
_struct_mon_prot_cis.pdbx_auth_seq_id_2 
_struct_mon_prot_cis.pdbx_auth_asym_id_2 
_struct_mon_prot_cis.pdbx_PDB_model_num 
_struct_mon_prot_cis.pdbx_omega_angle 
1 LYS 38 A . ? LYS 384 A PRO 39 A ? PRO 385 A 1 -0.16 
2 TRP 78 A . ? TRP 424 A PRO 79 A ? PRO 425 A 1 -0.18 
# 
loop_
_struct_sheet.id 
_struct_sheet.type 
_struct_sheet.number_strands 
_struct_sheet.details 
A ? 4 ? 
B ? 5 ? 
C ? 5 ? 
# 
loop_
_struct_sheet_order.sheet_id 
_struct_sheet_order.range_id_1 
_struct_sheet_order.range_id_2 
_struct_sheet_order.offset 
_struct_sheet_order.sense 
A 1 2 ? anti-parallel 
A 2 3 ? anti-parallel 
A 3 4 ? anti-parallel 
B 1 2 ? anti-parallel 
B 2 3 ? anti-parallel 
B 3 4 ? anti-parallel 
B 4 5 ? anti-parallel 
C 1 2 ? anti-parallel 
C 2 3 ? anti-parallel 
C 3 4 ? anti-parallel 
C 4 5 ? anti-parallel 
# 
loop_
_struct_sheet_range.sheet_id 
_struct_sheet_range.id 
_struct_sheet_range.beg_label_comp_id 
_struct_sheet_range.beg_label_asym_id 
_struct_sheet_range.beg_label_seq_id 
_struct_sheet_range.pdbx_beg_PDB_ins_code 
_struct_sheet_range.end_label_comp_id 
_struct_sheet_range.end_label_asym_id 
_struct_sheet_range.end_label_seq_id 
_struct_sheet_range.pdbx_end_PDB_ins_code 
_struct_sheet_range.beg_auth_comp_id 
_struct_sheet_range.beg_auth_asym_id 
_struct_sheet_range.beg_auth_seq_id 
_struct_sheet_range.end_auth_comp_id 
_struct_sheet_range.end_auth_asym_id 
_struct_sheet_range.end_auth_seq_id 
A 1 GLY A 5   ? ILE A 11  ? GLY A 351 ILE A 357 
A 2 LEU A 147 ? SER A 154 ? LEU A 493 SER A 500 
A 3 THR A 83  ? ILE A 88  ? THR A 429 ILE A 434 
A 4 HIS A 100 ? ASP A 105 ? HIS A 446 ASP A 451 
B 1 GLN B 5   ? ASP B 8   ? GLN B 605 ASP B 608 
B 2 LYS A 123 ? HIS A 132 ? LYS A 469 HIS A 478 
B 3 TYR A 60  ? MET A 68  ? TYR A 406 MET A 414 
B 4 LYS A 42  ? LEU A 49  ? LYS A 388 LEU A 395 
B 5 VAL A 27  ? HIS A 30  ? VAL A 373 HIS A 376 
C 1 GLN B 5   ? ASP B 8   ? GLN B 605 ASP B 608 
C 2 LYS A 123 ? HIS A 132 ? LYS A 469 HIS A 478 
C 3 TYR A 60  ? MET A 68  ? TYR A 406 MET A 414 
C 4 LYS A 42  ? LEU A 49  ? LYS A 388 LEU A 395 
C 5 PHE A 34  ? TYR A 35  ? PHE A 380 TYR A 381 
# 
loop_
_pdbx_struct_sheet_hbond.sheet_id 
_pdbx_struct_sheet_hbond.range_id_1 
_pdbx_struct_sheet_hbond.range_id_2 
_pdbx_struct_sheet_hbond.range_1_label_atom_id 
_pdbx_struct_sheet_hbond.range_1_label_comp_id 
_pdbx_struct_sheet_hbond.range_1_label_asym_id 
_pdbx_struct_sheet_hbond.range_1_label_seq_id 
_pdbx_struct_sheet_hbond.range_1_PDB_ins_code 
_pdbx_struct_sheet_hbond.range_1_auth_atom_id 
_pdbx_struct_sheet_hbond.range_1_auth_comp_id 
_pdbx_struct_sheet_hbond.range_1_auth_asym_id 
_pdbx_struct_sheet_hbond.range_1_auth_seq_id 
_pdbx_struct_sheet_hbond.range_2_label_atom_id 
_pdbx_struct_sheet_hbond.range_2_label_comp_id 
_pdbx_struct_sheet_hbond.range_2_label_asym_id 
_pdbx_struct_sheet_hbond.range_2_label_seq_id 
_pdbx_struct_sheet_hbond.range_2_PDB_ins_code 
_pdbx_struct_sheet_hbond.range_2_auth_atom_id 
_pdbx_struct_sheet_hbond.range_2_auth_comp_id 
_pdbx_struct_sheet_hbond.range_2_auth_asym_id 
_pdbx_struct_sheet_hbond.range_2_auth_seq_id 
A 1 2 N TRP A 9   ? N TRP A 355 O VAL A 149 ? O VAL A 495 
A 2 3 O ARG A 150 ? O ARG A 496 N THR A 87  ? N THR A 433 
A 3 4 N ILE A 88  ? N ILE A 434 O HIS A 100 ? O HIS A 446 
B 1 2 O ILE B 7   ? O ILE B 607 N GLY A 124 ? N GLY A 470 
B 2 3 O MET A 131 ? O MET A 477 N ILE A 61  ? N ILE A 407 
B 3 4 O SER A 62  ? O SER A 408 N HIS A 48  ? N HIS A 394 
B 4 5 O LEU A 47  ? O LEU A 393 N ILE A 29  ? N ILE A 375 
C 1 2 O ILE B 7   ? O ILE B 607 N GLY A 124 ? N GLY A 470 
C 2 3 O MET A 131 ? O MET A 477 N ILE A 61  ? N ILE A 407 
C 3 4 O SER A 62  ? O SER A 408 N HIS A 48  ? N HIS A 394 
C 4 5 O LEU A 43  ? O LEU A 389 N PHE A 34  ? N PHE A 380 
# 
loop_
_pdbx_validate_torsion.id 
_pdbx_validate_torsion.PDB_model_num 
_pdbx_validate_torsion.auth_comp_id 
_pdbx_validate_torsion.auth_asym_id 
_pdbx_validate_torsion.auth_seq_id 
_pdbx_validate_torsion.PDB_ins_code 
_pdbx_validate_torsion.label_alt_id 
_pdbx_validate_torsion.phi 
_pdbx_validate_torsion.psi 
1 1 SER A 438 ? ? -79.20  -160.83 
2 1 THR A 475 ? ? -108.87 60.36   
# 
loop_
_pdbx_unobs_or_zero_occ_residues.id 
_pdbx_unobs_or_zero_occ_residues.PDB_model_num 
_pdbx_unobs_or_zero_occ_residues.polymer_flag 
_pdbx_unobs_or_zero_occ_residues.occupancy_flag 
_pdbx_unobs_or_zero_occ_residues.auth_asym_id 
_pdbx_unobs_or_zero_occ_residues.auth_comp_id 
_pdbx_unobs_or_zero_occ_residues.auth_seq_id 
_pdbx_unobs_or_zero_occ_residues.PDB_ins_code 
_pdbx_unobs_or_zero_occ_residues.label_asym_id 
_pdbx_unobs_or_zero_occ_residues.label_comp_id 
_pdbx_unobs_or_zero_occ_residues.label_seq_id 
1 1 Y 1 A ARG 502 ? A ARG 156 
2 1 Y 1 A PHE 503 ? A PHE 157 
3 1 Y 1 A ASP 504 ? A ASP 158 
4 1 Y 1 A LEU 505 ? A LEU 159 
5 1 Y 1 A GLU 506 ? A GLU 160 
# 
loop_
_chem_comp_atom.comp_id 
_chem_comp_atom.atom_id 
_chem_comp_atom.type_symbol 
_chem_comp_atom.pdbx_aromatic_flag 
_chem_comp_atom.pdbx_stereo_config 
_chem_comp_atom.pdbx_ordinal 
ALA N    N N N 1   
ALA CA   C N S 2   
ALA C    C N N 3   
ALA O    O N N 4   
ALA CB   C N N 5   
ALA OXT  O N N 6   
ALA H    H N N 7   
ALA H2   H N N 8   
ALA HA   H N N 9   
ALA HB1  H N N 10  
ALA HB2  H N N 11  
ALA HB3  H N N 12  
ALA HXT  H N N 13  
ARG N    N N N 14  
ARG CA   C N S 15  
ARG C    C N N 16  
ARG O    O N N 17  
ARG CB   C N N 18  
ARG CG   C N N 19  
ARG CD   C N N 20  
ARG NE   N N N 21  
ARG CZ   C N N 22  
ARG NH1  N N N 23  
ARG NH2  N N N 24  
ARG OXT  O N N 25  
ARG H    H N N 26  
ARG H2   H N N 27  
ARG HA   H N N 28  
ARG HB2  H N N 29  
ARG HB3  H N N 30  
ARG HG2  H N N 31  
ARG HG3  H N N 32  
ARG HD2  H N N 33  
ARG HD3  H N N 34  
ARG HE   H N N 35  
ARG HH11 H N N 36  
ARG HH12 H N N 37  
ARG HH21 H N N 38  
ARG HH22 H N N 39  
ARG HXT  H N N 40  
ASN N    N N N 41  
ASN CA   C N S 42  
ASN C    C N N 43  
ASN O    O N N 44  
ASN CB   C N N 45  
ASN CG   C N N 46  
ASN OD1  O N N 47  
ASN ND2  N N N 48  
ASN OXT  O N N 49  
ASN H    H N N 50  
ASN H2   H N N 51  
ASN HA   H N N 52  
ASN HB2  H N N 53  
ASN HB3  H N N 54  
ASN HD21 H N N 55  
ASN HD22 H N N 56  
ASN HXT  H N N 57  
ASP N    N N N 58  
ASP CA   C N S 59  
ASP C    C N N 60  
ASP O    O N N 61  
ASP CB   C N N 62  
ASP CG   C N N 63  
ASP OD1  O N N 64  
ASP OD2  O N N 65  
ASP OXT  O N N 66  
ASP H    H N N 67  
ASP H2   H N N 68  
ASP HA   H N N 69  
ASP HB2  H N N 70  
ASP HB3  H N N 71  
ASP HD2  H N N 72  
ASP HXT  H N N 73  
CYS N    N N N 74  
CYS CA   C N R 75  
CYS C    C N N 76  
CYS O    O N N 77  
CYS CB   C N N 78  
CYS SG   S N N 79  
CYS OXT  O N N 80  
CYS H    H N N 81  
CYS H2   H N N 82  
CYS HA   H N N 83  
CYS HB2  H N N 84  
CYS HB3  H N N 85  
CYS HG   H N N 86  
CYS HXT  H N N 87  
GLN N    N N N 88  
GLN CA   C N S 89  
GLN C    C N N 90  
GLN O    O N N 91  
GLN CB   C N N 92  
GLN CG   C N N 93  
GLN CD   C N N 94  
GLN OE1  O N N 95  
GLN NE2  N N N 96  
GLN OXT  O N N 97  
GLN H    H N N 98  
GLN H2   H N N 99  
GLN HA   H N N 100 
GLN HB2  H N N 101 
GLN HB3  H N N 102 
GLN HG2  H N N 103 
GLN HG3  H N N 104 
GLN HE21 H N N 105 
GLN HE22 H N N 106 
GLN HXT  H N N 107 
GLU N    N N N 108 
GLU CA   C N S 109 
GLU C    C N N 110 
GLU O    O N N 111 
GLU CB   C N N 112 
GLU CG   C N N 113 
GLU CD   C N N 114 
GLU OE1  O N N 115 
GLU OE2  O N N 116 
GLU OXT  O N N 117 
GLU H    H N N 118 
GLU H2   H N N 119 
GLU HA   H N N 120 
GLU HB2  H N N 121 
GLU HB3  H N N 122 
GLU HG2  H N N 123 
GLU HG3  H N N 124 
GLU HE2  H N N 125 
GLU HXT  H N N 126 
GLY N    N N N 127 
GLY CA   C N N 128 
GLY C    C N N 129 
GLY O    O N N 130 
GLY OXT  O N N 131 
GLY H    H N N 132 
GLY H2   H N N 133 
GLY HA2  H N N 134 
GLY HA3  H N N 135 
GLY HXT  H N N 136 
HIS N    N N N 137 
HIS CA   C N S 138 
HIS C    C N N 139 
HIS O    O N N 140 
HIS CB   C N N 141 
HIS CG   C Y N 142 
HIS ND1  N Y N 143 
HIS CD2  C Y N 144 
HIS CE1  C Y N 145 
HIS NE2  N Y N 146 
HIS OXT  O N N 147 
HIS H    H N N 148 
HIS H2   H N N 149 
HIS HA   H N N 150 
HIS HB2  H N N 151 
HIS HB3  H N N 152 
HIS HD1  H N N 153 
HIS HD2  H N N 154 
HIS HE1  H N N 155 
HIS HE2  H N N 156 
HIS HXT  H N N 157 
HOH O    O N N 158 
HOH H1   H N N 159 
HOH H2   H N N 160 
ILE N    N N N 161 
ILE CA   C N S 162 
ILE C    C N N 163 
ILE O    O N N 164 
ILE CB   C N S 165 
ILE CG1  C N N 166 
ILE CG2  C N N 167 
ILE CD1  C N N 168 
ILE OXT  O N N 169 
ILE H    H N N 170 
ILE H2   H N N 171 
ILE HA   H N N 172 
ILE HB   H N N 173 
ILE HG12 H N N 174 
ILE HG13 H N N 175 
ILE HG21 H N N 176 
ILE HG22 H N N 177 
ILE HG23 H N N 178 
ILE HD11 H N N 179 
ILE HD12 H N N 180 
ILE HD13 H N N 181 
ILE HXT  H N N 182 
LEU N    N N N 183 
LEU CA   C N S 184 
LEU C    C N N 185 
LEU O    O N N 186 
LEU CB   C N N 187 
LEU CG   C N N 188 
LEU CD1  C N N 189 
LEU CD2  C N N 190 
LEU OXT  O N N 191 
LEU H    H N N 192 
LEU H2   H N N 193 
LEU HA   H N N 194 
LEU HB2  H N N 195 
LEU HB3  H N N 196 
LEU HG   H N N 197 
LEU HD11 H N N 198 
LEU HD12 H N N 199 
LEU HD13 H N N 200 
LEU HD21 H N N 201 
LEU HD22 H N N 202 
LEU HD23 H N N 203 
LEU HXT  H N N 204 
LYS N    N N N 205 
LYS CA   C N S 206 
LYS C    C N N 207 
LYS O    O N N 208 
LYS CB   C N N 209 
LYS CG   C N N 210 
LYS CD   C N N 211 
LYS CE   C N N 212 
LYS NZ   N N N 213 
LYS OXT  O N N 214 
LYS H    H N N 215 
LYS H2   H N N 216 
LYS HA   H N N 217 
LYS HB2  H N N 218 
LYS HB3  H N N 219 
LYS HG2  H N N 220 
LYS HG3  H N N 221 
LYS HD2  H N N 222 
LYS HD3  H N N 223 
LYS HE2  H N N 224 
LYS HE3  H N N 225 
LYS HZ1  H N N 226 
LYS HZ2  H N N 227 
LYS HZ3  H N N 228 
LYS HXT  H N N 229 
MET N    N N N 230 
MET CA   C N S 231 
MET C    C N N 232 
MET O    O N N 233 
MET CB   C N N 234 
MET CG   C N N 235 
MET SD   S N N 236 
MET CE   C N N 237 
MET OXT  O N N 238 
MET H    H N N 239 
MET H2   H N N 240 
MET HA   H N N 241 
MET HB2  H N N 242 
MET HB3  H N N 243 
MET HG2  H N N 244 
MET HG3  H N N 245 
MET HE1  H N N 246 
MET HE2  H N N 247 
MET HE3  H N N 248 
MET HXT  H N N 249 
PHE N    N N N 250 
PHE CA   C N S 251 
PHE C    C N N 252 
PHE O    O N N 253 
PHE CB   C N N 254 
PHE CG   C Y N 255 
PHE CD1  C Y N 256 
PHE CD2  C Y N 257 
PHE CE1  C Y N 258 
PHE CE2  C Y N 259 
PHE CZ   C Y N 260 
PHE OXT  O N N 261 
PHE H    H N N 262 
PHE H2   H N N 263 
PHE HA   H N N 264 
PHE HB2  H N N 265 
PHE HB3  H N N 266 
PHE HD1  H N N 267 
PHE HD2  H N N 268 
PHE HE1  H N N 269 
PHE HE2  H N N 270 
PHE HZ   H N N 271 
PHE HXT  H N N 272 
PRO N    N N N 273 
PRO CA   C N S 274 
PRO C    C N N 275 
PRO O    O N N 276 
PRO CB   C N N 277 
PRO CG   C N N 278 
PRO CD   C N N 279 
PRO OXT  O N N 280 
PRO H    H N N 281 
PRO HA   H N N 282 
PRO HB2  H N N 283 
PRO HB3  H N N 284 
PRO HG2  H N N 285 
PRO HG3  H N N 286 
PRO HD2  H N N 287 
PRO HD3  H N N 288 
PRO HXT  H N N 289 
SER N    N N N 290 
SER CA   C N S 291 
SER C    C N N 292 
SER O    O N N 293 
SER CB   C N N 294 
SER OG   O N N 295 
SER OXT  O N N 296 
SER H    H N N 297 
SER H2   H N N 298 
SER HA   H N N 299 
SER HB2  H N N 300 
SER HB3  H N N 301 
SER HG   H N N 302 
SER HXT  H N N 303 
THR N    N N N 304 
THR CA   C N S 305 
THR C    C N N 306 
THR O    O N N 307 
THR CB   C N R 308 
THR OG1  O N N 309 
THR CG2  C N N 310 
THR OXT  O N N 311 
THR H    H N N 312 
THR H2   H N N 313 
THR HA   H N N 314 
THR HB   H N N 315 
THR HG1  H N N 316 
THR HG21 H N N 317 
THR HG22 H N N 318 
THR HG23 H N N 319 
THR HXT  H N N 320 
TRP N    N N N 321 
TRP CA   C N S 322 
TRP C    C N N 323 
TRP O    O N N 324 
TRP CB   C N N 325 
TRP CG   C Y N 326 
TRP CD1  C Y N 327 
TRP CD2  C Y N 328 
TRP NE1  N Y N 329 
TRP CE2  C Y N 330 
TRP CE3  C Y N 331 
TRP CZ2  C Y N 332 
TRP CZ3  C Y N 333 
TRP CH2  C Y N 334 
TRP OXT  O N N 335 
TRP H    H N N 336 
TRP H2   H N N 337 
TRP HA   H N N 338 
TRP HB2  H N N 339 
TRP HB3  H N N 340 
TRP HD1  H N N 341 
TRP HE1  H N N 342 
TRP HE3  H N N 343 
TRP HZ2  H N N 344 
TRP HZ3  H N N 345 
TRP HH2  H N N 346 
TRP HXT  H N N 347 
TYR N    N N N 348 
TYR CA   C N S 349 
TYR C    C N N 350 
TYR O    O N N 351 
TYR CB   C N N 352 
TYR CG   C Y N 353 
TYR CD1  C Y N 354 
TYR CD2  C Y N 355 
TYR CE1  C Y N 356 
TYR CE2  C Y N 357 
TYR CZ   C Y N 358 
TYR OH   O N N 359 
TYR OXT  O N N 360 
TYR H    H N N 361 
TYR H2   H N N 362 
TYR HA   H N N 363 
TYR HB2  H N N 364 
TYR HB3  H N N 365 
TYR HD1  H N N 366 
TYR HD2  H N N 367 
TYR HE1  H N N 368 
TYR HE2  H N N 369 
TYR HH   H N N 370 
TYR HXT  H N N 371 
VAL N    N N N 372 
VAL CA   C N S 373 
VAL C    C N N 374 
VAL O    O N N 375 
VAL CB   C N N 376 
VAL CG1  C N N 377 
VAL CG2  C N N 378 
VAL OXT  O N N 379 
VAL H    H N N 380 
VAL H2   H N N 381 
VAL HA   H N N 382 
VAL HB   H N N 383 
VAL HG11 H N N 384 
VAL HG12 H N N 385 
VAL HG13 H N N 386 
VAL HG21 H N N 387 
VAL HG22 H N N 388 
VAL HG23 H N N 389 
VAL HXT  H N N 390 
# 
loop_
_chem_comp_bond.comp_id 
_chem_comp_bond.atom_id_1 
_chem_comp_bond.atom_id_2 
_chem_comp_bond.value_order 
_chem_comp_bond.pdbx_aromatic_flag 
_chem_comp_bond.pdbx_stereo_config 
_chem_comp_bond.pdbx_ordinal 
ALA N   CA   sing N N 1   
ALA N   H    sing N N 2   
ALA N   H2   sing N N 3   
ALA CA  C    sing N N 4   
ALA CA  CB   sing N N 5   
ALA CA  HA   sing N N 6   
ALA C   O    doub N N 7   
ALA C   OXT  sing N N 8   
ALA CB  HB1  sing N N 9   
ALA CB  HB2  sing N N 10  
ALA CB  HB3  sing N N 11  
ALA OXT HXT  sing N N 12  
ARG N   CA   sing N N 13  
ARG N   H    sing N N 14  
ARG N   H2   sing N N 15  
ARG CA  C    sing N N 16  
ARG CA  CB   sing N N 17  
ARG CA  HA   sing N N 18  
ARG C   O    doub N N 19  
ARG C   OXT  sing N N 20  
ARG CB  CG   sing N N 21  
ARG CB  HB2  sing N N 22  
ARG CB  HB3  sing N N 23  
ARG CG  CD   sing N N 24  
ARG CG  HG2  sing N N 25  
ARG CG  HG3  sing N N 26  
ARG CD  NE   sing N N 27  
ARG CD  HD2  sing N N 28  
ARG CD  HD3  sing N N 29  
ARG NE  CZ   sing N N 30  
ARG NE  HE   sing N N 31  
ARG CZ  NH1  sing N N 32  
ARG CZ  NH2  doub N N 33  
ARG NH1 HH11 sing N N 34  
ARG NH1 HH12 sing N N 35  
ARG NH2 HH21 sing N N 36  
ARG NH2 HH22 sing N N 37  
ARG OXT HXT  sing N N 38  
ASN N   CA   sing N N 39  
ASN N   H    sing N N 40  
ASN N   H2   sing N N 41  
ASN CA  C    sing N N 42  
ASN CA  CB   sing N N 43  
ASN CA  HA   sing N N 44  
ASN C   O    doub N N 45  
ASN C   OXT  sing N N 46  
ASN CB  CG   sing N N 47  
ASN CB  HB2  sing N N 48  
ASN CB  HB3  sing N N 49  
ASN CG  OD1  doub N N 50  
ASN CG  ND2  sing N N 51  
ASN ND2 HD21 sing N N 52  
ASN ND2 HD22 sing N N 53  
ASN OXT HXT  sing N N 54  
ASP N   CA   sing N N 55  
ASP N   H    sing N N 56  
ASP N   H2   sing N N 57  
ASP CA  C    sing N N 58  
ASP CA  CB   sing N N 59  
ASP CA  HA   sing N N 60  
ASP C   O    doub N N 61  
ASP C   OXT  sing N N 62  
ASP CB  CG   sing N N 63  
ASP CB  HB2  sing N N 64  
ASP CB  HB3  sing N N 65  
ASP CG  OD1  doub N N 66  
ASP CG  OD2  sing N N 67  
ASP OD2 HD2  sing N N 68  
ASP OXT HXT  sing N N 69  
CYS N   CA   sing N N 70  
CYS N   H    sing N N 71  
CYS N   H2   sing N N 72  
CYS CA  C    sing N N 73  
CYS CA  CB   sing N N 74  
CYS CA  HA   sing N N 75  
CYS C   O    doub N N 76  
CYS C   OXT  sing N N 77  
CYS CB  SG   sing N N 78  
CYS CB  HB2  sing N N 79  
CYS CB  HB3  sing N N 80  
CYS SG  HG   sing N N 81  
CYS OXT HXT  sing N N 82  
GLN N   CA   sing N N 83  
GLN N   H    sing N N 84  
GLN N   H2   sing N N 85  
GLN CA  C    sing N N 86  
GLN CA  CB   sing N N 87  
GLN CA  HA   sing N N 88  
GLN C   O    doub N N 89  
GLN C   OXT  sing N N 90  
GLN CB  CG   sing N N 91  
GLN CB  HB2  sing N N 92  
GLN CB  HB3  sing N N 93  
GLN CG  CD   sing N N 94  
GLN CG  HG2  sing N N 95  
GLN CG  HG3  sing N N 96  
GLN CD  OE1  doub N N 97  
GLN CD  NE2  sing N N 98  
GLN NE2 HE21 sing N N 99  
GLN NE2 HE22 sing N N 100 
GLN OXT HXT  sing N N 101 
GLU N   CA   sing N N 102 
GLU N   H    sing N N 103 
GLU N   H2   sing N N 104 
GLU CA  C    sing N N 105 
GLU CA  CB   sing N N 106 
GLU CA  HA   sing N N 107 
GLU C   O    doub N N 108 
GLU C   OXT  sing N N 109 
GLU CB  CG   sing N N 110 
GLU CB  HB2  sing N N 111 
GLU CB  HB3  sing N N 112 
GLU CG  CD   sing N N 113 
GLU CG  HG2  sing N N 114 
GLU CG  HG3  sing N N 115 
GLU CD  OE1  doub N N 116 
GLU CD  OE2  sing N N 117 
GLU OE2 HE2  sing N N 118 
GLU OXT HXT  sing N N 119 
GLY N   CA   sing N N 120 
GLY N   H    sing N N 121 
GLY N   H2   sing N N 122 
GLY CA  C    sing N N 123 
GLY CA  HA2  sing N N 124 
GLY CA  HA3  sing N N 125 
GLY C   O    doub N N 126 
GLY C   OXT  sing N N 127 
GLY OXT HXT  sing N N 128 
HIS N   CA   sing N N 129 
HIS N   H    sing N N 130 
HIS N   H2   sing N N 131 
HIS CA  C    sing N N 132 
HIS CA  CB   sing N N 133 
HIS CA  HA   sing N N 134 
HIS C   O    doub N N 135 
HIS C   OXT  sing N N 136 
HIS CB  CG   sing N N 137 
HIS CB  HB2  sing N N 138 
HIS CB  HB3  sing N N 139 
HIS CG  ND1  sing Y N 140 
HIS CG  CD2  doub Y N 141 
HIS ND1 CE1  doub Y N 142 
HIS ND1 HD1  sing N N 143 
HIS CD2 NE2  sing Y N 144 
HIS CD2 HD2  sing N N 145 
HIS CE1 NE2  sing Y N 146 
HIS CE1 HE1  sing N N 147 
HIS NE2 HE2  sing N N 148 
HIS OXT HXT  sing N N 149 
HOH O   H1   sing N N 150 
HOH O   H2   sing N N 151 
ILE N   CA   sing N N 152 
ILE N   H    sing N N 153 
ILE N   H2   sing N N 154 
ILE CA  C    sing N N 155 
ILE CA  CB   sing N N 156 
ILE CA  HA   sing N N 157 
ILE C   O    doub N N 158 
ILE C   OXT  sing N N 159 
ILE CB  CG1  sing N N 160 
ILE CB  CG2  sing N N 161 
ILE CB  HB   sing N N 162 
ILE CG1 CD1  sing N N 163 
ILE CG1 HG12 sing N N 164 
ILE CG1 HG13 sing N N 165 
ILE CG2 HG21 sing N N 166 
ILE CG2 HG22 sing N N 167 
ILE CG2 HG23 sing N N 168 
ILE CD1 HD11 sing N N 169 
ILE CD1 HD12 sing N N 170 
ILE CD1 HD13 sing N N 171 
ILE OXT HXT  sing N N 172 
LEU N   CA   sing N N 173 
LEU N   H    sing N N 174 
LEU N   H2   sing N N 175 
LEU CA  C    sing N N 176 
LEU CA  CB   sing N N 177 
LEU CA  HA   sing N N 178 
LEU C   O    doub N N 179 
LEU C   OXT  sing N N 180 
LEU CB  CG   sing N N 181 
LEU CB  HB2  sing N N 182 
LEU CB  HB3  sing N N 183 
LEU CG  CD1  sing N N 184 
LEU CG  CD2  sing N N 185 
LEU CG  HG   sing N N 186 
LEU CD1 HD11 sing N N 187 
LEU CD1 HD12 sing N N 188 
LEU CD1 HD13 sing N N 189 
LEU CD2 HD21 sing N N 190 
LEU CD2 HD22 sing N N 191 
LEU CD2 HD23 sing N N 192 
LEU OXT HXT  sing N N 193 
LYS N   CA   sing N N 194 
LYS N   H    sing N N 195 
LYS N   H2   sing N N 196 
LYS CA  C    sing N N 197 
LYS CA  CB   sing N N 198 
LYS CA  HA   sing N N 199 
LYS C   O    doub N N 200 
LYS C   OXT  sing N N 201 
LYS CB  CG   sing N N 202 
LYS CB  HB2  sing N N 203 
LYS CB  HB3  sing N N 204 
LYS CG  CD   sing N N 205 
LYS CG  HG2  sing N N 206 
LYS CG  HG3  sing N N 207 
LYS CD  CE   sing N N 208 
LYS CD  HD2  sing N N 209 
LYS CD  HD3  sing N N 210 
LYS CE  NZ   sing N N 211 
LYS CE  HE2  sing N N 212 
LYS CE  HE3  sing N N 213 
LYS NZ  HZ1  sing N N 214 
LYS NZ  HZ2  sing N N 215 
LYS NZ  HZ3  sing N N 216 
LYS OXT HXT  sing N N 217 
MET N   CA   sing N N 218 
MET N   H    sing N N 219 
MET N   H2   sing N N 220 
MET CA  C    sing N N 221 
MET CA  CB   sing N N 222 
MET CA  HA   sing N N 223 
MET C   O    doub N N 224 
MET C   OXT  sing N N 225 
MET CB  CG   sing N N 226 
MET CB  HB2  sing N N 227 
MET CB  HB3  sing N N 228 
MET CG  SD   sing N N 229 
MET CG  HG2  sing N N 230 
MET CG  HG3  sing N N 231 
MET SD  CE   sing N N 232 
MET CE  HE1  sing N N 233 
MET CE  HE2  sing N N 234 
MET CE  HE3  sing N N 235 
MET OXT HXT  sing N N 236 
PHE N   CA   sing N N 237 
PHE N   H    sing N N 238 
PHE N   H2   sing N N 239 
PHE CA  C    sing N N 240 
PHE CA  CB   sing N N 241 
PHE CA  HA   sing N N 242 
PHE C   O    doub N N 243 
PHE C   OXT  sing N N 244 
PHE CB  CG   sing N N 245 
PHE CB  HB2  sing N N 246 
PHE CB  HB3  sing N N 247 
PHE CG  CD1  doub Y N 248 
PHE CG  CD2  sing Y N 249 
PHE CD1 CE1  sing Y N 250 
PHE CD1 HD1  sing N N 251 
PHE CD2 CE2  doub Y N 252 
PHE CD2 HD2  sing N N 253 
PHE CE1 CZ   doub Y N 254 
PHE CE1 HE1  sing N N 255 
PHE CE2 CZ   sing Y N 256 
PHE CE2 HE2  sing N N 257 
PHE CZ  HZ   sing N N 258 
PHE OXT HXT  sing N N 259 
PRO N   CA   sing N N 260 
PRO N   CD   sing N N 261 
PRO N   H    sing N N 262 
PRO CA  C    sing N N 263 
PRO CA  CB   sing N N 264 
PRO CA  HA   sing N N 265 
PRO C   O    doub N N 266 
PRO C   OXT  sing N N 267 
PRO CB  CG   sing N N 268 
PRO CB  HB2  sing N N 269 
PRO CB  HB3  sing N N 270 
PRO CG  CD   sing N N 271 
PRO CG  HG2  sing N N 272 
PRO CG  HG3  sing N N 273 
PRO CD  HD2  sing N N 274 
PRO CD  HD3  sing N N 275 
PRO OXT HXT  sing N N 276 
SER N   CA   sing N N 277 
SER N   H    sing N N 278 
SER N   H2   sing N N 279 
SER CA  C    sing N N 280 
SER CA  CB   sing N N 281 
SER CA  HA   sing N N 282 
SER C   O    doub N N 283 
SER C   OXT  sing N N 284 
SER CB  OG   sing N N 285 
SER CB  HB2  sing N N 286 
SER CB  HB3  sing N N 287 
SER OG  HG   sing N N 288 
SER OXT HXT  sing N N 289 
THR N   CA   sing N N 290 
THR N   H    sing N N 291 
THR N   H2   sing N N 292 
THR CA  C    sing N N 293 
THR CA  CB   sing N N 294 
THR CA  HA   sing N N 295 
THR C   O    doub N N 296 
THR C   OXT  sing N N 297 
THR CB  OG1  sing N N 298 
THR CB  CG2  sing N N 299 
THR CB  HB   sing N N 300 
THR OG1 HG1  sing N N 301 
THR CG2 HG21 sing N N 302 
THR CG2 HG22 sing N N 303 
THR CG2 HG23 sing N N 304 
THR OXT HXT  sing N N 305 
TRP N   CA   sing N N 306 
TRP N   H    sing N N 307 
TRP N   H2   sing N N 308 
TRP CA  C    sing N N 309 
TRP CA  CB   sing N N 310 
TRP CA  HA   sing N N 311 
TRP C   O    doub N N 312 
TRP C   OXT  sing N N 313 
TRP CB  CG   sing N N 314 
TRP CB  HB2  sing N N 315 
TRP CB  HB3  sing N N 316 
TRP CG  CD1  doub Y N 317 
TRP CG  CD2  sing Y N 318 
TRP CD1 NE1  sing Y N 319 
TRP CD1 HD1  sing N N 320 
TRP CD2 CE2  doub Y N 321 
TRP CD2 CE3  sing Y N 322 
TRP NE1 CE2  sing Y N 323 
TRP NE1 HE1  sing N N 324 
TRP CE2 CZ2  sing Y N 325 
TRP CE3 CZ3  doub Y N 326 
TRP CE3 HE3  sing N N 327 
TRP CZ2 CH2  doub Y N 328 
TRP CZ2 HZ2  sing N N 329 
TRP CZ3 CH2  sing Y N 330 
TRP CZ3 HZ3  sing N N 331 
TRP CH2 HH2  sing N N 332 
TRP OXT HXT  sing N N 333 
TYR N   CA   sing N N 334 
TYR N   H    sing N N 335 
TYR N   H2   sing N N 336 
TYR CA  C    sing N N 337 
TYR CA  CB   sing N N 338 
TYR CA  HA   sing N N 339 
TYR C   O    doub N N 340 
TYR C   OXT  sing N N 341 
TYR CB  CG   sing N N 342 
TYR CB  HB2  sing N N 343 
TYR CB  HB3  sing N N 344 
TYR CG  CD1  doub Y N 345 
TYR CG  CD2  sing Y N 346 
TYR CD1 CE1  sing Y N 347 
TYR CD1 HD1  sing N N 348 
TYR CD2 CE2  doub Y N 349 
TYR CD2 HD2  sing N N 350 
TYR CE1 CZ   doub Y N 351 
TYR CE1 HE1  sing N N 352 
TYR CE2 CZ   sing Y N 353 
TYR CE2 HE2  sing N N 354 
TYR CZ  OH   sing N N 355 
TYR OH  HH   sing N N 356 
TYR OXT HXT  sing N N 357 
VAL N   CA   sing N N 358 
VAL N   H    sing N N 359 
VAL N   H2   sing N N 360 
VAL CA  C    sing N N 361 
VAL CA  CB   sing N N 362 
VAL CA  HA   sing N N 363 
VAL C   O    doub N N 364 
VAL C   OXT  sing N N 365 
VAL CB  CG1  sing N N 366 
VAL CB  CG2  sing N N 367 
VAL CB  HB   sing N N 368 
VAL CG1 HG11 sing N N 369 
VAL CG1 HG12 sing N N 370 
VAL CG1 HG13 sing N N 371 
VAL CG2 HG21 sing N N 372 
VAL CG2 HG22 sing N N 373 
VAL CG2 HG23 sing N N 374 
VAL OXT HXT  sing N N 375 
# 
_pdbx_initial_refinement_model.accession_code   ? 
_pdbx_initial_refinement_model.id               1 
_pdbx_initial_refinement_model.entity_id_list   ? 
_pdbx_initial_refinement_model.type             'experimental model' 
_pdbx_initial_refinement_model.source_name      Other 
_pdbx_initial_refinement_model.details          'TRAF6 apo form' 
# 
_atom_sites.entry_id                    1LB6 
_atom_sites.fract_transf_matrix[1][1]   0.02141992 
_atom_sites.fract_transf_matrix[1][2]   -0.00252412 
_atom_sites.fract_transf_matrix[1][3]   -0.01279147 
_atom_sites.fract_transf_matrix[2][1]   -0.00104043 
_atom_sites.fract_transf_matrix[2][2]   0.02197409 
_atom_sites.fract_transf_matrix[2][3]   -0.00607835 
_atom_sites.fract_transf_matrix[3][1]   0.00510639 
_atom_sites.fract_transf_matrix[3][2]   0.00247214 
_atom_sites.fract_transf_matrix[3][3]   0.00806307 
_atom_sites.fract_transf_vector[1]      0.195496 
_atom_sites.fract_transf_vector[2]      0.297361 
_atom_sites.fract_transf_vector[3]      0.126828 
# 
loop_
_atom_type.symbol 
C 
N 
O 
S 
# 
loop_
_atom_site.group_PDB 
_atom_site.id 
_atom_site.type_symbol 
_atom_site.label_atom_id 
_atom_site.label_alt_id 
_atom_site.label_comp_id 
_atom_site.label_asym_id 
_atom_site.label_entity_id 
_atom_site.label_seq_id 
_atom_site.pdbx_PDB_ins_code 
_atom_site.Cartn_x 
_atom_site.Cartn_y 
_atom_site.Cartn_z 
_atom_site.occupancy 
_atom_site.B_iso_or_equiv 
_atom_site.pdbx_formal_charge 
_atom_site.auth_seq_id 
_atom_site.auth_comp_id 
_atom_site.auth_asym_id 
_atom_site.auth_atom_id 
_atom_site.pdbx_PDB_model_num 
ATOM   1    N N   . GLN A 1 1   ? 10.596  2.163   24.522  1.00 27.27 ? 347 GLN A N   1 
ATOM   2    C CA  . GLN A 1 1   ? 9.702   1.451   23.559  1.00 27.48 ? 347 GLN A CA  1 
ATOM   3    C C   . GLN A 1 1   ? 9.650   2.184   22.225  1.00 27.73 ? 347 GLN A C   1 
ATOM   4    O O   . GLN A 1 1   ? 9.915   3.385   22.152  1.00 27.44 ? 347 GLN A O   1 
ATOM   5    C CB  . GLN A 1 1   ? 8.299   1.327   24.149  1.00 27.10 ? 347 GLN A CB  1 
ATOM   6    N N   . GLN A 1 2   ? 9.330   1.451   21.165  1.00 28.15 ? 348 GLN A N   1 
ATOM   7    C CA  . GLN A 1 2   ? 9.236   2.051   19.843  1.00 28.33 ? 348 GLN A CA  1 
ATOM   8    C C   . GLN A 1 2   ? 7.852   2.680   19.737  1.00 28.28 ? 348 GLN A C   1 
ATOM   9    O O   . GLN A 1 2   ? 6.994   2.431   20.585  1.00 28.37 ? 348 GLN A O   1 
ATOM   10   C CB  . GLN A 1 2   ? 9.476   0.980   18.769  1.00 28.75 ? 348 GLN A CB  1 
ATOM   11   C CG  . GLN A 1 2   ? 10.836  0.293   18.958  1.00 29.86 ? 348 GLN A CG  1 
ATOM   12   C CD  . GLN A 1 2   ? 11.250  -0.575  17.791  1.00 30.34 ? 348 GLN A CD  1 
ATOM   13   O OE1 . GLN A 1 2   ? 10.580  -1.548  17.451  1.00 30.65 ? 348 GLN A OE1 1 
ATOM   14   N NE2 . GLN A 1 2   ? 12.371  -0.224  17.168  1.00 30.40 ? 348 GLN A NE2 1 
ATOM   15   N N   . CYS A 1 3   ? 7.619   3.513   18.727  1.00 27.72 ? 349 CYS A N   1 
ATOM   16   C CA  . CYS A 1 3   ? 6.316   4.146   18.631  1.00 27.37 ? 349 CYS A CA  1 
ATOM   17   C C   . CYS A 1 3   ? 5.678   4.194   17.246  1.00 26.00 ? 349 CYS A C   1 
ATOM   18   O O   . CYS A 1 3   ? 4.595   4.751   17.103  1.00 25.95 ? 349 CYS A O   1 
ATOM   19   C CB  . CYS A 1 3   ? 6.382   5.558   19.210  1.00 28.72 ? 349 CYS A CB  1 
ATOM   20   S SG  . CYS A 1 3   ? 7.568   6.641   18.398  1.00 32.75 ? 349 CYS A SG  1 
ATOM   21   N N   . ASN A 1 4   ? 6.314   3.608   16.237  1.00 24.42 ? 350 ASN A N   1 
ATOM   22   C CA  . ASN A 1 4   ? 5.715   3.627   14.902  1.00 22.59 ? 350 ASN A CA  1 
ATOM   23   C C   . ASN A 1 4   ? 4.531   2.668   14.789  1.00 21.47 ? 350 ASN A C   1 
ATOM   24   O O   . ASN A 1 4   ? 4.524   1.596   15.395  1.00 20.87 ? 350 ASN A O   1 
ATOM   25   C CB  . ASN A 1 4   ? 6.743   3.264   13.816  1.00 22.87 ? 350 ASN A CB  1 
ATOM   26   C CG  . ASN A 1 4   ? 7.834   4.312   13.667  1.00 22.70 ? 350 ASN A CG  1 
ATOM   27   O OD1 . ASN A 1 4   ? 7.722   5.418   14.180  1.00 23.53 ? 350 ASN A OD1 1 
ATOM   28   N ND2 . ASN A 1 4   ? 8.883   3.969   12.931  1.00 23.21 ? 350 ASN A ND2 1 
ATOM   29   N N   . GLY A 1 5   ? 3.531   3.077   14.012  1.00 19.93 ? 351 GLY A N   1 
ATOM   30   C CA  . GLY A 1 5   ? 2.360   2.245   13.790  1.00 18.85 ? 351 GLY A CA  1 
ATOM   31   C C   . GLY A 1 5   ? 2.654   1.351   12.601  1.00 17.95 ? 351 GLY A C   1 
ATOM   32   O O   . GLY A 1 5   ? 3.068   1.832   11.550  1.00 17.88 ? 351 GLY A O   1 
ATOM   33   N N   . ILE A 1 6   ? 2.434   0.052   12.757  1.00 17.05 ? 352 ILE A N   1 
ATOM   34   C CA  . ILE A 1 6   ? 2.721   -0.906  11.696  1.00 16.21 ? 352 ILE A CA  1 
ATOM   35   C C   . ILE A 1 6   ? 1.519   -1.812  11.459  1.00 15.34 ? 352 ILE A C   1 
ATOM   36   O O   . ILE A 1 6   ? 0.919   -2.317  12.406  1.00 14.87 ? 352 ILE A O   1 
ATOM   37   C CB  . ILE A 1 6   ? 3.945   -1.767  12.096  1.00 16.87 ? 352 ILE A CB  1 
ATOM   38   C CG1 . ILE A 1 6   ? 5.165   -0.855  12.288  1.00 17.54 ? 352 ILE A CG1 1 
ATOM   39   C CG2 . ILE A 1 6   ? 4.200   -2.847  11.040  1.00 16.93 ? 352 ILE A CG2 1 
ATOM   40   C CD1 . ILE A 1 6   ? 6.332   -1.486  13.059  1.00 17.95 ? 352 ILE A CD1 1 
ATOM   41   N N   . TYR A 1 7   ? 1.171   -2.014  10.192  1.00 14.52 ? 353 TYR A N   1 
ATOM   42   C CA  . TYR A 1 7   ? 0.056   -2.881  9.847   1.00 14.11 ? 353 TYR A CA  1 
ATOM   43   C C   . TYR A 1 7   ? 0.540   -3.951  8.879   1.00 14.20 ? 353 TYR A C   1 
ATOM   44   O O   . TYR A 1 7   ? 1.333   -3.667  7.979   1.00 13.97 ? 353 TYR A O   1 
ATOM   45   C CB  . TYR A 1 7   ? -1.069  -2.090  9.172   1.00 14.73 ? 353 TYR A CB  1 
ATOM   46   C CG  . TYR A 1 7   ? -2.299  -2.936  8.922   1.00 14.93 ? 353 TYR A CG  1 
ATOM   47   C CD1 . TYR A 1 7   ? -3.106  -3.345  9.984   1.00 15.02 ? 353 TYR A CD1 1 
ATOM   48   C CD2 . TYR A 1 7   ? -2.622  -3.388  7.637   1.00 15.39 ? 353 TYR A CD2 1 
ATOM   49   C CE1 . TYR A 1 7   ? -4.198  -4.177  9.781   1.00 15.77 ? 353 TYR A CE1 1 
ATOM   50   C CE2 . TYR A 1 7   ? -3.722  -4.231  7.427   1.00 15.38 ? 353 TYR A CE2 1 
ATOM   51   C CZ  . TYR A 1 7   ? -4.499  -4.619  8.506   1.00 15.86 ? 353 TYR A CZ  1 
ATOM   52   O OH  . TYR A 1 7   ? -5.579  -5.454  8.334   1.00 17.15 ? 353 TYR A OH  1 
ATOM   53   N N   . ILE A 1 8   ? 0.064   -5.176  9.076   1.00 13.30 ? 354 ILE A N   1 
ATOM   54   C CA  . ILE A 1 8   ? 0.411   -6.293  8.204   1.00 13.45 ? 354 ILE A CA  1 
ATOM   55   C C   . ILE A 1 8   ? -0.861  -6.682  7.462   1.00 13.65 ? 354 ILE A C   1 
ATOM   56   O O   . ILE A 1 8   ? -1.850  -7.091  8.070   1.00 13.10 ? 354 ILE A O   1 
ATOM   57   C CB  . ILE A 1 8   ? 0.930   -7.519  9.003   1.00 13.80 ? 354 ILE A CB  1 
ATOM   58   C CG1 . ILE A 1 8   ? 2.182   -7.139  9.801   1.00 13.22 ? 354 ILE A CG1 1 
ATOM   59   C CG2 . ILE A 1 8   ? 1.235   -8.677  8.039   1.00 13.58 ? 354 ILE A CG2 1 
ATOM   60   C CD1 . ILE A 1 8   ? 3.379   -6.755  8.945   1.00 14.87 ? 354 ILE A CD1 1 
ATOM   61   N N   . TRP A 1 9   ? -0.833  -6.533  6.146   1.00 13.54 ? 355 TRP A N   1 
ATOM   62   C CA  . TRP A 1 9   ? -1.991  -6.853  5.325   1.00 14.10 ? 355 TRP A CA  1 
ATOM   63   C C   . TRP A 1 9   ? -1.813  -8.195  4.630   1.00 15.32 ? 355 TRP A C   1 
ATOM   64   O O   . TRP A 1 9   ? -0.915  -8.374  3.807   1.00 15.13 ? 355 TRP A O   1 
ATOM   65   C CB  . TRP A 1 9   ? -2.216  -5.718  4.317   1.00 12.91 ? 355 TRP A CB  1 
ATOM   66   C CG  . TRP A 1 9   ? -3.369  -5.869  3.367   1.00 12.49 ? 355 TRP A CG  1 
ATOM   67   C CD1 . TRP A 1 9   ? -4.523  -6.584  3.554   1.00 12.20 ? 355 TRP A CD1 1 
ATOM   68   C CD2 . TRP A 1 9   ? -3.528  -5.167  2.127   1.00 12.07 ? 355 TRP A CD2 1 
ATOM   69   N NE1 . TRP A 1 9   ? -5.389  -6.359  2.504   1.00 12.55 ? 355 TRP A NE1 1 
ATOM   70   C CE2 . TRP A 1 9   ? -4.801  -5.495  1.617   1.00 11.69 ? 355 TRP A CE2 1 
ATOM   71   C CE3 . TRP A 1 9   ? -2.715  -4.287  1.401   1.00 11.39 ? 355 TRP A CE3 1 
ATOM   72   C CZ2 . TRP A 1 9   ? -5.282  -4.972  0.409   1.00 11.33 ? 355 TRP A CZ2 1 
ATOM   73   C CZ3 . TRP A 1 9   ? -3.194  -3.765  0.199   1.00 11.42 ? 355 TRP A CZ3 1 
ATOM   74   C CH2 . TRP A 1 9   ? -4.466  -4.110  -0.280  1.00 11.28 ? 355 TRP A CH2 1 
ATOM   75   N N   . LYS A 1 10  ? -2.663  -9.149  4.993   1.00 16.37 ? 356 LYS A N   1 
ATOM   76   C CA  . LYS A 1 10  ? -2.609  -10.474 4.397   1.00 17.96 ? 356 LYS A CA  1 
ATOM   77   C C   . LYS A 1 10  ? -3.640  -10.546 3.278   1.00 17.57 ? 356 LYS A C   1 
ATOM   78   O O   . LYS A 1 10  ? -4.837  -10.398 3.515   1.00 17.67 ? 356 LYS A O   1 
ATOM   79   C CB  . LYS A 1 10  ? -2.912  -11.556 5.442   1.00 19.01 ? 356 LYS A CB  1 
ATOM   80   C CG  . LYS A 1 10  ? -1.952  -11.599 6.627   1.00 21.65 ? 356 LYS A CG  1 
ATOM   81   C CD  . LYS A 1 10  ? -2.323  -12.721 7.604   1.00 23.00 ? 356 LYS A CD  1 
ATOM   82   C CE  . LYS A 1 10  ? -1.347  -12.814 8.773   1.00 24.04 ? 356 LYS A CE  1 
ATOM   83   N NZ  . LYS A 1 10  ? -1.346  -11.590 9.623   1.00 25.93 ? 356 LYS A NZ  1 
ATOM   84   N N   . ILE A 1 11  ? -3.169  -10.759 2.057   1.00 17.52 ? 357 ILE A N   1 
ATOM   85   C CA  . ILE A 1 11  ? -4.054  -10.866 0.905   1.00 17.98 ? 357 ILE A CA  1 
ATOM   86   C C   . ILE A 1 11  ? -4.125  -12.330 0.461   1.00 18.12 ? 357 ILE A C   1 
ATOM   87   O O   . ILE A 1 11  ? -3.216  -12.829 -0.210  1.00 18.06 ? 357 ILE A O   1 
ATOM   88   C CB  . ILE A 1 11  ? -3.536  -9.990  -0.255  1.00 17.86 ? 357 ILE A CB  1 
ATOM   89   C CG1 . ILE A 1 11  ? -3.446  -8.534  0.215   1.00 18.47 ? 357 ILE A CG1 1 
ATOM   90   C CG2 . ILE A 1 11  ? -4.450  -10.120 -1.462  1.00 18.28 ? 357 ILE A CG2 1 
ATOM   91   C CD1 . ILE A 1 11  ? -2.845  -7.578  -0.794  1.00 19.06 ? 357 ILE A CD1 1 
ATOM   92   N N   . GLY A 1 12  ? -5.211  -13.007 0.834   1.00 18.40 ? 358 GLY A N   1 
ATOM   93   C CA  . GLY A 1 12  ? -5.382  -14.410 0.483   1.00 18.80 ? 358 GLY A CA  1 
ATOM   94   C C   . GLY A 1 12  ? -5.960  -14.637 -0.907  1.00 19.16 ? 358 GLY A C   1 
ATOM   95   O O   . GLY A 1 12  ? -6.239  -13.681 -1.623  1.00 18.50 ? 358 GLY A O   1 
ATOM   96   N N   . ASN A 1 13  ? -6.149  -15.902 -1.282  1.00 19.72 ? 359 ASN A N   1 
ATOM   97   C CA  . ASN A 1 13  ? -6.692  -16.260 -2.597  1.00 20.43 ? 359 ASN A CA  1 
ATOM   98   C C   . ASN A 1 13  ? -6.023  -15.428 -3.688  1.00 19.88 ? 359 ASN A C   1 
ATOM   99   O O   . ASN A 1 13  ? -6.687  -14.930 -4.599  1.00 19.46 ? 359 ASN A O   1 
ATOM   100  C CB  . ASN A 1 13  ? -8.204  -16.011 -2.639  1.00 22.36 ? 359 ASN A CB  1 
ATOM   101  C CG  . ASN A 1 13  ? -8.948  -16.707 -1.511  1.00 24.35 ? 359 ASN A CG  1 
ATOM   102  O OD1 . ASN A 1 13  ? -8.798  -17.915 -1.303  1.00 25.80 ? 359 ASN A OD1 1 
ATOM   103  N ND2 . ASN A 1 13  ? -9.767  -15.948 -0.782  1.00 25.16 ? 359 ASN A ND2 1 
ATOM   104  N N   . PHE A 1 14  ? -4.707  -15.279 -3.608  1.00 19.63 ? 360 PHE A N   1 
ATOM   105  C CA  . PHE A 1 14  ? -4.010  -14.461 -4.587  1.00 19.60 ? 360 PHE A CA  1 
ATOM   106  C C   . PHE A 1 14  ? -4.063  -15.047 -5.995  1.00 19.46 ? 360 PHE A C   1 
ATOM   107  O O   . PHE A 1 14  ? -4.159  -14.311 -6.975  1.00 19.26 ? 360 PHE A O   1 
ATOM   108  C CB  . PHE A 1 14  ? -2.554  -14.250 -4.177  1.00 20.28 ? 360 PHE A CB  1 
ATOM   109  C CG  . PHE A 1 14  ? -1.929  -13.052 -4.822  1.00 20.77 ? 360 PHE A CG  1 
ATOM   110  C CD1 . PHE A 1 14  ? -2.285  -11.770 -4.409  1.00 21.07 ? 360 PHE A CD1 1 
ATOM   111  C CD2 . PHE A 1 14  ? -1.037  -13.195 -5.876  1.00 21.50 ? 360 PHE A CD2 1 
ATOM   112  C CE1 . PHE A 1 14  ? -1.760  -10.645 -5.043  1.00 21.15 ? 360 PHE A CE1 1 
ATOM   113  C CE2 . PHE A 1 14  ? -0.508  -12.080 -6.515  1.00 21.48 ? 360 PHE A CE2 1 
ATOM   114  C CZ  . PHE A 1 14  ? -0.875  -10.802 -6.096  1.00 21.04 ? 360 PHE A CZ  1 
ATOM   115  N N   . GLY A 1 15  ? -3.991  -16.370 -6.095  1.00 19.36 ? 361 GLY A N   1 
ATOM   116  C CA  . GLY A 1 15  ? -4.046  -17.010 -7.396  1.00 19.83 ? 361 GLY A CA  1 
ATOM   117  C C   . GLY A 1 15  ? -5.290  -16.596 -8.157  1.00 20.19 ? 361 GLY A C   1 
ATOM   118  O O   . GLY A 1 15  ? -5.271  -16.463 -9.386  1.00 20.32 ? 361 GLY A O   1 
ATOM   119  N N   . MET A 1 16  ? -6.377  -16.379 -7.420  1.00 20.55 ? 362 MET A N   1 
ATOM   120  C CA  . MET A 1 16  ? -7.641  -15.976 -8.021  1.00 20.91 ? 362 MET A CA  1 
ATOM   121  C C   . MET A 1 16  ? -7.518  -14.578 -8.632  1.00 20.09 ? 362 MET A C   1 
ATOM   122  O O   . MET A 1 16  ? -8.033  -14.317 -9.721  1.00 18.97 ? 362 MET A O   1 
ATOM   123  C CB  . MET A 1 16  ? -8.759  -15.979 -6.974  1.00 23.48 ? 362 MET A CB  1 
ATOM   124  C CG  . MET A 1 16  ? -10.078 -15.523 -7.551  1.00 26.67 ? 362 MET A CG  1 
ATOM   125  S SD  . MET A 1 16  ? -11.323 -15.031 -6.327  1.00 32.07 ? 362 MET A SD  1 
ATOM   126  C CE  . MET A 1 16  ? -11.877 -13.483 -7.110  1.00 30.70 ? 362 MET A CE  1 
ATOM   127  N N   . HIS A 1 17  ? -6.840  -13.680 -7.920  1.00 18.60 ? 363 HIS A N   1 
ATOM   128  C CA  . HIS A 1 17  ? -6.643  -12.316 -8.405  1.00 17.94 ? 363 HIS A CA  1 
ATOM   129  C C   . HIS A 1 17  ? -5.790  -12.324 -9.673  1.00 17.55 ? 363 HIS A C   1 
ATOM   130  O O   . HIS A 1 17  ? -6.056  -11.572 -10.610 1.00 17.00 ? 363 HIS A O   1 
ATOM   131  C CB  . HIS A 1 17  ? -5.971  -11.451 -7.331  1.00 17.49 ? 363 HIS A CB  1 
ATOM   132  C CG  . HIS A 1 17  ? -6.795  -11.286 -6.094  1.00 17.83 ? 363 HIS A CG  1 
ATOM   133  N ND1 . HIS A 1 17  ? -8.102  -10.853 -6.132  1.00 17.73 ? 363 HIS A ND1 1 
ATOM   134  C CD2 . HIS A 1 17  ? -6.497  -11.471 -4.787  1.00 17.90 ? 363 HIS A CD2 1 
ATOM   135  C CE1 . HIS A 1 17  ? -8.576  -10.781 -4.902  1.00 17.76 ? 363 HIS A CE1 1 
ATOM   136  N NE2 . HIS A 1 17  ? -7.622  -11.149 -4.067  1.00 18.47 ? 363 HIS A NE2 1 
ATOM   137  N N   . LEU A 1 18  ? -4.768  -13.173 -9.701  1.00 17.39 ? 364 LEU A N   1 
ATOM   138  C CA  . LEU A 1 18  ? -3.907  -13.262 -10.878 1.00 17.92 ? 364 LEU A CA  1 
ATOM   139  C C   . LEU A 1 18  ? -4.688  -13.739 -12.099 1.00 17.95 ? 364 LEU A C   1 
ATOM   140  O O   . LEU A 1 18  ? -4.533  -13.195 -13.197 1.00 16.66 ? 364 LEU A O   1 
ATOM   141  C CB  . LEU A 1 18  ? -2.725  -14.205 -10.618 1.00 18.90 ? 364 LEU A CB  1 
ATOM   142  C CG  . LEU A 1 18  ? -1.703  -13.663 -9.616  1.00 20.03 ? 364 LEU A CG  1 
ATOM   143  C CD1 . LEU A 1 18  ? -0.624  -14.697 -9.345  1.00 20.65 ? 364 LEU A CD1 1 
ATOM   144  C CD2 . LEU A 1 18  ? -1.094  -12.377 -10.185 1.00 20.75 ? 364 LEU A CD2 1 
ATOM   145  N N   . LYS A 1 19  ? -5.538  -14.745 -11.910 1.00 18.13 ? 365 LYS A N   1 
ATOM   146  C CA  . LYS A 1 19  ? -6.330  -15.261 -13.022 1.00 19.03 ? 365 LYS A CA  1 
ATOM   147  C C   . LYS A 1 19  ? -7.241  -14.170 -13.569 1.00 18.90 ? 365 LYS A C   1 
ATOM   148  O O   . LYS A 1 19  ? -7.431  -14.058 -14.778 1.00 18.91 ? 365 LYS A O   1 
ATOM   149  C CB  . LYS A 1 19  ? -7.172  -16.457 -12.575 1.00 20.22 ? 365 LYS A CB  1 
ATOM   150  C CG  . LYS A 1 19  ? -6.354  -17.555 -11.935 1.00 22.79 ? 365 LYS A CG  1 
ATOM   151  C CD  . LYS A 1 19  ? -5.242  -18.029 -12.848 1.00 24.51 ? 365 LYS A CD  1 
ATOM   152  C CE  . LYS A 1 19  ? -4.315  -18.970 -12.095 1.00 25.71 ? 365 LYS A CE  1 
ATOM   153  N NZ  . LYS A 1 19  ? -3.692  -18.267 -10.922 1.00 26.97 ? 365 LYS A NZ  1 
ATOM   154  N N   . CYS A 1 20  ? -7.802  -13.376 -12.666 1.00 18.77 ? 366 CYS A N   1 
ATOM   155  C CA  . CYS A 1 20  ? -8.689  -12.290 -13.046 1.00 18.85 ? 366 CYS A CA  1 
ATOM   156  C C   . CYS A 1 20  ? -7.920  -11.261 -13.886 1.00 17.99 ? 366 CYS A C   1 
ATOM   157  O O   . CYS A 1 20  ? -8.384  -10.842 -14.944 1.00 17.39 ? 366 CYS A O   1 
ATOM   158  C CB  . CYS A 1 20  ? -9.260  -11.626 -11.791 1.00 19.74 ? 366 CYS A CB  1 
ATOM   159  S SG  . CYS A 1 20  ? -10.582 -10.443 -12.134 1.00 23.64 ? 366 CYS A SG  1 
ATOM   160  N N   . GLN A 1 21  ? -6.738  -10.874 -13.414 1.00 17.58 ? 367 GLN A N   1 
ATOM   161  C CA  . GLN A 1 21  ? -5.900  -9.906  -14.117 1.00 17.02 ? 367 GLN A CA  1 
ATOM   162  C C   . GLN A 1 21  ? -5.558  -10.414 -15.519 1.00 17.33 ? 367 GLN A C   1 
ATOM   163  O O   . GLN A 1 21  ? -5.553  -9.651  -16.482 1.00 16.38 ? 367 GLN A O   1 
ATOM   164  C CB  . GLN A 1 21  ? -4.615  -9.648  -13.311 1.00 16.68 ? 367 GLN A CB  1 
ATOM   165  C CG  . GLN A 1 21  ? -3.712  -8.523  -13.843 1.00 16.37 ? 367 GLN A CG  1 
ATOM   166  C CD  . GLN A 1 21  ? -2.537  -9.008  -14.683 1.00 16.40 ? 367 GLN A CD  1 
ATOM   167  O OE1 . GLN A 1 21  ? -1.766  -8.201  -15.211 1.00 16.72 ? 367 GLN A OE1 1 
ATOM   168  N NE2 . GLN A 1 21  ? -2.387  -10.324 -14.805 1.00 15.53 ? 367 GLN A NE2 1 
ATOM   169  N N   . GLU A 1 22  ? -5.295  -11.711 -15.633 1.00 17.79 ? 368 GLU A N   1 
ATOM   170  C CA  . GLU A 1 22  ? -4.950  -12.308 -16.918 1.00 19.17 ? 368 GLU A CA  1 
ATOM   171  C C   . GLU A 1 22  ? -6.152  -12.358 -17.858 1.00 19.42 ? 368 GLU A C   1 
ATOM   172  O O   . GLU A 1 22  ? -6.004  -12.444 -19.075 1.00 19.63 ? 368 GLU A O   1 
ATOM   173  C CB  . GLU A 1 22  ? -4.376  -13.706 -16.681 1.00 19.70 ? 368 GLU A CB  1 
ATOM   174  C CG  . GLU A 1 22  ? -3.129  -13.656 -15.814 1.00 21.23 ? 368 GLU A CG  1 
ATOM   175  C CD  . GLU A 1 22  ? -2.585  -15.027 -15.455 1.00 22.59 ? 368 GLU A CD  1 
ATOM   176  O OE1 . GLU A 1 22  ? -1.571  -15.085 -14.724 1.00 23.36 ? 368 GLU A OE1 1 
ATOM   177  O OE2 . GLU A 1 22  ? -3.171  -16.039 -15.898 1.00 23.21 ? 368 GLU A OE2 1 
ATOM   178  N N   . GLU A 1 23  ? -7.342  -12.271 -17.279 1.00 20.05 ? 369 GLU A N   1 
ATOM   179  C CA  . GLU A 1 23  ? -8.588  -12.291 -18.031 1.00 21.04 ? 369 GLU A CA  1 
ATOM   180  C C   . GLU A 1 23  ? -8.908  -10.844 -18.444 1.00 20.93 ? 369 GLU A C   1 
ATOM   181  O O   . GLU A 1 23  ? -9.946  -10.562 -19.043 1.00 21.33 ? 369 GLU A O   1 
ATOM   182  C CB  . GLU A 1 23  ? -9.669  -12.901 -17.123 1.00 22.02 ? 369 GLU A CB  1 
ATOM   183  C CG  . GLU A 1 23  ? -11.058 -13.040 -17.692 1.00 24.15 ? 369 GLU A CG  1 
ATOM   184  C CD  . GLU A 1 23  ? -11.918 -13.965 -16.843 1.00 25.00 ? 369 GLU A CD  1 
ATOM   185  O OE1 . GLU A 1 23  ? -11.783 -13.942 -15.599 1.00 26.60 ? 369 GLU A OE1 1 
ATOM   186  O OE2 . GLU A 1 23  ? -12.745 -14.704 -17.412 1.00 26.91 ? 369 GLU A OE2 1 
ATOM   187  N N   . GLU A 1 24  ? -7.986  -9.938  -18.123 1.00 20.40 ? 370 GLU A N   1 
ATOM   188  C CA  . GLU A 1 24  ? -8.110  -8.510  -18.436 1.00 20.30 ? 370 GLU A CA  1 
ATOM   189  C C   . GLU A 1 24  ? -9.233  -7.806  -17.673 1.00 20.12 ? 370 GLU A C   1 
ATOM   190  O O   . GLU A 1 24  ? -9.855  -6.867  -18.177 1.00 19.69 ? 370 GLU A O   1 
ATOM   191  C CB  . GLU A 1 24  ? -8.286  -8.304  -19.945 1.00 21.17 ? 370 GLU A CB  1 
ATOM   192  C CG  . GLU A 1 24  ? -7.075  -8.745  -20.774 1.00 21.98 ? 370 GLU A CG  1 
ATOM   193  C CD  . GLU A 1 24  ? -7.247  -8.479  -22.258 1.00 22.62 ? 370 GLU A CD  1 
ATOM   194  O OE1 . GLU A 1 24  ? -7.317  -7.294  -22.656 1.00 23.26 ? 370 GLU A OE1 1 
ATOM   195  O OE2 . GLU A 1 24  ? -7.326  -9.456  -23.031 1.00 23.14 ? 370 GLU A OE2 1 
ATOM   196  N N   . LYS A 1 25  ? -9.491  -8.269  -16.455 1.00 19.64 ? 371 LYS A N   1 
ATOM   197  C CA  . LYS A 1 25  ? -10.516 -7.668  -15.612 1.00 19.63 ? 371 LYS A CA  1 
ATOM   198  C C   . LYS A 1 25  ? -9.829  -6.912  -14.482 1.00 18.76 ? 371 LYS A C   1 
ATOM   199  O O   . LYS A 1 25  ? -8.763  -7.314  -14.015 1.00 17.93 ? 371 LYS A O   1 
ATOM   200  C CB  . LYS A 1 25  ? -11.440 -8.752  -15.051 1.00 20.97 ? 371 LYS A CB  1 
ATOM   201  C CG  . LYS A 1 25  ? -12.327 -9.383  -16.106 1.00 23.17 ? 371 LYS A CG  1 
ATOM   202  C CD  . LYS A 1 25  ? -13.041 -10.606 -15.583 1.00 24.99 ? 371 LYS A CD  1 
ATOM   203  C CE  . LYS A 1 25  ? -13.899 -11.225 -16.678 1.00 26.33 ? 371 LYS A CE  1 
ATOM   204  N NZ  . LYS A 1 25  ? -14.448 -12.557 -16.276 1.00 27.87 ? 371 LYS A NZ  1 
ATOM   205  N N   . PRO A 1 26  ? -10.430 -5.800  -14.034 1.00 17.83 ? 372 PRO A N   1 
ATOM   206  C CA  . PRO A 1 26  ? -9.813  -5.035  -12.957 1.00 17.23 ? 372 PRO A CA  1 
ATOM   207  C C   . PRO A 1 26  ? -9.650  -5.828  -11.680 1.00 16.57 ? 372 PRO A C   1 
ATOM   208  O O   . PRO A 1 26  ? -10.489 -6.663  -11.337 1.00 16.40 ? 372 PRO A O   1 
ATOM   209  C CB  . PRO A 1 26  ? -10.768 -3.856  -12.787 1.00 17.55 ? 372 PRO A CB  1 
ATOM   210  C CG  . PRO A 1 26  ? -12.098 -4.448  -13.192 1.00 18.08 ? 372 PRO A CG  1 
ATOM   211  C CD  . PRO A 1 26  ? -11.684 -5.152  -14.459 1.00 18.05 ? 372 PRO A CD  1 
ATOM   212  N N   . VAL A 1 27  ? -8.543  -5.567  -10.999 1.00 15.23 ? 373 VAL A N   1 
ATOM   213  C CA  . VAL A 1 27  ? -8.238  -6.190  -9.727  1.00 14.47 ? 373 VAL A CA  1 
ATOM   214  C C   . VAL A 1 27  ? -7.823  -5.049  -8.809  1.00 13.85 ? 373 VAL A C   1 
ATOM   215  O O   . VAL A 1 27  ? -6.706  -4.546  -8.901  1.00 13.70 ? 373 VAL A O   1 
ATOM   216  C CB  . VAL A 1 27  ? -7.078  -7.201  -9.823  1.00 14.07 ? 373 VAL A CB  1 
ATOM   217  C CG1 . VAL A 1 27  ? -6.740  -7.708  -8.426  1.00 14.24 ? 373 VAL A CG1 1 
ATOM   218  C CG2 . VAL A 1 27  ? -7.469  -8.373  -10.721 1.00 13.87 ? 373 VAL A CG2 1 
ATOM   219  N N   . VAL A 1 28  ? -8.742  -4.631  -7.944  1.00 13.53 ? 374 VAL A N   1 
ATOM   220  C CA  . VAL A 1 28  ? -8.492  -3.547  -7.001  1.00 13.64 ? 374 VAL A CA  1 
ATOM   221  C C   . VAL A 1 28  ? -8.995  -4.002  -5.640  1.00 13.66 ? 374 VAL A C   1 
ATOM   222  O O   . VAL A 1 28  ? -10.166 -4.337  -5.491  1.00 13.71 ? 374 VAL A O   1 
ATOM   223  C CB  . VAL A 1 28  ? -9.248  -2.248  -7.401  1.00 13.92 ? 374 VAL A CB  1 
ATOM   224  C CG1 . VAL A 1 28  ? -8.892  -1.111  -6.433  1.00 13.54 ? 374 VAL A CG1 1 
ATOM   225  C CG2 . VAL A 1 28  ? -8.920  -1.858  -8.837  1.00 13.85 ? 374 VAL A CG2 1 
ATOM   226  N N   . ILE A 1 29  ? -8.105  -4.018  -4.655  1.00 13.43 ? 375 ILE A N   1 
ATOM   227  C CA  . ILE A 1 29  ? -8.466  -4.445  -3.311  1.00 14.37 ? 375 ILE A CA  1 
ATOM   228  C C   . ILE A 1 29  ? -7.870  -3.482  -2.299  1.00 14.17 ? 375 ILE A C   1 
ATOM   229  O O   . ILE A 1 29  ? -6.825  -2.887  -2.540  1.00 14.47 ? 375 ILE A O   1 
ATOM   230  C CB  . ILE A 1 29  ? -7.959  -5.876  -3.028  1.00 15.03 ? 375 ILE A CB  1 
ATOM   231  C CG1 . ILE A 1 29  ? -6.432  -5.925  -3.138  1.00 15.46 ? 375 ILE A CG1 1 
ATOM   232  C CG2 . ILE A 1 29  ? -8.570  -6.832  -4.053  1.00 16.09 ? 375 ILE A CG2 1 
ATOM   233  C CD1 . ILE A 1 29  ? -5.823  -7.287  -2.844  1.00 16.48 ? 375 ILE A CD1 1 
ATOM   234  N N   . HIS A 1 30  ? -8.540  -3.328  -1.167  1.00 13.97 ? 376 HIS A N   1 
ATOM   235  C CA  . HIS A 1 30  ? -8.075  -2.415  -0.130  1.00 13.83 ? 376 HIS A CA  1 
ATOM   236  C C   . HIS A 1 30  ? -7.852  -3.155  1.173   1.00 13.87 ? 376 HIS A C   1 
ATOM   237  O O   . HIS A 1 30  ? -8.472  -4.183  1.426   1.00 14.05 ? 376 HIS A O   1 
ATOM   238  C CB  . HIS A 1 30  ? -9.121  -1.323  0.108   1.00 13.93 ? 376 HIS A CB  1 
ATOM   239  C CG  . HIS A 1 30  ? -9.389  -0.465  -1.089  1.00 13.87 ? 376 HIS A CG  1 
ATOM   240  N ND1 . HIS A 1 30  ? -8.820  0.779   -1.257  1.00 14.43 ? 376 HIS A ND1 1 
ATOM   241  C CD2 . HIS A 1 30  ? -10.158 -0.678  -2.185  1.00 13.46 ? 376 HIS A CD2 1 
ATOM   242  C CE1 . HIS A 1 30  ? -9.226  1.296   -2.403  1.00 12.48 ? 376 HIS A CE1 1 
ATOM   243  N NE2 . HIS A 1 30  ? -10.036 0.431   -2.985  1.00 14.02 ? 376 HIS A NE2 1 
ATOM   244  N N   . SER A 1 31  ? -6.965  -2.624  2.001   1.00 13.59 ? 377 SER A N   1 
ATOM   245  C CA  . SER A 1 31  ? -6.715  -3.222  3.302   1.00 13.49 ? 377 SER A CA  1 
ATOM   246  C C   . SER A 1 31  ? -7.781  -2.664  4.221   1.00 13.75 ? 377 SER A C   1 
ATOM   247  O O   . SER A 1 31  ? -8.453  -1.691  3.885   1.00 13.54 ? 377 SER A O   1 
ATOM   248  C CB  . SER A 1 31  ? -5.355  -2.779  3.862   1.00 13.44 ? 377 SER A CB  1 
ATOM   249  O OG  . SER A 1 31  ? -5.387  -1.400  4.226   1.00 10.92 ? 377 SER A OG  1 
ATOM   250  N N   . PRO A 1 32  ? -7.994  -3.312  5.369   1.00 14.57 ? 378 PRO A N   1 
ATOM   251  C CA  . PRO A 1 32  ? -8.999  -2.745  6.269   1.00 14.75 ? 378 PRO A CA  1 
ATOM   252  C C   . PRO A 1 32  ? -8.397  -1.402  6.728   1.00 14.94 ? 378 PRO A C   1 
ATOM   253  O O   . PRO A 1 32  ? -7.184  -1.186  6.593   1.00 15.23 ? 378 PRO A O   1 
ATOM   254  C CB  . PRO A 1 32  ? -9.032  -3.757  7.417   1.00 14.72 ? 378 PRO A CB  1 
ATOM   255  C CG  . PRO A 1 32  ? -8.635  -5.069  6.737   1.00 14.75 ? 378 PRO A CG  1 
ATOM   256  C CD  . PRO A 1 32  ? -7.451  -4.569  5.912   1.00 14.85 ? 378 PRO A CD  1 
ATOM   257  N N   . GLY A 1 33  ? -9.218  -0.501  7.256   1.00 15.32 ? 379 GLY A N   1 
ATOM   258  C CA  . GLY A 1 33  ? -8.678  0.758   7.736   1.00 15.19 ? 379 GLY A CA  1 
ATOM   259  C C   . GLY A 1 33  ? -7.919  0.415   9.003   1.00 15.35 ? 379 GLY A C   1 
ATOM   260  O O   . GLY A 1 33  ? -8.369  -0.431  9.772   1.00 15.41 ? 379 GLY A O   1 
ATOM   261  N N   . PHE A 1 34  ? -6.767  1.034   9.219   1.00 14.92 ? 380 PHE A N   1 
ATOM   262  C CA  . PHE A 1 34  ? -5.988  0.748   10.416  1.00 14.90 ? 380 PHE A CA  1 
ATOM   263  C C   . PHE A 1 34  ? -5.446  2.039   11.004  1.00 14.74 ? 380 PHE A C   1 
ATOM   264  O O   . PHE A 1 34  ? -5.255  3.025   10.283  1.00 13.56 ? 380 PHE A O   1 
ATOM   265  C CB  . PHE A 1 34  ? -4.852  -0.231  10.085  1.00 15.02 ? 380 PHE A CB  1 
ATOM   266  C CG  . PHE A 1 34  ? -3.896  0.271   9.039   1.00 15.20 ? 380 PHE A CG  1 
ATOM   267  C CD1 . PHE A 1 34  ? -2.825  1.085   9.389   1.00 15.08 ? 380 PHE A CD1 1 
ATOM   268  C CD2 . PHE A 1 34  ? -4.072  -0.069  7.701   1.00 15.16 ? 380 PHE A CD2 1 
ATOM   269  C CE1 . PHE A 1 34  ? -1.937  1.555   8.425   1.00 15.69 ? 380 PHE A CE1 1 
ATOM   270  C CE2 . PHE A 1 34  ? -3.192  0.394   6.722   1.00 15.77 ? 380 PHE A CE2 1 
ATOM   271  C CZ  . PHE A 1 34  ? -2.121  1.210   7.087   1.00 16.08 ? 380 PHE A CZ  1 
ATOM   272  N N   . TYR A 1 35  ? -5.230  2.037   12.316  1.00 14.83 ? 381 TYR A N   1 
ATOM   273  C CA  . TYR A 1 35  ? -4.714  3.219   12.998  1.00 15.82 ? 381 TYR A CA  1 
ATOM   274  C C   . TYR A 1 35  ? -3.217  3.173   13.244  1.00 16.16 ? 381 TYR A C   1 
ATOM   275  O O   . TYR A 1 35  ? -2.652  2.127   13.564  1.00 16.23 ? 381 TYR A O   1 
ATOM   276  C CB  . TYR A 1 35  ? -5.445  3.447   14.321  1.00 16.66 ? 381 TYR A CB  1 
ATOM   277  C CG  . TYR A 1 35  ? -6.884  3.880   14.147  1.00 17.27 ? 381 TYR A CG  1 
ATOM   278  C CD1 . TYR A 1 35  ? -7.904  2.947   13.950  1.00 18.19 ? 381 TYR A CD1 1 
ATOM   279  C CD2 . TYR A 1 35  ? -7.220  5.236   14.154  1.00 17.51 ? 381 TYR A CD2 1 
ATOM   280  C CE1 . TYR A 1 35  ? -9.231  3.357   13.772  1.00 18.06 ? 381 TYR A CE1 1 
ATOM   281  C CE2 . TYR A 1 35  ? -8.534  5.656   13.976  1.00 17.85 ? 381 TYR A CE2 1 
ATOM   282  C CZ  . TYR A 1 35  ? -9.534  4.715   13.788  1.00 18.01 ? 381 TYR A CZ  1 
ATOM   283  O OH  . TYR A 1 35  ? -10.837 5.139   13.651  1.00 18.53 ? 381 TYR A OH  1 
ATOM   284  N N   . THR A 1 36  ? -2.574  4.324   13.093  1.00 15.71 ? 382 THR A N   1 
ATOM   285  C CA  . THR A 1 36  ? -1.135  4.409   13.279  1.00 15.96 ? 382 THR A CA  1 
ATOM   286  C C   . THR A 1 36  ? -0.774  4.369   14.758  1.00 16.08 ? 382 THR A C   1 
ATOM   287  O O   . THR A 1 36  ? 0.395   4.271   15.111  1.00 16.33 ? 382 THR A O   1 
ATOM   288  C CB  . THR A 1 36  ? -0.576  5.699   12.651  1.00 15.87 ? 382 THR A CB  1 
ATOM   289  O OG1 . THR A 1 36  ? -1.167  6.834   13.294  1.00 15.85 ? 382 THR A OG1 1 
ATOM   290  C CG2 . THR A 1 36  ? -0.897  5.748   11.160  1.00 15.66 ? 382 THR A CG2 1 
ATOM   291  N N   . GLY A 1 37  ? -1.798  4.419   15.604  1.00 16.39 ? 383 GLY A N   1 
ATOM   292  C CA  . GLY A 1 37  ? -1.607  4.399   17.045  1.00 17.07 ? 383 GLY A CA  1 
ATOM   293  C C   . GLY A 1 37  ? -2.847  4.957   17.724  1.00 17.25 ? 383 GLY A C   1 
ATOM   294  O O   . GLY A 1 37  ? -3.869  5.160   17.074  1.00 17.28 ? 383 GLY A O   1 
ATOM   295  N N   . LYS A 1 38  ? -2.775  5.199   19.026  1.00 17.33 ? 384 LYS A N   1 
ATOM   296  C CA  . LYS A 1 38  ? -3.916  5.756   19.749  1.00 17.44 ? 384 LYS A CA  1 
ATOM   297  C C   . LYS A 1 38  ? -3.435  6.869   20.676  1.00 17.32 ? 384 LYS A C   1 
ATOM   298  O O   . LYS A 1 38  ? -2.815  6.606   21.706  1.00 17.35 ? 384 LYS A O   1 
ATOM   299  C CB  . LYS A 1 38  ? -4.631  4.671   20.568  1.00 17.73 ? 384 LYS A CB  1 
ATOM   300  C CG  . LYS A 1 38  ? -5.939  5.136   21.227  1.00 18.52 ? 384 LYS A CG  1 
ATOM   301  C CD  . LYS A 1 38  ? -6.592  4.002   22.014  1.00 20.07 ? 384 LYS A CD  1 
ATOM   302  C CE  . LYS A 1 38  ? -7.956  4.386   22.587  1.00 20.85 ? 384 LYS A CE  1 
ATOM   303  N NZ  . LYS A 1 38  ? -7.895  5.561   23.497  1.00 22.48 ? 384 LYS A NZ  1 
ATOM   304  N N   . PRO A 1 39  ? -3.696  8.133   20.306  1.00 17.01 ? 385 PRO A N   1 
ATOM   305  C CA  . PRO A 1 39  ? -4.402  8.530   19.088  1.00 16.52 ? 385 PRO A CA  1 
ATOM   306  C C   . PRO A 1 39  ? -3.516  8.285   17.872  1.00 15.89 ? 385 PRO A C   1 
ATOM   307  O O   . PRO A 1 39  ? -2.289  8.260   17.982  1.00 16.13 ? 385 PRO A O   1 
ATOM   308  C CB  . PRO A 1 39  ? -4.662  10.012  19.328  1.00 16.87 ? 385 PRO A CB  1 
ATOM   309  C CG  . PRO A 1 39  ? -3.409  10.418  20.047  1.00 16.97 ? 385 PRO A CG  1 
ATOM   310  C CD  . PRO A 1 39  ? -3.357  9.327   21.100  1.00 17.17 ? 385 PRO A CD  1 
ATOM   311  N N   . GLY A 1 40  ? -4.142  8.108   16.716  1.00 14.88 ? 386 GLY A N   1 
ATOM   312  C CA  . GLY A 1 40  ? -3.387  7.874   15.500  1.00 13.63 ? 386 GLY A CA  1 
ATOM   313  C C   . GLY A 1 40  ? -4.262  8.093   14.285  1.00 12.94 ? 386 GLY A C   1 
ATOM   314  O O   . GLY A 1 40  ? -5.479  8.223   14.411  1.00 12.92 ? 386 GLY A O   1 
ATOM   315  N N   . TYR A 1 41  ? -3.650  8.145   13.109  1.00 12.59 ? 387 TYR A N   1 
ATOM   316  C CA  . TYR A 1 41  ? -4.414  8.347   11.887  1.00 12.84 ? 387 TYR A CA  1 
ATOM   317  C C   . TYR A 1 41  ? -4.991  7.031   11.412  1.00 12.85 ? 387 TYR A C   1 
ATOM   318  O O   . TYR A 1 41  ? -4.391  5.970   11.615  1.00 12.51 ? 387 TYR A O   1 
ATOM   319  C CB  . TYR A 1 41  ? -3.539  8.893   10.754  1.00 12.54 ? 387 TYR A CB  1 
ATOM   320  C CG  . TYR A 1 41  ? -2.849  10.196  11.051  1.00 13.14 ? 387 TYR A CG  1 
ATOM   321  C CD1 . TYR A 1 41  ? -1.682  10.228  11.814  1.00 13.69 ? 387 TYR A CD1 1 
ATOM   322  C CD2 . TYR A 1 41  ? -3.390  11.405  10.618  1.00 13.44 ? 387 TYR A CD2 1 
ATOM   323  C CE1 . TYR A 1 41  ? -1.068  11.426  12.143  1.00 13.94 ? 387 TYR A CE1 1 
ATOM   324  C CE2 . TYR A 1 41  ? -2.784  12.617  10.943  1.00 13.06 ? 387 TYR A CE2 1 
ATOM   325  C CZ  . TYR A 1 41  ? -1.624  12.620  11.706  1.00 13.82 ? 387 TYR A CZ  1 
ATOM   326  O OH  . TYR A 1 41  ? -1.031  13.818  12.034  1.00 13.85 ? 387 TYR A OH  1 
ATOM   327  N N   . LYS A 1 42  ? -6.157  7.106   10.778  1.00 12.92 ? 388 LYS A N   1 
ATOM   328  C CA  . LYS A 1 42  ? -6.779  5.926   10.204  1.00 13.26 ? 388 LYS A CA  1 
ATOM   329  C C   . LYS A 1 42  ? -6.373  5.986   8.738   1.00 13.22 ? 388 LYS A C   1 
ATOM   330  O O   . LYS A 1 42  ? -6.608  6.990   8.057   1.00 12.84 ? 388 LYS A O   1 
ATOM   331  C CB  . LYS A 1 42  ? -8.303  5.983   10.307  1.00 14.23 ? 388 LYS A CB  1 
ATOM   332  C CG  . LYS A 1 42  ? -8.987  4.720   9.811   1.00 15.96 ? 388 LYS A CG  1 
ATOM   333  C CD  . LYS A 1 42  ? -10.504 4.846   9.900   1.00 16.95 ? 388 LYS A CD  1 
ATOM   334  C CE  . LYS A 1 42  ? -11.189 3.553   9.486   1.00 18.17 ? 388 LYS A CE  1 
ATOM   335  N NZ  . LYS A 1 42  ? -12.682 3.631   9.589   1.00 19.29 ? 388 LYS A NZ  1 
ATOM   336  N N   . LEU A 1 43  ? -5.755  4.922   8.253   1.00 13.07 ? 389 LEU A N   1 
ATOM   337  C CA  . LEU A 1 43  ? -5.318  4.876   6.867   1.00 12.93 ? 389 LEU A CA  1 
ATOM   338  C C   . LEU A 1 43  ? -5.707  3.524   6.302   1.00 12.64 ? 389 LEU A C   1 
ATOM   339  O O   . LEU A 1 43  ? -6.093  2.622   7.043   1.00 12.29 ? 389 LEU A O   1 
ATOM   340  C CB  . LEU A 1 43  ? -3.793  4.973   6.788   1.00 13.61 ? 389 LEU A CB  1 
ATOM   341  C CG  . LEU A 1 43  ? -3.031  6.093   7.489   1.00 13.86 ? 389 LEU A CG  1 
ATOM   342  C CD1 . LEU A 1 43  ? -1.545  5.783   7.436   1.00 14.03 ? 389 LEU A CD1 1 
ATOM   343  C CD2 . LEU A 1 43  ? -3.320  7.423   6.823   1.00 13.71 ? 389 LEU A CD2 1 
ATOM   344  N N   . CYS A 1 44  ? -5.612  3.390   4.984   1.00 12.61 ? 390 CYS A N   1 
ATOM   345  C CA  . CYS A 1 44  ? -5.850  2.098   4.359   1.00 12.83 ? 390 CYS A CA  1 
ATOM   346  C C   . CYS A 1 44  ? -4.973  2.037   3.121   1.00 13.07 ? 390 CYS A C   1 
ATOM   347  O O   . CYS A 1 44  ? -4.569  3.070   2.571   1.00 13.43 ? 390 CYS A O   1 
ATOM   348  C CB  . CYS A 1 44  ? -7.325  1.883   3.981   1.00 13.31 ? 390 CYS A CB  1 
ATOM   349  S SG  . CYS A 1 44  ? -7.940  2.800   2.541   1.00 14.73 ? 390 CYS A SG  1 
ATOM   350  N N   . MET A 1 45  ? -4.633  0.829   2.708   1.00 12.16 ? 391 MET A N   1 
ATOM   351  C CA  . MET A 1 45  ? -3.820  0.672   1.526   1.00 12.39 ? 391 MET A CA  1 
ATOM   352  C C   . MET A 1 45  ? -4.702  0.239   0.382   1.00 12.62 ? 391 MET A C   1 
ATOM   353  O O   . MET A 1 45  ? -5.757  -0.368  0.579   1.00 12.13 ? 391 MET A O   1 
ATOM   354  C CB  . MET A 1 45  ? -2.713  -0.355  1.745   1.00 11.84 ? 391 MET A CB  1 
ATOM   355  C CG  . MET A 1 45  ? -1.507  0.196   2.501   1.00 12.64 ? 391 MET A CG  1 
ATOM   356  S SD  . MET A 1 45  ? -0.286  -1.076  2.765   1.00 12.65 ? 391 MET A SD  1 
ATOM   357  C CE  . MET A 1 45  ? -1.144  -2.038  4.010   1.00 13.17 ? 391 MET A CE  1 
ATOM   358  N N   . ARG A 1 46  ? -4.243  0.561   -0.815  1.00 13.15 ? 392 ARG A N   1 
ATOM   359  C CA  . ARG A 1 46  ? -4.930  0.247   -2.054  1.00 13.70 ? 392 ARG A CA  1 
ATOM   360  C C   . ARG A 1 46  ? -3.957  -0.502  -2.949  1.00 13.11 ? 392 ARG A C   1 
ATOM   361  O O   . ARG A 1 46  ? -2.874  0.003   -3.235  1.00 12.77 ? 392 ARG A O   1 
ATOM   362  C CB  . ARG A 1 46  ? -5.336  1.550   -2.734  1.00 15.04 ? 392 ARG A CB  1 
ATOM   363  C CG  . ARG A 1 46  ? -5.864  1.424   -4.151  1.00 19.05 ? 392 ARG A CG  1 
ATOM   364  C CD  . ARG A 1 46  ? -6.027  2.845   -4.677  1.00 21.84 ? 392 ARG A CD  1 
ATOM   365  N NE  . ARG A 1 46  ? -6.839  2.952   -5.878  1.00 25.78 ? 392 ARG A NE  1 
ATOM   366  C CZ  . ARG A 1 46  ? -8.060  2.441   -6.000  1.00 25.40 ? 392 ARG A CZ  1 
ATOM   367  N NH1 . ARG A 1 46  ? -8.612  1.783   -5.000  1.00 27.51 ? 392 ARG A NH1 1 
ATOM   368  N NH2 . ARG A 1 46  ? -8.747  2.625   -7.109  1.00 26.46 ? 392 ARG A NH2 1 
ATOM   369  N N   . LEU A 1 47  ? -4.332  -1.707  -3.371  1.00 12.31 ? 393 LEU A N   1 
ATOM   370  C CA  . LEU A 1 47  ? -3.489  -2.480  -4.274  1.00 13.05 ? 393 LEU A CA  1 
ATOM   371  C C   . LEU A 1 47  ? -4.243  -2.738  -5.575  1.00 12.73 ? 393 LEU A C   1 
ATOM   372  O O   . LEU A 1 47  ? -5.388  -3.188  -5.572  1.00 13.06 ? 393 LEU A O   1 
ATOM   373  C CB  . LEU A 1 47  ? -3.047  -3.799  -3.631  1.00 12.43 ? 393 LEU A CB  1 
ATOM   374  C CG  . LEU A 1 47  ? -2.168  -4.705  -4.507  1.00 13.79 ? 393 LEU A CG  1 
ATOM   375  C CD1 . LEU A 1 47  ? -1.136  -5.429  -3.652  1.00 14.03 ? 393 LEU A CD1 1 
ATOM   376  C CD2 . LEU A 1 47  ? -3.033  -5.678  -5.283  1.00 12.93 ? 393 LEU A CD2 1 
ATOM   377  N N   . HIS A 1 48  ? -3.582  -2.423  -6.681  1.00 13.82 ? 394 HIS A N   1 
ATOM   378  C CA  . HIS A 1 48  ? -4.113  -2.581  -8.034  1.00 15.47 ? 394 HIS A CA  1 
ATOM   379  C C   . HIS A 1 48  ? -3.223  -3.544  -8.802  1.00 15.33 ? 394 HIS A C   1 
ATOM   380  O O   . HIS A 1 48  ? -2.011  -3.425  -8.723  1.00 15.75 ? 394 HIS A O   1 
ATOM   381  C CB  . HIS A 1 48  ? -3.986  -1.271  -8.821  1.00 17.56 ? 394 HIS A CB  1 
ATOM   382  C CG  . HIS A 1 48  ? -5.198  -0.404  -8.826  1.00 19.61 ? 394 HIS A CG  1 
ATOM   383  N ND1 . HIS A 1 48  ? -5.757  0.113   -7.680  1.00 21.18 ? 394 HIS A ND1 1 
ATOM   384  C CD2 . HIS A 1 48  ? -5.898  0.127   -9.859  1.00 20.37 ? 394 HIS A CD2 1 
ATOM   385  C CE1 . HIS A 1 48  ? -6.744  0.928   -8.005  1.00 21.54 ? 394 HIS A CE1 1 
ATOM   386  N NE2 . HIS A 1 48  ? -6.851  0.955   -9.320  1.00 22.29 ? 394 HIS A NE2 1 
ATOM   387  N N   . LEU A 1 49  ? -3.800  -4.489  -9.532  1.00 15.47 ? 395 LEU A N   1 
ATOM   388  C CA  . LEU A 1 49  ? -2.981  -5.317  -10.399 1.00 15.45 ? 395 LEU A CA  1 
ATOM   389  C C   . LEU A 1 49  ? -3.313  -4.703  -11.755 1.00 15.98 ? 395 LEU A C   1 
ATOM   390  O O   . LEU A 1 49  ? -4.421  -4.870  -12.256 1.00 16.03 ? 395 LEU A O   1 
ATOM   391  C CB  . LEU A 1 49  ? -3.391  -6.796  -10.391 1.00 15.27 ? 395 LEU A CB  1 
ATOM   392  C CG  . LEU A 1 49  ? -3.182  -7.596  -9.103  1.00 15.36 ? 395 LEU A CG  1 
ATOM   393  C CD1 . LEU A 1 49  ? -3.342  -9.081  -9.417  1.00 15.62 ? 395 LEU A CD1 1 
ATOM   394  C CD2 . LEU A 1 49  ? -1.797  -7.348  -8.557  1.00 15.27 ? 395 LEU A CD2 1 
ATOM   395  N N   . GLN A 1 50  ? -2.376  -3.955  -12.326 1.00 17.02 ? 396 GLN A N   1 
ATOM   396  C CA  . GLN A 1 50  ? -2.618  -3.323  -13.615 1.00 18.20 ? 396 GLN A CA  1 
ATOM   397  C C   . GLN A 1 50  ? -2.841  -4.403  -14.677 1.00 18.18 ? 396 GLN A C   1 
ATOM   398  O O   . GLN A 1 50  ? -2.265  -5.491  -14.590 1.00 17.95 ? 396 GLN A O   1 
ATOM   399  C CB  . GLN A 1 50  ? -1.424  -2.437  -13.990 1.00 19.26 ? 396 GLN A CB  1 
ATOM   400  C CG  . GLN A 1 50  ? -1.206  -1.274  -13.018 1.00 20.94 ? 396 GLN A CG  1 
ATOM   401  C CD  . GLN A 1 50  ? -2.336  -0.253  -13.044 1.00 21.66 ? 396 GLN A CD  1 
ATOM   402  O OE1 . GLN A 1 50  ? -2.428  0.604   -12.167 1.00 23.34 ? 396 GLN A OE1 1 
ATOM   403  N NE2 . GLN A 1 50  ? -3.187  -0.326  -14.053 1.00 22.51 ? 396 GLN A NE2 1 
ATOM   404  N N   . LEU A 1 51  ? -3.679  -4.104  -15.671 1.00 18.08 ? 397 LEU A N   1 
ATOM   405  C CA  . LEU A 1 51  ? -3.987  -5.040  -16.770 1.00 18.42 ? 397 LEU A CA  1 
ATOM   406  C C   . LEU A 1 51  ? -2.742  -5.438  -17.533 1.00 17.94 ? 397 LEU A C   1 
ATOM   407  O O   . LEU A 1 51  ? -1.753  -4.712  -17.535 1.00 17.84 ? 397 LEU A O   1 
ATOM   408  C CB  . LEU A 1 51  ? -4.990  -4.421  -17.743 1.00 19.18 ? 397 LEU A CB  1 
ATOM   409  C CG  . LEU A 1 51  ? -6.409  -4.137  -17.262 1.00 20.30 ? 397 LEU A CG  1 
ATOM   410  C CD1 . LEU A 1 51  ? -7.170  -3.454  -18.374 1.00 21.17 ? 397 LEU A CD1 1 
ATOM   411  C CD2 . LEU A 1 51  ? -7.096  -5.426  -16.868 1.00 21.01 ? 397 LEU A CD2 1 
ATOM   412  N N   . PRO A 1 52  ? -2.771  -6.603  -18.195 1.00 18.22 ? 398 PRO A N   1 
ATOM   413  C CA  . PRO A 1 52  ? -1.619  -7.078  -18.956 1.00 18.81 ? 398 PRO A CA  1 
ATOM   414  C C   . PRO A 1 52  ? -1.346  -6.139  -20.119 1.00 19.51 ? 398 PRO A C   1 
ATOM   415  O O   . PRO A 1 52  ? -0.236  -6.086  -20.647 1.00 19.14 ? 398 PRO A O   1 
ATOM   416  C CB  . PRO A 1 52  ? -2.085  -8.468  -19.401 1.00 18.35 ? 398 PRO A CB  1 
ATOM   417  C CG  . PRO A 1 52  ? -3.063  -8.859  -18.290 1.00 18.45 ? 398 PRO A CG  1 
ATOM   418  C CD  . PRO A 1 52  ? -3.861  -7.588  -18.293 1.00 18.43 ? 398 PRO A CD  1 
ATOM   419  N N   . THR A 1 53  ? -2.362  -5.356  -20.449 1.00 20.60 ? 399 THR A N   1 
ATOM   420  C CA  . THR A 1 53  ? -2.315  -4.438  -21.565 1.00 22.40 ? 399 THR A CA  1 
ATOM   421  C C   . THR A 1 53  ? -2.156  -2.951  -21.248 1.00 24.31 ? 399 THR A C   1 
ATOM   422  O O   . THR A 1 53  ? -2.131  -2.137  -22.170 1.00 24.70 ? 399 THR A O   1 
ATOM   423  C CB  . THR A 1 53  ? -3.577  -4.595  -22.409 1.00 22.36 ? 399 THR A CB  1 
ATOM   424  O OG1 . THR A 1 53  ? -4.714  -4.210  -21.628 1.00 22.31 ? 399 THR A OG1 1 
ATOM   425  C CG2 . THR A 1 53  ? -3.756  -6.046  -22.851 1.00 21.62 ? 399 THR A CG2 1 
ATOM   426  N N   . ALA A 1 54  ? -2.048  -2.583  -19.973 1.00 25.87 ? 400 ALA A N   1 
ATOM   427  C CA  . ALA A 1 54  ? -1.900  -1.170  -19.605 1.00 28.09 ? 400 ALA A CA  1 
ATOM   428  C C   . ALA A 1 54  ? -0.550  -0.665  -20.129 1.00 29.55 ? 400 ALA A C   1 
ATOM   429  O O   . ALA A 1 54  ? 0.485   -1.114  -19.670 1.00 30.45 ? 400 ALA A O   1 
ATOM   430  C CB  . ALA A 1 54  ? -1.978  -1.026  -18.091 1.00 27.88 ? 400 ALA A CB  1 
ATOM   431  N N   . GLN A 1 55  ? -0.546  0.279   -21.067 1.00 31.16 ? 401 GLN A N   1 
ATOM   432  C CA  . GLN A 1 55  ? 0.740   0.727   -21.614 1.00 32.39 ? 401 GLN A CA  1 
ATOM   433  C C   . GLN A 1 55  ? 1.747   1.351   -20.647 1.00 32.58 ? 401 GLN A C   1 
ATOM   434  O O   . GLN A 1 55  ? 2.875   0.866   -20.546 1.00 33.35 ? 401 GLN A O   1 
ATOM   435  C CB  . GLN A 1 55  ? 0.549   1.667   -22.798 1.00 33.29 ? 401 GLN A CB  1 
ATOM   436  C CG  . GLN A 1 55  ? -0.078  0.953   -23.980 1.00 34.47 ? 401 GLN A CG  1 
ATOM   437  C CD  . GLN A 1 55  ? 0.704   -0.300  -24.417 1.00 35.08 ? 401 GLN A CD  1 
ATOM   438  O OE1 . GLN A 1 55  ? 1.284   -1.014  -23.594 1.00 34.97 ? 401 GLN A OE1 1 
ATOM   439  N NE2 . GLN A 1 55  ? 0.722   -0.560  -25.725 1.00 35.65 ? 401 GLN A NE2 1 
ATOM   440  N N   . ARG A 1 56  ? 1.398   2.435   -19.961 1.00 32.30 ? 402 ARG A N   1 
ATOM   441  C CA  . ARG A 1 56  ? 2.378   2.994   -19.025 1.00 31.70 ? 402 ARG A CA  1 
ATOM   442  C C   . ARG A 1 56  ? 2.836   1.949   -18.002 1.00 30.14 ? 402 ARG A C   1 
ATOM   443  O O   . ARG A 1 56  ? 4.024   1.850   -17.697 1.00 30.91 ? 402 ARG A O   1 
ATOM   444  C CB  . ARG A 1 56  ? 1.830   4.199   -18.238 1.00 32.98 ? 402 ARG A CB  1 
ATOM   445  C CG  . ARG A 1 56  ? 2.100   5.552   -18.859 1.00 34.84 ? 402 ARG A CG  1 
ATOM   446  C CD  . ARG A 1 56  ? 1.147   5.878   -19.968 1.00 36.07 ? 402 ARG A CD  1 
ATOM   447  N NE  . ARG A 1 56  ? -0.197  6.070   -19.441 1.00 37.38 ? 402 ARG A NE  1 
ATOM   448  C CZ  . ARG A 1 56  ? -1.243  6.383   -20.192 1.00 37.92 ? 402 ARG A CZ  1 
ATOM   449  N NH1 . ARG A 1 56  ? -1.112  6.537   -21.505 1.00 38.21 ? 402 ARG A NH1 1 
ATOM   450  N NH2 . ARG A 1 56  ? -2.422  6.583   -19.629 1.00 38.67 ? 402 ARG A NH2 1 
ATOM   451  N N   . CYS A 1 57  ? 1.902   1.154   -17.486 1.00 27.62 ? 403 CYS A N   1 
ATOM   452  C CA  . CYS A 1 57  ? 2.234   0.183   -16.429 1.00 25.24 ? 403 CYS A CA  1 
ATOM   453  C C   . CYS A 1 57  ? 1.714   -1.259  -16.518 1.00 23.41 ? 403 CYS A C   1 
ATOM   454  O O   . CYS A 1 57  ? 1.233   -1.803  -15.515 1.00 22.38 ? 403 CYS A O   1 
ATOM   455  C CB  . CYS A 1 57  ? 1.743   0.743   -15.102 1.00 25.50 ? 403 CYS A CB  1 
ATOM   456  S SG  . CYS A 1 57  ? -0.010  1.169   -15.243 1.00 27.07 ? 403 CYS A SG  1 
ATOM   457  N N   . ALA A 1 58  ? 1.826   -1.896  -17.674 1.00 21.21 ? 404 ALA A N   1 
ATOM   458  C CA  . ALA A 1 58  ? 1.340   -3.262  -17.807 1.00 19.30 ? 404 ALA A CA  1 
ATOM   459  C C   . ALA A 1 58  ? 1.972   -4.278  -16.857 1.00 17.58 ? 404 ALA A C   1 
ATOM   460  O O   . ALA A 1 58  ? 3.182   -4.300  -16.669 1.00 16.61 ? 404 ALA A O   1 
ATOM   461  C CB  . ALA A 1 58  ? 1.524   -3.734  -19.245 1.00 19.45 ? 404 ALA A CB  1 
ATOM   462  N N   . ASN A 1 59  ? 1.127   -5.123  -16.272 1.00 16.45 ? 405 ASN A N   1 
ATOM   463  C CA  . ASN A 1 59  ? 1.565   -6.207  -15.391 1.00 15.33 ? 405 ASN A CA  1 
ATOM   464  C C   . ASN A 1 59  ? 2.258   -5.797  -14.085 1.00 14.76 ? 405 ASN A C   1 
ATOM   465  O O   . ASN A 1 59  ? 3.061   -6.559  -13.539 1.00 13.79 ? 405 ASN A O   1 
ATOM   466  C CB  . ASN A 1 59  ? 2.476   -7.150  -16.187 1.00 14.68 ? 405 ASN A CB  1 
ATOM   467  C CG  . ASN A 1 59  ? 1.724   -7.930  -17.267 1.00 15.47 ? 405 ASN A CG  1 
ATOM   468  O OD1 . ASN A 1 59  ? 2.232   -8.119  -18.375 1.00 15.37 ? 405 ASN A OD1 1 
ATOM   469  N ND2 . ASN A 1 59  ? 0.528   -8.406  -16.943 1.00 13.88 ? 405 ASN A ND2 1 
ATOM   470  N N   . TYR A 1 60  ? 1.936   -4.613  -13.577 1.00 14.61 ? 406 TYR A N   1 
ATOM   471  C CA  . TYR A 1 60  ? 2.511   -4.149  -12.325 1.00 14.49 ? 406 TYR A CA  1 
ATOM   472  C C   . TYR A 1 60  ? 1.542   -4.191  -11.162 1.00 14.11 ? 406 TYR A C   1 
ATOM   473  O O   . TYR A 1 60  ? 0.327   -4.147  -11.332 1.00 14.15 ? 406 TYR A O   1 
ATOM   474  C CB  . TYR A 1 60  ? 3.004   -2.702  -12.432 1.00 14.70 ? 406 TYR A CB  1 
ATOM   475  C CG  . TYR A 1 60  ? 4.418   -2.537  -12.921 1.00 14.84 ? 406 TYR A CG  1 
ATOM   476  C CD1 . TYR A 1 60  ? 4.697   -2.373  -14.275 1.00 15.06 ? 406 TYR A CD1 1 
ATOM   477  C CD2 . TYR A 1 60  ? 5.486   -2.550  -12.019 1.00 14.95 ? 406 TYR A CD2 1 
ATOM   478  C CE1 . TYR A 1 60  ? 6.001   -2.221  -14.726 1.00 15.44 ? 406 TYR A CE1 1 
ATOM   479  C CE2 . TYR A 1 60  ? 6.798   -2.399  -12.461 1.00 15.80 ? 406 TYR A CE2 1 
ATOM   480  C CZ  . TYR A 1 60  ? 7.043   -2.236  -13.820 1.00 15.69 ? 406 TYR A CZ  1 
ATOM   481  O OH  . TYR A 1 60  ? 8.330   -2.093  -14.281 1.00 16.06 ? 406 TYR A OH  1 
ATOM   482  N N   . ILE A 1 61  ? 2.109   -4.276  -9.970  1.00 13.90 ? 407 ILE A N   1 
ATOM   483  C CA  . ILE A 1 61  ? 1.316   -4.217  -8.758  1.00 13.30 ? 407 ILE A CA  1 
ATOM   484  C C   . ILE A 1 61  ? 1.458   -2.743  -8.396  1.00 12.60 ? 407 ILE A C   1 
ATOM   485  O O   . ILE A 1 61  ? 2.577   -2.223  -8.384  1.00 12.65 ? 407 ILE A O   1 
ATOM   486  C CB  . ILE A 1 61  ? 1.925   -5.051  -7.617  1.00 13.63 ? 407 ILE A CB  1 
ATOM   487  C CG1 . ILE A 1 61  ? 1.855   -6.537  -7.966  1.00 14.16 ? 407 ILE A CG1 1 
ATOM   488  C CG2 . ILE A 1 61  ? 1.191   -4.743  -6.307  1.00 14.38 ? 407 ILE A CG2 1 
ATOM   489  C CD1 . ILE A 1 61  ? 2.562   -7.430  -6.976  1.00 13.60 ? 407 ILE A CD1 1 
ATOM   490  N N   . SER A 1 62  ? 0.339   -2.064  -8.158  1.00 12.38 ? 408 SER A N   1 
ATOM   491  C CA  . SER A 1 62  ? 0.359   -0.656  -7.767  1.00 12.38 ? 408 SER A CA  1 
ATOM   492  C C   . SER A 1 62  ? -0.004  -0.659  -6.287  1.00 12.68 ? 408 SER A C   1 
ATOM   493  O O   . SER A 1 62  ? -0.847  -1.450  -5.864  1.00 12.54 ? 408 SER A O   1 
ATOM   494  C CB  . SER A 1 62  ? -0.684  0.149   -8.556  1.00 12.21 ? 408 SER A CB  1 
ATOM   495  O OG  . SER A 1 62  ? -0.451  0.064   -9.956  1.00 12.97 ? 408 SER A OG  1 
ATOM   496  N N   . LEU A 1 63  ? 0.624   0.207   -5.499  1.00 12.36 ? 409 LEU A N   1 
ATOM   497  C CA  . LEU A 1 63  ? 0.341   0.252   -4.068  1.00 12.65 ? 409 LEU A CA  1 
ATOM   498  C C   . LEU A 1 63  ? 0.227   1.705   -3.615  1.00 13.04 ? 409 LEU A C   1 
ATOM   499  O O   . LEU A 1 63  ? 1.177   2.470   -3.760  1.00 12.79 ? 409 LEU A O   1 
ATOM   500  C CB  . LEU A 1 63  ? 1.483   -0.396  -3.293  1.00 13.09 ? 409 LEU A CB  1 
ATOM   501  C CG  . LEU A 1 63  ? 1.195   -1.388  -2.161  1.00 14.73 ? 409 LEU A CG  1 
ATOM   502  C CD1 . LEU A 1 63  ? 2.412   -1.407  -1.249  1.00 13.20 ? 409 LEU A CD1 1 
ATOM   503  C CD2 . LEU A 1 63  ? -0.054  -1.023  -1.385  1.00 14.18 ? 409 LEU A CD2 1 
ATOM   504  N N   . PHE A 1 64  ? -0.925  2.079   -3.063  1.00 13.32 ? 410 PHE A N   1 
ATOM   505  C CA  . PHE A 1 64  ? -1.134  3.441   -2.578  1.00 13.61 ? 410 PHE A CA  1 
ATOM   506  C C   . PHE A 1 64  ? -1.652  3.481   -1.147  1.00 13.24 ? 410 PHE A C   1 
ATOM   507  O O   . PHE A 1 64  ? -2.109  2.477   -0.605  1.00 13.05 ? 410 PHE A O   1 
ATOM   508  C CB  . PHE A 1 64  ? -2.124  4.215   -3.469  1.00 14.69 ? 410 PHE A CB  1 
ATOM   509  C CG  . PHE A 1 64  ? -1.580  4.570   -4.825  1.00 16.54 ? 410 PHE A CG  1 
ATOM   510  C CD1 . PHE A 1 64  ? -1.446  3.605   -5.812  1.00 17.89 ? 410 PHE A CD1 1 
ATOM   511  C CD2 . PHE A 1 64  ? -1.147  5.866   -5.091  1.00 18.06 ? 410 PHE A CD2 1 
ATOM   512  C CE1 . PHE A 1 64  ? -0.884  3.920   -7.047  1.00 18.76 ? 410 PHE A CE1 1 
ATOM   513  C CE2 . PHE A 1 64  ? -0.582  6.194   -6.321  1.00 18.82 ? 410 PHE A CE2 1 
ATOM   514  C CZ  . PHE A 1 64  ? -0.449  5.214   -7.303  1.00 18.54 ? 410 PHE A CZ  1 
ATOM   515  N N   . VAL A 1 65  ? -1.565  4.663   -0.546  1.00 13.04 ? 411 VAL A N   1 
ATOM   516  C CA  . VAL A 1 65  ? -2.051  4.899   0.808   1.00 13.19 ? 411 VAL A CA  1 
ATOM   517  C C   . VAL A 1 65  ? -3.103  6.007   0.765   1.00 12.95 ? 411 VAL A C   1 
ATOM   518  O O   . VAL A 1 65  ? -2.964  6.993   0.030   1.00 12.82 ? 411 VAL A O   1 
ATOM   519  C CB  . VAL A 1 65  ? -0.907  5.323   1.757   1.00 13.28 ? 411 VAL A CB  1 
ATOM   520  C CG1 . VAL A 1 65  ? -1.477  5.787   3.105   1.00 14.35 ? 411 VAL A CG1 1 
ATOM   521  C CG2 . VAL A 1 65  ? 0.040   4.147   1.964   1.00 13.66 ? 411 VAL A CG2 1 
ATOM   522  N N   . HIS A 1 66  ? -4.157  5.824   1.550   1.00 12.89 ? 412 HIS A N   1 
ATOM   523  C CA  . HIS A 1 66  ? -5.258  6.781   1.641   1.00 12.85 ? 412 HIS A CA  1 
ATOM   524  C C   . HIS A 1 66  ? -5.482  7.150   3.097   1.00 13.16 ? 412 HIS A C   1 
ATOM   525  O O   . HIS A 1 66  ? -5.411  6.288   3.975   1.00 12.06 ? 412 HIS A O   1 
ATOM   526  C CB  . HIS A 1 66  ? -6.572  6.159   1.149   1.00 13.49 ? 412 HIS A CB  1 
ATOM   527  C CG  . HIS A 1 66  ? -6.650  5.952   -0.333  1.00 15.05 ? 412 HIS A CG  1 
ATOM   528  N ND1 . HIS A 1 66  ? -6.971  6.964   -1.212  1.00 15.61 ? 412 HIS A ND1 1 
ATOM   529  C CD2 . HIS A 1 66  ? -6.474  4.841   -1.086  1.00 15.58 ? 412 HIS A CD2 1 
ATOM   530  C CE1 . HIS A 1 66  ? -6.989  6.483   -2.443  1.00 16.76 ? 412 HIS A CE1 1 
ATOM   531  N NE2 . HIS A 1 66  ? -6.691  5.197   -2.394  1.00 15.46 ? 412 HIS A NE2 1 
ATOM   532  N N   . THR A 1 67  ? -5.747  8.428   3.353   1.00 13.00 ? 413 THR A N   1 
ATOM   533  C CA  . THR A 1 67  ? -6.075  8.855   4.702   1.00 13.03 ? 413 THR A CA  1 
ATOM   534  C C   . THR A 1 67  ? -7.573  8.613   4.789   1.00 13.31 ? 413 THR A C   1 
ATOM   535  O O   . THR A 1 67  ? -8.259  8.610   3.768   1.00 13.09 ? 413 THR A O   1 
ATOM   536  C CB  . THR A 1 67  ? -5.789  10.362  4.942   1.00 13.23 ? 413 THR A CB  1 
ATOM   537  O OG1 . THR A 1 67  ? -6.368  11.142  3.887   1.00 13.06 ? 413 THR A OG1 1 
ATOM   538  C CG2 . THR A 1 67  ? -4.293  10.614  5.029   1.00 13.06 ? 413 THR A CG2 1 
ATOM   539  N N   . MET A 1 68  ? -8.083  8.393   5.993   1.00 13.25 ? 414 MET A N   1 
ATOM   540  C CA  . MET A 1 68  ? -9.509  8.160   6.176   1.00 14.26 ? 414 MET A CA  1 
ATOM   541  C C   . MET A 1 68  ? -9.950  8.941   7.399   1.00 14.24 ? 414 MET A C   1 
ATOM   542  O O   . MET A 1 68  ? -9.111  9.376   8.180   1.00 14.07 ? 414 MET A O   1 
ATOM   543  C CB  . MET A 1 68  ? -9.791  6.675   6.422   1.00 14.63 ? 414 MET A CB  1 
ATOM   544  C CG  . MET A 1 68  ? -9.272  5.727   5.357   1.00 15.71 ? 414 MET A CG  1 
ATOM   545  S SD  . MET A 1 68  ? -9.749  4.002   5.690   1.00 16.32 ? 414 MET A SD  1 
ATOM   546  C CE  . MET A 1 68  ? -11.514 4.077   5.415   1.00 16.77 ? 414 MET A CE  1 
ATOM   547  N N   . GLN A 1 69  ? -11.256 9.126   7.564   1.00 14.85 ? 415 GLN A N   1 
ATOM   548  C CA  . GLN A 1 69  ? -11.754 9.830   8.741   1.00 15.30 ? 415 GLN A CA  1 
ATOM   549  C C   . GLN A 1 69  ? -11.628 8.854   9.906   1.00 15.77 ? 415 GLN A C   1 
ATOM   550  O O   . GLN A 1 69  ? -12.239 7.784   9.891   1.00 15.30 ? 415 GLN A O   1 
ATOM   551  C CB  . GLN A 1 69  ? -13.216 10.247  8.558   1.00 15.98 ? 415 GLN A CB  1 
ATOM   552  C CG  . GLN A 1 69  ? -13.462 11.161  7.366   1.00 16.42 ? 415 GLN A CG  1 
ATOM   553  C CD  . GLN A 1 69  ? -14.895 11.634  7.272   1.00 17.11 ? 415 GLN A CD  1 
ATOM   554  O OE1 . GLN A 1 69  ? -15.828 10.840  7.339   1.00 17.85 ? 415 GLN A OE1 1 
ATOM   555  N NE2 . GLN A 1 69  ? -15.078 12.939  7.103   1.00 16.93 ? 415 GLN A NE2 1 
ATOM   556  N N   . GLY A 1 70  ? -10.836 9.224   10.909  1.00 16.11 ? 416 GLY A N   1 
ATOM   557  C CA  . GLY A 1 70  ? -10.635 8.350   12.052  1.00 16.67 ? 416 GLY A CA  1 
ATOM   558  C C   . GLY A 1 70  ? -11.246 8.876   13.338  1.00 17.29 ? 416 GLY A C   1 
ATOM   559  O O   . GLY A 1 70  ? -11.538 10.069  13.460  1.00 16.96 ? 416 GLY A O   1 
ATOM   560  N N   . GLU A 1 71  ? -11.418 7.989   14.312  1.00 17.40 ? 417 GLU A N   1 
ATOM   561  C CA  . GLU A 1 71  ? -12.026 8.375   15.583  1.00 18.39 ? 417 GLU A CA  1 
ATOM   562  C C   . GLU A 1 71  ? -11.173 9.293   16.464  1.00 17.83 ? 417 GLU A C   1 
ATOM   563  O O   . GLU A 1 71  ? -11.690 9.896   17.409  1.00 17.35 ? 417 GLU A O   1 
ATOM   564  C CB  . GLU A 1 71  ? -12.453 7.119   16.362  1.00 20.44 ? 417 GLU A CB  1 
ATOM   565  C CG  . GLU A 1 71  ? -11.380 6.055   16.570  1.00 23.56 ? 417 GLU A CG  1 
ATOM   566  C CD  . GLU A 1 71  ? -11.952 4.747   17.134  1.00 25.72 ? 417 GLU A CD  1 
ATOM   567  O OE1 . GLU A 1 71  ? -12.560 4.778   18.227  1.00 26.73 ? 417 GLU A OE1 1 
ATOM   568  O OE2 . GLU A 1 71  ? -11.789 3.690   16.477  1.00 27.61 ? 417 GLU A OE2 1 
ATOM   569  N N   . TYR A 1 72  ? -9.887  9.432   16.147  1.00 16.90 ? 418 TYR A N   1 
ATOM   570  C CA  . TYR A 1 72  ? -9.005  10.289  16.946  1.00 16.83 ? 418 TYR A CA  1 
ATOM   571  C C   . TYR A 1 72  ? -8.558  11.542  16.185  1.00 16.65 ? 418 TYR A C   1 
ATOM   572  O O   . TYR A 1 72  ? -7.661  12.254  16.635  1.00 16.23 ? 418 TYR A O   1 
ATOM   573  C CB  . TYR A 1 72  ? -7.753  9.511   17.372  1.00 17.26 ? 418 TYR A CB  1 
ATOM   574  C CG  . TYR A 1 72  ? -8.041  8.121   17.907  1.00 18.05 ? 418 TYR A CG  1 
ATOM   575  C CD1 . TYR A 1 72  ? -7.669  6.984   17.188  1.00 18.30 ? 418 TYR A CD1 1 
ATOM   576  C CD2 . TYR A 1 72  ? -8.712  7.942   19.117  1.00 18.76 ? 418 TYR A CD2 1 
ATOM   577  C CE1 . TYR A 1 72  ? -7.959  5.699   17.660  1.00 18.90 ? 418 TYR A CE1 1 
ATOM   578  C CE2 . TYR A 1 72  ? -9.010  6.667   19.600  1.00 18.88 ? 418 TYR A CE2 1 
ATOM   579  C CZ  . TYR A 1 72  ? -8.631  5.554   18.865  1.00 19.18 ? 418 TYR A CZ  1 
ATOM   580  O OH  . TYR A 1 72  ? -8.941  4.298   19.322  1.00 19.62 ? 418 TYR A OH  1 
ATOM   581  N N   . ASP A 1 73  ? -9.189  11.819  15.050  1.00 16.28 ? 419 ASP A N   1 
ATOM   582  C CA  . ASP A 1 73  ? -8.804  12.968  14.233  1.00 16.19 ? 419 ASP A CA  1 
ATOM   583  C C   . ASP A 1 73  ? -8.709  14.316  14.952  1.00 16.45 ? 419 ASP A C   1 
ATOM   584  O O   . ASP A 1 73  ? -7.859  15.139  14.605  1.00 16.02 ? 419 ASP A O   1 
ATOM   585  C CB  . ASP A 1 73  ? -9.733  13.097  13.020  1.00 15.76 ? 419 ASP A CB  1 
ATOM   586  C CG  . ASP A 1 73  ? -9.568  11.945  12.034  1.00 15.54 ? 419 ASP A CG  1 
ATOM   587  O OD1 . ASP A 1 73  ? -8.651  11.120  12.233  1.00 15.49 ? 419 ASP A OD1 1 
ATOM   588  O OD2 . ASP A 1 73  ? -10.343 11.870  11.055  1.00 15.90 ? 419 ASP A OD2 1 
ATOM   589  N N   . SER A 1 74  ? -9.559  14.540  15.953  1.00 16.80 ? 420 SER A N   1 
ATOM   590  C CA  . SER A 1 74  ? -9.541  15.805  16.686  1.00 17.40 ? 420 SER A CA  1 
ATOM   591  C C   . SER A 1 74  ? -8.303  15.976  17.584  1.00 17.18 ? 420 SER A C   1 
ATOM   592  O O   . SER A 1 74  ? -8.014  17.080  18.053  1.00 17.12 ? 420 SER A O   1 
ATOM   593  C CB  . SER A 1 74  ? -10.816 15.950  17.525  1.00 18.46 ? 420 SER A CB  1 
ATOM   594  O OG  . SER A 1 74  ? -10.859 14.976  18.553  1.00 19.53 ? 420 SER A OG  1 
ATOM   595  N N   . HIS A 1 75  ? -7.568  14.890  17.817  1.00 16.79 ? 421 HIS A N   1 
ATOM   596  C CA  . HIS A 1 75  ? -6.360  14.951  18.639  1.00 16.85 ? 421 HIS A CA  1 
ATOM   597  C C   . HIS A 1 75  ? -5.079  14.755  17.833  1.00 16.08 ? 421 HIS A C   1 
ATOM   598  O O   . HIS A 1 75  ? -4.054  14.353  18.379  1.00 15.69 ? 421 HIS A O   1 
ATOM   599  C CB  . HIS A 1 75  ? -6.382  13.903  19.761  1.00 18.00 ? 421 HIS A CB  1 
ATOM   600  C CG  . HIS A 1 75  ? -7.261  14.268  20.918  1.00 19.28 ? 421 HIS A CG  1 
ATOM   601  N ND1 . HIS A 1 75  ? -7.022  13.816  22.198  1.00 19.92 ? 421 HIS A ND1 1 
ATOM   602  C CD2 . HIS A 1 75  ? -8.377  15.030  20.989  1.00 19.41 ? 421 HIS A CD2 1 
ATOM   603  C CE1 . HIS A 1 75  ? -7.953  14.289  23.010  1.00 20.27 ? 421 HIS A CE1 1 
ATOM   604  N NE2 . HIS A 1 75  ? -8.788  15.028  22.299  1.00 19.98 ? 421 HIS A NE2 1 
ATOM   605  N N   . LEU A 1 76  ? -5.130  15.051  16.541  1.00 15.32 ? 422 LEU A N   1 
ATOM   606  C CA  . LEU A 1 76  ? -3.966  14.885  15.673  1.00 14.53 ? 422 LEU A CA  1 
ATOM   607  C C   . LEU A 1 76  ? -3.658  16.134  14.853  1.00 13.87 ? 422 LEU A C   1 
ATOM   608  O O   . LEU A 1 76  ? -4.538  16.938  14.574  1.00 13.29 ? 422 LEU A O   1 
ATOM   609  C CB  . LEU A 1 76  ? -4.211  13.733  14.695  1.00 14.43 ? 422 LEU A CB  1 
ATOM   610  C CG  . LEU A 1 76  ? -4.487  12.325  15.230  1.00 15.04 ? 422 LEU A CG  1 
ATOM   611  C CD1 . LEU A 1 76  ? -4.934  11.422  14.075  1.00 14.13 ? 422 LEU A CD1 1 
ATOM   612  C CD2 . LEU A 1 76  ? -3.238  11.782  15.906  1.00 14.88 ? 422 LEU A CD2 1 
ATOM   613  N N   . PRO A 1 77  ? -2.385  16.325  14.491  1.00 13.56 ? 423 PRO A N   1 
ATOM   614  C CA  . PRO A 1 77  ? -1.999  17.482  13.687  1.00 13.22 ? 423 PRO A CA  1 
ATOM   615  C C   . PRO A 1 77  ? -2.359  17.220  12.213  1.00 13.04 ? 423 PRO A C   1 
ATOM   616  O O   . PRO A 1 77  ? -2.370  16.072  11.763  1.00 12.08 ? 423 PRO A O   1 
ATOM   617  C CB  . PRO A 1 77  ? -0.494  17.545  13.911  1.00 13.72 ? 423 PRO A CB  1 
ATOM   618  C CG  . PRO A 1 77  ? -0.131  16.071  13.907  1.00 14.27 ? 423 PRO A CG  1 
ATOM   619  C CD  . PRO A 1 77  ? -1.191  15.557  14.894  1.00 13.77 ? 423 PRO A CD  1 
ATOM   620  N N   . TRP A 1 78  ? -2.659  18.281  11.471  1.00 12.93 ? 424 TRP A N   1 
ATOM   621  C CA  . TRP A 1 78  ? -2.974  18.157  10.053  1.00 13.02 ? 424 TRP A CA  1 
ATOM   622  C C   . TRP A 1 78  ? -2.390  19.360  9.325   1.00 13.44 ? 424 TRP A C   1 
ATOM   623  O O   . TRP A 1 78  ? -2.347  20.459  9.875   1.00 13.55 ? 424 TRP A O   1 
ATOM   624  C CB  . TRP A 1 78  ? -4.485  18.113  9.804   1.00 13.11 ? 424 TRP A CB  1 
ATOM   625  C CG  . TRP A 1 78  ? -5.204  16.957  10.437  1.00 11.97 ? 424 TRP A CG  1 
ATOM   626  C CD1 . TRP A 1 78  ? -5.796  16.932  11.671  1.00 12.00 ? 424 TRP A CD1 1 
ATOM   627  C CD2 . TRP A 1 78  ? -5.416  15.660  9.864   1.00 12.40 ? 424 TRP A CD2 1 
ATOM   628  N NE1 . TRP A 1 78  ? -6.366  15.699  11.898  1.00 11.43 ? 424 TRP A NE1 1 
ATOM   629  C CE2 . TRP A 1 78  ? -6.148  14.899  10.807  1.00 12.12 ? 424 TRP A CE2 1 
ATOM   630  C CE3 . TRP A 1 78  ? -5.056  15.067  8.642   1.00 12.06 ? 424 TRP A CE3 1 
ATOM   631  C CZ2 . TRP A 1 78  ? -6.533  13.571  10.566  1.00 11.93 ? 424 TRP A CZ2 1 
ATOM   632  C CZ3 . TRP A 1 78  ? -5.440  13.746  8.402   1.00 12.18 ? 424 TRP A CZ3 1 
ATOM   633  C CH2 . TRP A 1 78  ? -6.171  13.014  9.364   1.00 11.76 ? 424 TRP A CH2 1 
ATOM   634  N N   . PRO A 1 79  ? -1.929  19.171  8.077   1.00 13.85 ? 425 PRO A N   1 
ATOM   635  C CA  . PRO A 1 79  ? -1.912  17.922  7.310   1.00 13.88 ? 425 PRO A CA  1 
ATOM   636  C C   . PRO A 1 79  ? -0.922  16.909  7.878   1.00 14.27 ? 425 PRO A C   1 
ATOM   637  O O   . PRO A 1 79  ? -0.031  17.257  8.655   1.00 13.31 ? 425 PRO A O   1 
ATOM   638  C CB  . PRO A 1 79  ? -1.496  18.395  5.916   1.00 13.99 ? 425 PRO A CB  1 
ATOM   639  C CG  . PRO A 1 79  ? -0.536  19.524  6.253   1.00 14.46 ? 425 PRO A CG  1 
ATOM   640  C CD  . PRO A 1 79  ? -1.411  20.271  7.244   1.00 13.81 ? 425 PRO A CD  1 
ATOM   641  N N   . PHE A 1 80  ? -1.073  15.656  7.464   1.00 14.76 ? 426 PHE A N   1 
ATOM   642  C CA  . PHE A 1 80  ? -0.187  14.592  7.908   1.00 15.51 ? 426 PHE A CA  1 
ATOM   643  C C   . PHE A 1 80  ? 1.244   14.815  7.417   1.00 16.21 ? 426 PHE A C   1 
ATOM   644  O O   . PHE A 1 80  ? 1.465   15.194  6.264   1.00 15.86 ? 426 PHE A O   1 
ATOM   645  C CB  . PHE A 1 80  ? -0.669  13.240  7.373   1.00 15.82 ? 426 PHE A CB  1 
ATOM   646  C CG  . PHE A 1 80  ? 0.276   12.097  7.663   1.00 16.55 ? 426 PHE A CG  1 
ATOM   647  C CD1 . PHE A 1 80  ? 0.120   11.310  8.801   1.00 17.10 ? 426 PHE A CD1 1 
ATOM   648  C CD2 . PHE A 1 80  ? 1.339   11.826  6.804   1.00 17.03 ? 426 PHE A CD2 1 
ATOM   649  C CE1 . PHE A 1 80  ? 1.011   10.262  9.075   1.00 17.87 ? 426 PHE A CE1 1 
ATOM   650  C CE2 . PHE A 1 80  ? 2.236   10.783  7.069   1.00 17.34 ? 426 PHE A CE2 1 
ATOM   651  C CZ  . PHE A 1 80  ? 2.069   10.000  8.206   1.00 18.06 ? 426 PHE A CZ  1 
ATOM   652  N N   . GLN A 1 81  ? 2.203   14.580  8.306   1.00 16.78 ? 427 GLN A N   1 
ATOM   653  C CA  . GLN A 1 81  ? 3.620   14.680  7.974   1.00 17.78 ? 427 GLN A CA  1 
ATOM   654  C C   . GLN A 1 81  ? 4.320   13.449  8.553   1.00 18.10 ? 427 GLN A C   1 
ATOM   655  O O   . GLN A 1 81  ? 3.972   12.973  9.632   1.00 18.01 ? 427 GLN A O   1 
ATOM   656  C CB  . GLN A 1 81  ? 4.247   15.955  8.550   1.00 18.86 ? 427 GLN A CB  1 
ATOM   657  C CG  . GLN A 1 81  ? 3.746   17.245  7.912   1.00 20.41 ? 427 GLN A CG  1 
ATOM   658  C CD  . GLN A 1 81  ? 4.584   18.446  8.316   1.00 21.36 ? 427 GLN A CD  1 
ATOM   659  O OE1 . GLN A 1 81  ? 5.762   18.535  7.972   1.00 22.88 ? 427 GLN A OE1 1 
ATOM   660  N NE2 . GLN A 1 81  ? 3.984   19.369  9.060   1.00 22.44 ? 427 GLN A NE2 1 
ATOM   661  N N   . GLY A 1 82  ? 5.300   12.929  7.826   1.00 18.27 ? 428 GLY A N   1 
ATOM   662  C CA  . GLY A 1 82  ? 6.003   11.754  8.300   1.00 18.66 ? 428 GLY A CA  1 
ATOM   663  C C   . GLY A 1 82  ? 6.459   10.908  7.135   1.00 19.19 ? 428 GLY A C   1 
ATOM   664  O O   . GLY A 1 82  ? 6.375   11.330  5.980   1.00 19.61 ? 428 GLY A O   1 
ATOM   665  N N   . THR A 1 83  ? 6.930   9.706   7.435   1.00 18.55 ? 429 THR A N   1 
ATOM   666  C CA  . THR A 1 83  ? 7.414   8.815   6.402   1.00 18.45 ? 429 THR A CA  1 
ATOM   667  C C   . THR A 1 83  ? 6.623   7.510   6.457   1.00 17.46 ? 429 THR A C   1 
ATOM   668  O O   . THR A 1 83  ? 6.191   7.083   7.527   1.00 17.01 ? 429 THR A O   1 
ATOM   669  C CB  . THR A 1 83  ? 8.913   8.513   6.608   1.00 19.81 ? 429 THR A CB  1 
ATOM   670  O OG1 . THR A 1 83  ? 9.619   9.734   6.880   1.00 21.72 ? 429 THR A OG1 1 
ATOM   671  C CG2 . THR A 1 83  ? 9.498   7.909   5.362   1.00 21.05 ? 429 THR A CG2 1 
ATOM   672  N N   . ILE A 1 84  ? 6.424   6.889   5.301   1.00 15.99 ? 430 ILE A N   1 
ATOM   673  C CA  . ILE A 1 84  ? 5.696   5.627   5.234   1.00 15.82 ? 430 ILE A CA  1 
ATOM   674  C C   . ILE A 1 84  ? 6.513   4.598   4.457   1.00 15.92 ? 430 ILE A C   1 
ATOM   675  O O   . ILE A 1 84  ? 6.898   4.836   3.315   1.00 16.49 ? 430 ILE A O   1 
ATOM   676  C CB  . ILE A 1 84  ? 4.329   5.803   4.543   1.00 15.69 ? 430 ILE A CB  1 
ATOM   677  C CG1 . ILE A 1 84  ? 3.503   6.856   5.288   1.00 15.21 ? 430 ILE A CG1 1 
ATOM   678  C CG2 . ILE A 1 84  ? 3.584   4.469   4.518   1.00 15.74 ? 430 ILE A CG2 1 
ATOM   679  C CD1 . ILE A 1 84  ? 2.166   7.149   4.650   1.00 15.91 ? 430 ILE A CD1 1 
ATOM   680  N N   . ARG A 1 85  ? 6.778   3.460   5.089   1.00 15.83 ? 431 ARG A N   1 
ATOM   681  C CA  . ARG A 1 85  ? 7.541   2.387   4.461   1.00 15.96 ? 431 ARG A CA  1 
ATOM   682  C C   . ARG A 1 85  ? 6.555   1.326   3.967   1.00 15.32 ? 431 ARG A C   1 
ATOM   683  O O   . ARG A 1 85  ? 5.794   0.766   4.759   1.00 15.80 ? 431 ARG A O   1 
ATOM   684  C CB  . ARG A 1 85  ? 8.507   1.768   5.482   1.00 16.85 ? 431 ARG A CB  1 
ATOM   685  C CG  . ARG A 1 85  ? 9.454   0.711   4.909   1.00 18.97 ? 431 ARG A CG  1 
ATOM   686  C CD  . ARG A 1 85  ? 10.219  0.014   6.038   1.00 21.53 ? 431 ARG A CD  1 
ATOM   687  N NE  . ARG A 1 85  ? 10.996  0.952   6.848   1.00 22.46 ? 431 ARG A NE  1 
ATOM   688  C CZ  . ARG A 1 85  ? 12.318  1.087   6.790   1.00 23.55 ? 431 ARG A CZ  1 
ATOM   689  N NH1 . ARG A 1 85  ? 13.032  0.341   5.955   1.00 23.94 ? 431 ARG A NH1 1 
ATOM   690  N NH2 . ARG A 1 85  ? 12.927  1.974   7.572   1.00 23.90 ? 431 ARG A NH2 1 
ATOM   691  N N   . LEU A 1 86  ? 6.553   1.077   2.659   1.00 14.58 ? 432 LEU A N   1 
ATOM   692  C CA  . LEU A 1 86  ? 5.666   0.083   2.053   1.00 14.72 ? 432 LEU A CA  1 
ATOM   693  C C   . LEU A 1 86  ? 6.499   -1.118  1.653   1.00 14.97 ? 432 LEU A C   1 
ATOM   694  O O   . LEU A 1 86  ? 7.466   -0.987  0.902   1.00 14.98 ? 432 LEU A O   1 
ATOM   695  C CB  . LEU A 1 86  ? 4.969   0.674   0.828   1.00 14.21 ? 432 LEU A CB  1 
ATOM   696  C CG  . LEU A 1 86  ? 3.987   1.804   1.150   1.00 14.10 ? 432 LEU A CG  1 
ATOM   697  C CD1 . LEU A 1 86  ? 3.499   2.450   -0.145  1.00 13.47 ? 432 LEU A CD1 1 
ATOM   698  C CD2 . LEU A 1 86  ? 2.810   1.251   1.954   1.00 13.78 ? 432 LEU A CD2 1 
ATOM   699  N N   . THR A 1 87  ? 6.115   -2.294  2.140   1.00 15.31 ? 433 THR A N   1 
ATOM   700  C CA  . THR A 1 87  ? 6.893   -3.491  1.864   1.00 15.84 ? 433 THR A CA  1 
ATOM   701  C C   . THR A 1 87  ? 6.087   -4.742  1.525   1.00 15.90 ? 433 THR A C   1 
ATOM   702  O O   . THR A 1 87  ? 5.098   -5.050  2.184   1.00 15.86 ? 433 THR A O   1 
ATOM   703  C CB  . THR A 1 87  ? 7.764   -3.852  3.095   1.00 15.95 ? 433 THR A CB  1 
ATOM   704  O OG1 . THR A 1 87  ? 8.488   -2.697  3.533   1.00 16.57 ? 433 THR A OG1 1 
ATOM   705  C CG2 . THR A 1 87  ? 8.744   -4.964  2.754   1.00 16.59 ? 433 THR A CG2 1 
ATOM   706  N N   . ILE A 1 88  ? 6.516   -5.448  0.484   1.00 16.00 ? 434 ILE A N   1 
ATOM   707  C CA  . ILE A 1 88  ? 5.907   -6.720  0.112   1.00 16.21 ? 434 ILE A CA  1 
ATOM   708  C C   . ILE A 1 88  ? 6.925   -7.711  0.668   1.00 16.72 ? 434 ILE A C   1 
ATOM   709  O O   . ILE A 1 88  ? 8.071   -7.785  0.208   1.00 16.68 ? 434 ILE A O   1 
ATOM   710  C CB  . ILE A 1 88  ? 5.740   -6.878  -1.419  1.00 16.18 ? 434 ILE A CB  1 
ATOM   711  C CG1 . ILE A 1 88  ? 4.525   -6.065  -1.876  1.00 16.57 ? 434 ILE A CG1 1 
ATOM   712  C CG2 . ILE A 1 88  ? 5.546   -8.349  -1.786  1.00 16.57 ? 434 ILE A CG2 1 
ATOM   713  C CD1 . ILE A 1 88  ? 4.189   -6.200  -3.333  1.00 15.67 ? 434 ILE A CD1 1 
ATOM   714  N N   . LEU A 1 89  ? 6.498   -8.447  1.684   1.00 17.05 ? 435 LEU A N   1 
ATOM   715  C CA  . LEU A 1 89  ? 7.359   -9.381  2.392   1.00 18.04 ? 435 LEU A CA  1 
ATOM   716  C C   . LEU A 1 89  ? 7.749   -10.700 1.737   1.00 18.84 ? 435 LEU A C   1 
ATOM   717  O O   . LEU A 1 89  ? 6.904   -11.449 1.251   1.00 18.81 ? 435 LEU A O   1 
ATOM   718  C CB  . LEU A 1 89  ? 6.747   -9.669  3.767   1.00 17.51 ? 435 LEU A CB  1 
ATOM   719  C CG  . LEU A 1 89  ? 6.610   -8.453  4.690   1.00 18.11 ? 435 LEU A CG  1 
ATOM   720  C CD1 . LEU A 1 89  ? 5.793   -8.814  5.929   1.00 17.86 ? 435 LEU A CD1 1 
ATOM   721  C CD2 . LEU A 1 89  ? 7.998   -7.950  5.061   1.00 17.43 ? 435 LEU A CD2 1 
ATOM   722  N N   . ASP A 1 90  ? 9.051   -10.971 1.744   1.00 20.08 ? 436 ASP A N   1 
ATOM   723  C CA  . ASP A 1 90  ? 9.596   -12.214 1.210   1.00 22.05 ? 436 ASP A CA  1 
ATOM   724  C C   . ASP A 1 90  ? 9.251   -13.282 2.237   1.00 23.04 ? 436 ASP A C   1 
ATOM   725  O O   . ASP A 1 90  ? 9.586   -13.146 3.419   1.00 22.78 ? 436 ASP A O   1 
ATOM   726  C CB  . ASP A 1 90  ? 11.117  -12.100 1.050   1.00 22.92 ? 436 ASP A CB  1 
ATOM   727  C CG  . ASP A 1 90  ? 11.766  -13.421 0.661   1.00 23.86 ? 436 ASP A CG  1 
ATOM   728  O OD1 . ASP A 1 90  ? 11.032  -14.396 0.405   1.00 24.24 ? 436 ASP A OD1 1 
ATOM   729  O OD2 . ASP A 1 90  ? 13.015  -13.479 0.610   1.00 24.72 ? 436 ASP A OD2 1 
ATOM   730  N N   . GLN A 1 91  ? 8.571   -14.337 1.804   1.00 24.68 ? 437 GLN A N   1 
ATOM   731  C CA  . GLN A 1 91  ? 8.190   -15.387 2.738   1.00 26.68 ? 437 GLN A CA  1 
ATOM   732  C C   . GLN A 1 91  ? 9.025   -16.651 2.569   1.00 28.89 ? 437 GLN A C   1 
ATOM   733  O O   . GLN A 1 91  ? 8.632   -17.728 3.022   1.00 29.06 ? 437 GLN A O   1 
ATOM   734  C CB  . GLN A 1 91  ? 6.713   -15.732 2.571   1.00 25.90 ? 437 GLN A CB  1 
ATOM   735  C CG  . GLN A 1 91  ? 5.785   -14.535 2.708   1.00 24.83 ? 437 GLN A CG  1 
ATOM   736  C CD  . GLN A 1 91  ? 4.329   -14.940 2.805   1.00 24.44 ? 437 GLN A CD  1 
ATOM   737  O OE1 . GLN A 1 91  ? 3.930   -15.605 3.754   1.00 23.47 ? 437 GLN A OE1 1 
ATOM   738  N NE2 . GLN A 1 91  ? 3.528   -14.542 1.828   1.00 23.85 ? 437 GLN A NE2 1 
ATOM   739  N N   . SER A 1 92  ? 10.186  -16.518 1.939   1.00 31.43 ? 438 SER A N   1 
ATOM   740  C CA  . SER A 1 92  ? 11.051  -17.670 1.731   1.00 34.21 ? 438 SER A CA  1 
ATOM   741  C C   . SER A 1 92  ? 11.831  -18.002 2.998   1.00 36.05 ? 438 SER A C   1 
ATOM   742  O O   . SER A 1 92  ? 11.460  -17.580 4.093   1.00 36.17 ? 438 SER A O   1 
ATOM   743  C CB  . SER A 1 92  ? 12.024  -17.414 0.573   1.00 33.90 ? 438 SER A CB  1 
ATOM   744  O OG  . SER A 1 92  ? 12.974  -16.425 0.917   1.00 34.45 ? 438 SER A OG  1 
ATOM   745  N N   . GLU A 1 93  ? 12.915  -18.752 2.833   1.00 38.65 ? 439 GLU A N   1 
ATOM   746  C CA  . GLU A 1 93  ? 13.772  -19.169 3.938   1.00 40.82 ? 439 GLU A CA  1 
ATOM   747  C C   . GLU A 1 93  ? 14.464  -17.953 4.530   1.00 41.84 ? 439 GLU A C   1 
ATOM   748  O O   . GLU A 1 93  ? 14.904  -17.062 3.801   1.00 42.23 ? 439 GLU A O   1 
ATOM   749  C CB  . GLU A 1 93  ? 14.820  -20.151 3.424   1.00 41.69 ? 439 GLU A CB  1 
ATOM   750  C CG  . GLU A 1 93  ? 14.257  -21.213 2.507   1.00 43.08 ? 439 GLU A CG  1 
ATOM   751  C CD  . GLU A 1 93  ? 15.352  -21.982 1.773   1.00 43.79 ? 439 GLU A CD  1 
ATOM   752  O OE1 . GLU A 1 93  ? 16.424  -21.382 1.517   1.00 44.10 ? 439 GLU A OE1 1 
ATOM   753  O OE2 . GLU A 1 93  ? 15.119  -23.161 1.421   1.00 44.21 ? 439 GLU A OE2 1 
ATOM   754  N N   . ALA A 1 94  ? 14.571  -17.916 5.852   1.00 42.83 ? 440 ALA A N   1 
ATOM   755  C CA  . ALA A 1 94  ? 15.208  -16.790 6.517   1.00 43.62 ? 440 ALA A CA  1 
ATOM   756  C C   . ALA A 1 94  ? 16.715  -16.667 6.263   1.00 44.17 ? 440 ALA A C   1 
ATOM   757  O O   . ALA A 1 94  ? 17.299  -15.616 6.532   1.00 44.45 ? 440 ALA A O   1 
ATOM   758  C CB  . ALA A 1 94  ? 14.931  -16.844 7.997   1.00 43.63 ? 440 ALA A CB  1 
ATOM   759  N N   . PRO A 1 95  ? 17.376  -17.746 5.799   1.00 44.33 ? 441 PRO A N   1 
ATOM   760  C CA  . PRO A 1 95  ? 18.816  -17.698 5.517   1.00 44.32 ? 441 PRO A CA  1 
ATOM   761  C C   . PRO A 1 95  ? 19.197  -16.303 4.972   1.00 44.26 ? 441 PRO A C   1 
ATOM   762  O O   . PRO A 1 95  ? 20.188  -15.693 5.384   1.00 44.70 ? 441 PRO A O   1 
ATOM   763  C CB  . PRO A 1 95  ? 18.977  -18.763 4.440   1.00 44.53 ? 441 PRO A CB  1 
ATOM   764  C CG  . PRO A 1 95  ? 17.876  -19.775 4.708   1.00 44.57 ? 441 PRO A CG  1 
ATOM   765  C CD  . PRO A 1 95  ? 16.877  -19.124 5.677   1.00 44.55 ? 441 PRO A CD  1 
ATOM   766  N N   . VAL A 1 96  ? 18.380  -15.830 4.038   1.00 43.79 ? 442 VAL A N   1 
ATOM   767  C CA  . VAL A 1 96  ? 18.546  -14.545 3.374   1.00 43.10 ? 442 VAL A CA  1 
ATOM   768  C C   . VAL A 1 96  ? 17.205  -14.118 2.795   1.00 42.23 ? 442 VAL A C   1 
ATOM   769  O O   . VAL A 1 96  ? 16.674  -14.763 1.881   1.00 42.47 ? 442 VAL A O   1 
ATOM   770  C CB  . VAL A 1 96  ? 19.575  -14.641 2.234   1.00 43.46 ? 442 VAL A CB  1 
ATOM   771  C CG1 . VAL A 1 96  ? 19.475  -13.416 1.366   1.00 43.59 ? 442 VAL A CG1 1 
ATOM   772  C CG2 . VAL A 1 96  ? 20.969  -14.770 2.801   1.00 43.49 ? 442 VAL A CG2 1 
ATOM   773  N N   . ARG A 1 97  ? 16.682  -13.017 3.321   1.00 41.15 ? 443 ARG A N   1 
ATOM   774  C CA  . ARG A 1 97  ? 15.394  -12.490 2.905   1.00 39.57 ? 443 ARG A CA  1 
ATOM   775  C C   . ARG A 1 97  ? 15.508  -11.132 2.238   1.00 38.03 ? 443 ARG A C   1 
ATOM   776  O O   . ARG A 1 97  ? 16.040  -10.190 2.823   1.00 38.09 ? 443 ARG A O   1 
ATOM   777  C CB  . ARG A 1 97  ? 14.494  -12.360 4.123   1.00 40.41 ? 443 ARG A CB  1 
ATOM   778  C CG  . ARG A 1 97  ? 14.214  -13.666 4.831   1.00 41.23 ? 443 ARG A CG  1 
ATOM   779  C CD  . ARG A 1 97  ? 13.246  -14.500 4.022   1.00 41.90 ? 443 ARG A CD  1 
ATOM   780  N NE  . ARG A 1 97  ? 12.311  -15.179 4.910   1.00 42.50 ? 443 ARG A NE  1 
ATOM   781  C CZ  . ARG A 1 97  ? 11.609  -14.546 5.843   1.00 42.77 ? 443 ARG A CZ  1 
ATOM   782  N NH1 . ARG A 1 97  ? 11.743  -13.234 6.000   1.00 43.07 ? 443 ARG A NH1 1 
ATOM   783  N NH2 . ARG A 1 97  ? 10.763  -15.212 6.611   1.00 42.80 ? 443 ARG A NH2 1 
ATOM   784  N N   . GLN A 1 98  ? 15.009  -11.026 1.013   1.00 35.96 ? 444 GLN A N   1 
ATOM   785  C CA  . GLN A 1 98  ? 15.034  -9.755  0.310   1.00 33.89 ? 444 GLN A CA  1 
ATOM   786  C C   . GLN A 1 98  ? 13.625  -9.243  0.068   1.00 31.94 ? 444 GLN A C   1 
ATOM   787  O O   . GLN A 1 98  ? 12.970  -9.641  -0.895  1.00 31.33 ? 444 GLN A O   1 
ATOM   788  C CB  . GLN A 1 98  ? 15.749  -9.862  -1.038  1.00 34.68 ? 444 GLN A CB  1 
ATOM   789  C CG  . GLN A 1 98  ? 17.246  -10.080 -0.965  1.00 35.99 ? 444 GLN A CG  1 
ATOM   790  C CD  . GLN A 1 98  ? 17.969  -9.595  -2.215  1.00 36.79 ? 444 GLN A CD  1 
ATOM   791  O OE1 . GLN A 1 98  ? 17.650  -9.995  -3.334  1.00 37.31 ? 444 GLN A OE1 1 
ATOM   792  N NE2 . GLN A 1 98  ? 18.953  -8.730  -2.026  1.00 37.12 ? 444 GLN A NE2 1 
ATOM   793  N N   . ASN A 1 99  ? 13.147  -8.370  0.951   1.00 29.72 ? 445 ASN A N   1 
ATOM   794  C CA  . ASN A 1 99  ? 11.818  -7.810  0.777   1.00 27.58 ? 445 ASN A CA  1 
ATOM   795  C C   . ASN A 1 99  ? 11.858  -6.798  -0.352  1.00 26.66 ? 445 ASN A C   1 
ATOM   796  O O   . ASN A 1 99  ? 12.925  -6.330  -0.751  1.00 26.58 ? 445 ASN A O   1 
ATOM   797  C CB  . ASN A 1 99  ? 11.326  -7.107  2.044   1.00 26.53 ? 445 ASN A CB  1 
ATOM   798  C CG  . ASN A 1 99  ? 11.279  -8.022  3.246   1.00 25.69 ? 445 ASN A CG  1 
ATOM   799  O OD1 . ASN A 1 99  ? 10.853  -9.170  3.157   1.00 25.02 ? 445 ASN A OD1 1 
ATOM   800  N ND2 . ASN A 1 99  ? 11.696  -7.503  4.385   1.00 24.92 ? 445 ASN A ND2 1 
ATOM   801  N N   . HIS A 1 100 ? 10.686  -6.460  -0.861  1.00 25.14 ? 446 HIS A N   1 
ATOM   802  C CA  . HIS A 1 100 ? 10.589  -5.485  -1.928  1.00 24.05 ? 446 HIS A CA  1 
ATOM   803  C C   . HIS A 1 100 ? 9.893   -4.301  -1.280  1.00 23.36 ? 446 HIS A C   1 
ATOM   804  O O   . HIS A 1 100 ? 8.722   -4.396  -0.913  1.00 22.22 ? 446 HIS A O   1 
ATOM   805  C CB  . HIS A 1 100 ? 9.763   -6.064  -3.073  1.00 24.42 ? 446 HIS A CB  1 
ATOM   806  C CG  . HIS A 1 100 ? 9.831   -5.262  -4.333  1.00 24.99 ? 446 HIS A CG  1 
ATOM   807  N ND1 . HIS A 1 100 ? 9.113   -4.102  -4.519  1.00 25.28 ? 446 HIS A ND1 1 
ATOM   808  C CD2 . HIS A 1 100 ? 10.551  -5.446  -5.465  1.00 25.14 ? 446 HIS A CD2 1 
ATOM   809  C CE1 . HIS A 1 100 ? 9.388   -3.604  -5.712  1.00 25.31 ? 446 HIS A CE1 1 
ATOM   810  N NE2 . HIS A 1 100 ? 10.258  -4.401  -6.307  1.00 25.47 ? 446 HIS A NE2 1 
ATOM   811  N N   . GLU A 1 101 ? 10.608  -3.191  -1.107  1.00 23.20 ? 447 GLU A N   1 
ATOM   812  C CA  . GLU A 1 101 ? 9.993   -2.035  -0.470  1.00 22.92 ? 447 GLU A CA  1 
ATOM   813  C C   . GLU A 1 101 ? 10.441  -0.674  -0.995  1.00 22.26 ? 447 GLU A C   1 
ATOM   814  O O   . GLU A 1 101 ? 11.445  -0.545  -1.694  1.00 21.61 ? 447 GLU A O   1 
ATOM   815  C CB  . GLU A 1 101 ? 10.221  -2.089  1.050   1.00 24.26 ? 447 GLU A CB  1 
ATOM   816  C CG  . GLU A 1 101 ? 11.523  -1.473  1.540   1.00 25.03 ? 447 GLU A CG  1 
ATOM   817  C CD  . GLU A 1 101 ? 11.697  -1.571  3.054   1.00 25.49 ? 447 GLU A CD  1 
ATOM   818  O OE1 . GLU A 1 101 ? 12.602  -0.897  3.592   1.00 25.89 ? 447 GLU A OE1 1 
ATOM   819  O OE2 . GLU A 1 101 ? 10.941  -2.328  3.703   1.00 25.40 ? 447 GLU A OE2 1 
ATOM   820  N N   . GLU A 1 102 ? 9.651   0.334   -0.650  1.00 21.28 ? 448 GLU A N   1 
ATOM   821  C CA  . GLU A 1 102 ? 9.913   1.719   -1.006  1.00 21.09 ? 448 GLU A CA  1 
ATOM   822  C C   . GLU A 1 102 ? 9.570   2.506   0.255   1.00 20.91 ? 448 GLU A C   1 
ATOM   823  O O   . GLU A 1 102 ? 8.739   2.069   1.055   1.00 20.54 ? 448 GLU A O   1 
ATOM   824  C CB  . GLU A 1 102 ? 9.002   2.173   -2.151  1.00 21.20 ? 448 GLU A CB  1 
ATOM   825  C CG  . GLU A 1 102 ? 9.198   1.442   -3.469  1.00 21.49 ? 448 GLU A CG  1 
ATOM   826  C CD  . GLU A 1 102 ? 10.531  1.750   -4.135  1.00 22.11 ? 448 GLU A CD  1 
ATOM   827  O OE1 . GLU A 1 102 ? 11.305  2.584   -3.606  1.00 22.67 ? 448 GLU A OE1 1 
ATOM   828  O OE2 . GLU A 1 102 ? 10.796  1.158   -5.200  1.00 21.99 ? 448 GLU A OE2 1 
ATOM   829  N N   . ILE A 1 103 ? 10.219  3.654   0.435   1.00 20.60 ? 449 ILE A N   1 
ATOM   830  C CA  . ILE A 1 103 ? 9.976   4.517   1.585   1.00 20.79 ? 449 ILE A CA  1 
ATOM   831  C C   . ILE A 1 103 ? 9.619   5.882   1.011   1.00 20.75 ? 449 ILE A C   1 
ATOM   832  O O   . ILE A 1 103 ? 10.340  6.411   0.165   1.00 20.52 ? 449 ILE A O   1 
ATOM   833  C CB  . ILE A 1 103 ? 11.238  4.664   2.463   1.00 21.34 ? 449 ILE A CB  1 
ATOM   834  C CG1 . ILE A 1 103 ? 11.757  3.283   2.871   1.00 21.82 ? 449 ILE A CG1 1 
ATOM   835  C CG2 . ILE A 1 103 ? 10.907  5.487   3.714   1.00 21.41 ? 449 ILE A CG2 1 
ATOM   836  C CD1 . ILE A 1 103 ? 13.058  3.322   3.633   1.00 22.46 ? 449 ILE A CD1 1 
ATOM   837  N N   . MET A 1 104 ? 8.511   6.456   1.457   1.00 20.90 ? 450 MET A N   1 
ATOM   838  C CA  . MET A 1 104 ? 8.109   7.745   0.923   1.00 21.27 ? 450 MET A CA  1 
ATOM   839  C C   . MET A 1 104 ? 7.804   8.769   1.998   1.00 21.72 ? 450 MET A C   1 
ATOM   840  O O   . MET A 1 104 ? 7.211   8.446   3.025   1.00 21.34 ? 450 MET A O   1 
ATOM   841  C CB  . MET A 1 104 ? 6.897   7.563   -0.005  1.00 21.63 ? 450 MET A CB  1 
ATOM   842  C CG  . MET A 1 104 ? 5.642   6.995   0.654   1.00 20.66 ? 450 MET A CG  1 
ATOM   843  S SD  . MET A 1 104 ? 4.321   6.545   -0.540  1.00 21.59 ? 450 MET A SD  1 
ATOM   844  C CE  . MET A 1 104 ? 3.001   6.131   0.607   1.00 20.53 ? 450 MET A CE  1 
ATOM   845  N N   . ASP A 1 105 ? 8.249   10.000  1.778   1.00 21.81 ? 451 ASP A N   1 
ATOM   846  C CA  . ASP A 1 105 ? 7.970   11.069  2.723   1.00 22.27 ? 451 ASP A CA  1 
ATOM   847  C C   . ASP A 1 105 ? 6.662   11.703  2.296   1.00 21.54 ? 451 ASP A C   1 
ATOM   848  O O   . ASP A 1 105 ? 6.416   11.892  1.106   1.00 21.28 ? 451 ASP A O   1 
ATOM   849  C CB  . ASP A 1 105 ? 9.055   12.150  2.711   1.00 24.51 ? 451 ASP A CB  1 
ATOM   850  C CG  . ASP A 1 105 ? 10.342  11.704  3.376   1.00 26.30 ? 451 ASP A CG  1 
ATOM   851  O OD1 . ASP A 1 105 ? 10.273  11.089  4.466   1.00 28.14 ? 451 ASP A OD1 1 
ATOM   852  O OD2 . ASP A 1 105 ? 11.426  12.000  2.826   1.00 28.04 ? 451 ASP A OD2 1 
ATOM   853  N N   . ALA A 1 106 ? 5.818   12.024  3.266   1.00 20.62 ? 452 ALA A N   1 
ATOM   854  C CA  . ALA A 1 106 ? 4.553   12.658  2.954   1.00 20.38 ? 452 ALA A CA  1 
ATOM   855  C C   . ALA A 1 106 ? 4.848   14.063  2.438   1.00 20.18 ? 452 ALA A C   1 
ATOM   856  O O   . ALA A 1 106 ? 5.855   14.670  2.806   1.00 19.76 ? 452 ALA A O   1 
ATOM   857  C CB  . ALA A 1 106 ? 3.680   12.727  4.197   1.00 20.27 ? 452 ALA A CB  1 
ATOM   858  N N   . LYS A 1 107 ? 3.987   14.560  1.557   1.00 20.10 ? 453 LYS A N   1 
ATOM   859  C CA  . LYS A 1 107 ? 4.143   15.903  1.008   1.00 20.20 ? 453 LYS A CA  1 
ATOM   860  C C   . LYS A 1 107 ? 2.897   16.660  1.456   1.00 19.41 ? 453 LYS A C   1 
ATOM   861  O O   . LYS A 1 107 ? 1.826   16.544  0.857   1.00 19.38 ? 453 LYS A O   1 
ATOM   862  C CB  . LYS A 1 107 ? 4.263   15.855  -0.527  1.00 21.06 ? 453 LYS A CB  1 
ATOM   863  C CG  . LYS A 1 107 ? 5.466   15.032  -1.011  1.00 22.22 ? 453 LYS A CG  1 
ATOM   864  C CD  . LYS A 1 107 ? 5.611   14.974  -2.536  1.00 24.02 ? 453 LYS A CD  1 
ATOM   865  C CE  . LYS A 1 107 ? 6.172   16.261  -3.132  1.00 25.17 ? 453 LYS A CE  1 
ATOM   866  N NZ  . LYS A 1 107 ? 6.478   16.070  -4.588  1.00 26.88 ? 453 LYS A NZ  1 
ATOM   867  N N   . PRO A 1 108 ? 3.024   17.431  2.546   1.00 19.24 ? 454 PRO A N   1 
ATOM   868  C CA  . PRO A 1 108 ? 1.935   18.214  3.126   1.00 18.59 ? 454 PRO A CA  1 
ATOM   869  C C   . PRO A 1 108 ? 1.214   19.173  2.189   1.00 18.34 ? 454 PRO A C   1 
ATOM   870  O O   . PRO A 1 108 ? 0.142   19.667  2.523   1.00 17.48 ? 454 PRO A O   1 
ATOM   871  C CB  . PRO A 1 108 ? 2.614   18.910  4.313   1.00 18.67 ? 454 PRO A CB  1 
ATOM   872  C CG  . PRO A 1 108 ? 4.037   19.030  3.863   1.00 19.16 ? 454 PRO A CG  1 
ATOM   873  C CD  . PRO A 1 108 ? 4.249   17.632  3.336   1.00 19.02 ? 454 PRO A CD  1 
ATOM   874  N N   . GLU A 1 109 ? 1.780   19.428  1.012   1.00 18.40 ? 455 GLU A N   1 
ATOM   875  C CA  . GLU A 1 109 ? 1.116   20.333  0.074   1.00 18.66 ? 455 GLU A CA  1 
ATOM   876  C C   . GLU A 1 109 ? 0.035   19.593  -0.708  1.00 18.29 ? 455 GLU A C   1 
ATOM   877  O O   . GLU A 1 109 ? -0.816  20.214  -1.342  1.00 17.89 ? 455 GLU A O   1 
ATOM   878  C CB  . GLU A 1 109 ? 2.111   20.945  -0.924  1.00 19.39 ? 455 GLU A CB  1 
ATOM   879  C CG  . GLU A 1 109 ? 2.751   19.938  -1.874  1.00 21.41 ? 455 GLU A CG  1 
ATOM   880  C CD  . GLU A 1 109 ? 4.050   19.357  -1.360  1.00 22.37 ? 455 GLU A CD  1 
ATOM   881  O OE1 . GLU A 1 109 ? 4.136   19.006  -0.167  1.00 23.22 ? 455 GLU A OE1 1 
ATOM   882  O OE2 . GLU A 1 109 ? 4.991   19.239  -2.171  1.00 24.21 ? 455 GLU A OE2 1 
ATOM   883  N N   . LEU A 1 110 ? 0.069   18.264  -0.656  1.00 17.89 ? 456 LEU A N   1 
ATOM   884  C CA  . LEU A 1 110 ? -0.900  17.447  -1.383  1.00 17.65 ? 456 LEU A CA  1 
ATOM   885  C C   . LEU A 1 110 ? -2.130  17.123  -0.547  1.00 17.57 ? 456 LEU A C   1 
ATOM   886  O O   . LEU A 1 110 ? -2.013  16.740  0.619   1.00 17.51 ? 456 LEU A O   1 
ATOM   887  C CB  . LEU A 1 110 ? -0.242  16.140  -1.835  1.00 17.97 ? 456 LEU A CB  1 
ATOM   888  C CG  . LEU A 1 110 ? 0.986   16.252  -2.734  1.00 17.90 ? 456 LEU A CG  1 
ATOM   889  C CD1 . LEU A 1 110 ? 1.495   14.855  -3.066  1.00 19.15 ? 456 LEU A CD1 1 
ATOM   890  C CD2 . LEU A 1 110 ? 0.625   17.008  -4.007  1.00 18.33 ? 456 LEU A CD2 1 
ATOM   891  N N   . LEU A 1 111 ? -3.310  17.264  -1.147  1.00 17.14 ? 457 LEU A N   1 
ATOM   892  C CA  . LEU A 1 111 ? -4.551  16.985  -0.437  1.00 18.01 ? 457 LEU A CA  1 
ATOM   893  C C   . LEU A 1 111 ? -4.673  15.528  0.001   1.00 17.36 ? 457 LEU A C   1 
ATOM   894  O O   . LEU A 1 111 ? -5.523  15.192  0.823   1.00 17.25 ? 457 LEU A O   1 
ATOM   895  C CB  . LEU A 1 111 ? -5.761  17.404  -1.280  1.00 19.33 ? 457 LEU A CB  1 
ATOM   896  C CG  . LEU A 1 111 ? -5.958  18.921  -1.397  1.00 20.56 ? 457 LEU A CG  1 
ATOM   897  C CD1 . LEU A 1 111 ? -4.794  19.542  -2.162  1.00 21.48 ? 457 LEU A CD1 1 
ATOM   898  C CD2 . LEU A 1 111 ? -7.253  19.216  -2.121  1.00 21.73 ? 457 LEU A CD2 1 
ATOM   899  N N   . ALA A 1 112 ? -3.819  14.664  -0.539  1.00 17.13 ? 458 ALA A N   1 
ATOM   900  C CA  . ALA A 1 112 ? -3.832  13.259  -0.145  1.00 16.57 ? 458 ALA A CA  1 
ATOM   901  C C   . ALA A 1 112 ? -3.467  13.165  1.342   1.00 16.23 ? 458 ALA A C   1 
ATOM   902  O O   . ALA A 1 112 ? -3.796  12.187  2.013   1.00 15.50 ? 458 ALA A O   1 
ATOM   903  C CB  . ALA A 1 112 ? -2.829  12.464  -0.978  1.00 16.51 ? 458 ALA A CB  1 
ATOM   904  N N   . PHE A 1 113 ? -2.794  14.188  1.863   1.00 15.83 ? 459 PHE A N   1 
ATOM   905  C CA  . PHE A 1 113 ? -2.404  14.152  3.268   1.00 16.28 ? 459 PHE A CA  1 
ATOM   906  C C   . PHE A 1 113 ? -3.216  15.010  4.233   1.00 16.19 ? 459 PHE A C   1 
ATOM   907  O O   . PHE A 1 113 ? -2.815  15.226  5.377   1.00 16.07 ? 459 PHE A O   1 
ATOM   908  C CB  . PHE A 1 113 ? -0.905  14.433  3.410   1.00 16.56 ? 459 PHE A CB  1 
ATOM   909  C CG  . PHE A 1 113 ? -0.043  13.349  2.822   1.00 17.17 ? 459 PHE A CG  1 
ATOM   910  C CD1 . PHE A 1 113 ? 0.561   13.504  1.578   1.00 17.14 ? 459 PHE A CD1 1 
ATOM   911  C CD2 . PHE A 1 113 ? 0.087   12.127  3.482   1.00 17.43 ? 459 PHE A CD2 1 
ATOM   912  C CE1 . PHE A 1 113 ? 1.281   12.456  0.999   1.00 17.31 ? 459 PHE A CE1 1 
ATOM   913  C CE2 . PHE A 1 113 ? 0.800   11.077  2.911   1.00 17.27 ? 459 PHE A CE2 1 
ATOM   914  C CZ  . PHE A 1 113 ? 1.397   11.239  1.669   1.00 17.55 ? 459 PHE A CZ  1 
ATOM   915  N N   . GLN A 1 114 ? -4.369  15.482  3.777   1.00 15.98 ? 460 GLN A N   1 
ATOM   916  C CA  . GLN A 1 114 ? -5.261  16.257  4.631   1.00 16.33 ? 460 GLN A CA  1 
ATOM   917  C C   . GLN A 1 114 ? -6.360  15.295  5.080   1.00 16.43 ? 460 GLN A C   1 
ATOM   918  O O   . GLN A 1 114 ? -6.455  14.180  4.570   1.00 16.93 ? 460 GLN A O   1 
ATOM   919  C CB  . GLN A 1 114 ? -5.896  17.410  3.854   1.00 16.65 ? 460 GLN A CB  1 
ATOM   920  C CG  . GLN A 1 114 ? -5.352  18.795  4.188   1.00 18.33 ? 460 GLN A CG  1 
ATOM   921  C CD  . GLN A 1 114 ? -5.563  19.168  5.653   1.00 18.24 ? 460 GLN A CD  1 
ATOM   922  O OE1 . GLN A 1 114 ? -6.359  18.544  6.360   1.00 18.81 ? 460 GLN A OE1 1 
ATOM   923  N NE2 . GLN A 1 114 ? -4.866  20.206  6.104   1.00 18.28 ? 460 GLN A NE2 1 
ATOM   924  N N   . ARG A 1 115 ? -7.187  15.715  6.030   1.00 15.98 ? 461 ARG A N   1 
ATOM   925  C CA  . ARG A 1 115 ? -8.291  14.872  6.487   1.00 15.97 ? 461 ARG A CA  1 
ATOM   926  C C   . ARG A 1 115 ? -9.402  14.966  5.448   1.00 15.82 ? 461 ARG A C   1 
ATOM   927  O O   . ARG A 1 115 ? -9.799  16.060  5.060   1.00 15.48 ? 461 ARG A O   1 
ATOM   928  C CB  . ARG A 1 115 ? -8.820  15.349  7.843   1.00 15.91 ? 461 ARG A CB  1 
ATOM   929  C CG  . ARG A 1 115 ? -10.043 14.571  8.331   1.00 16.75 ? 461 ARG A CG  1 
ATOM   930  C CD  . ARG A 1 115 ? -10.432 14.942  9.753   1.00 17.28 ? 461 ARG A CD  1 
ATOM   931  N NE  . ARG A 1 115 ? -11.592 14.178  10.210  1.00 17.56 ? 461 ARG A NE  1 
ATOM   932  C CZ  . ARG A 1 115 ? -12.830 14.344  9.755   1.00 18.35 ? 461 ARG A CZ  1 
ATOM   933  N NH1 . ARG A 1 115 ? -13.083 15.255  8.823   1.00 18.76 ? 461 ARG A NH1 1 
ATOM   934  N NH2 . ARG A 1 115 ? -13.814 13.580  10.214  1.00 18.69 ? 461 ARG A NH2 1 
ATOM   935  N N   . PRO A 1 116 ? -9.913  13.817  4.976   1.00 15.99 ? 462 PRO A N   1 
ATOM   936  C CA  . PRO A 1 116 ? -10.982 13.817  3.972   1.00 16.39 ? 462 PRO A CA  1 
ATOM   937  C C   . PRO A 1 116 ? -12.354 14.198  4.532   1.00 16.69 ? 462 PRO A C   1 
ATOM   938  O O   . PRO A 1 116 ? -12.642 13.956  5.707   1.00 17.25 ? 462 PRO A O   1 
ATOM   939  C CB  . PRO A 1 116 ? -10.950 12.378  3.465   1.00 16.09 ? 462 PRO A CB  1 
ATOM   940  C CG  . PRO A 1 116 ? -10.701 11.634  4.746   1.00 16.32 ? 462 PRO A CG  1 
ATOM   941  C CD  . PRO A 1 116 ? -9.520  12.431  5.298   1.00 16.11 ? 462 PRO A CD  1 
ATOM   942  N N   . THR A 1 117 ? -13.193 14.791  3.685   1.00 17.40 ? 463 THR A N   1 
ATOM   943  C CA  . THR A 1 117 ? -14.549 15.185  4.077   1.00 18.13 ? 463 THR A CA  1 
ATOM   944  C C   . THR A 1 117 ? -15.527 14.014  3.913   1.00 18.22 ? 463 THR A C   1 
ATOM   945  O O   . THR A 1 117 ? -16.714 14.124  4.232   1.00 18.71 ? 463 THR A O   1 
ATOM   946  C CB  . THR A 1 117 ? -15.044 16.367  3.239   1.00 18.47 ? 463 THR A CB  1 
ATOM   947  O OG1 . THR A 1 117 ? -14.947 16.040  1.849   1.00 19.59 ? 463 THR A OG1 1 
ATOM   948  C CG2 . THR A 1 117 ? -14.208 17.597  3.520   1.00 19.27 ? 463 THR A CG2 1 
ATOM   949  N N   . ILE A 1 118 ? -15.019 12.902  3.396   1.00 17.92 ? 464 ILE A N   1 
ATOM   950  C CA  . ILE A 1 118 ? -15.804 11.677  3.225   1.00 17.75 ? 464 ILE A CA  1 
ATOM   951  C C   . ILE A 1 118 ? -14.943 10.561  3.823   1.00 17.83 ? 464 ILE A C   1 
ATOM   952  O O   . ILE A 1 118 ? -13.731 10.729  3.971   1.00 17.39 ? 464 ILE A O   1 
ATOM   953  C CB  . ILE A 1 118 ? -16.135 11.398  1.729   1.00 17.64 ? 464 ILE A CB  1 
ATOM   954  C CG1 . ILE A 1 118 ? -14.854 11.330  0.894   1.00 17.63 ? 464 ILE A CG1 1 
ATOM   955  C CG2 . ILE A 1 118 ? -17.080 12.482  1.202   1.00 17.80 ? 464 ILE A CG2 1 
ATOM   956  C CD1 . ILE A 1 118 ? -15.091 11.057  -0.580  1.00 17.29 ? 464 ILE A CD1 1 
ATOM   957  N N   . PRO A 1 119 ? -15.546 9.404   4.156   1.00 17.85 ? 465 PRO A N   1 
ATOM   958  C CA  . PRO A 1 119 ? -14.803 8.285   4.752   1.00 17.43 ? 465 PRO A CA  1 
ATOM   959  C C   . PRO A 1 119 ? -13.391 8.009   4.243   1.00 16.95 ? 465 PRO A C   1 
ATOM   960  O O   . PRO A 1 119 ? -12.459 7.921   5.043   1.00 17.22 ? 465 PRO A O   1 
ATOM   961  C CB  . PRO A 1 119 ? -15.764 7.096   4.578   1.00 17.41 ? 465 PRO A CB  1 
ATOM   962  C CG  . PRO A 1 119 ? -16.788 7.598   3.556   1.00 18.64 ? 465 PRO A CG  1 
ATOM   963  C CD  . PRO A 1 119 ? -16.951 9.022   3.968   1.00 18.01 ? 465 PRO A CD  1 
ATOM   964  N N   . ARG A 1 120 ? -13.222 7.879   2.931   1.00 16.17 ? 466 ARG A N   1 
ATOM   965  C CA  . ARG A 1 120 ? -11.894 7.627   2.379   1.00 15.95 ? 466 ARG A CA  1 
ATOM   966  C C   . ARG A 1 120 ? -11.494 8.731   1.401   1.00 15.49 ? 466 ARG A C   1 
ATOM   967  O O   . ARG A 1 120 ? -12.252 9.097   0.505   1.00 14.12 ? 466 ARG A O   1 
ATOM   968  C CB  . ARG A 1 120 ? -11.853 6.261   1.676   1.00 16.65 ? 466 ARG A CB  1 
ATOM   969  C CG  . ARG A 1 120 ? -10.441 5.789   1.302   1.00 17.02 ? 466 ARG A CG  1 
ATOM   970  C CD  . ARG A 1 120 ? -10.474 4.375   0.738   1.00 17.75 ? 466 ARG A CD  1 
ATOM   971  N NE  . ARG A 1 120 ? -11.034 4.343   -0.606  1.00 18.35 ? 466 ARG A NE  1 
ATOM   972  C CZ  . ARG A 1 120 ? -11.633 3.284   -1.139  1.00 17.97 ? 466 ARG A CZ  1 
ATOM   973  N NH1 . ARG A 1 120 ? -11.756 2.165   -0.441  1.00 17.82 ? 466 ARG A NH1 1 
ATOM   974  N NH2 . ARG A 1 120 ? -12.087 3.343   -2.378  1.00 17.79 ? 466 ARG A NH2 1 
ATOM   975  N N   . ASN A 1 121 ? -10.291 9.257   1.583   1.00 15.36 ? 467 ASN A N   1 
ATOM   976  C CA  . ASN A 1 121 ? -9.781  10.325  0.729   1.00 15.19 ? 467 ASN A CA  1 
ATOM   977  C C   . ASN A 1 121 ? -9.760  9.862   -0.734  1.00 15.76 ? 467 ASN A C   1 
ATOM   978  O O   . ASN A 1 121 ? -9.209  8.807   -1.055  1.00 14.92 ? 467 ASN A O   1 
ATOM   979  C CB  . ASN A 1 121 ? -8.355  10.699  1.169   1.00 15.21 ? 467 ASN A CB  1 
ATOM   980  C CG  . ASN A 1 121 ? -7.912  12.059  0.654   1.00 15.02 ? 467 ASN A CG  1 
ATOM   981  O OD1 . ASN A 1 121 ? -8.236  12.445  -0.467  1.00 14.89 ? 467 ASN A OD1 1 
ATOM   982  N ND2 . ASN A 1 121 ? -7.134  12.777  1.462   1.00 14.68 ? 467 ASN A ND2 1 
ATOM   983  N N   . PRO A 1 122 ? -10.396 10.631  -1.637  1.00 16.20 ? 468 PRO A N   1 
ATOM   984  C CA  . PRO A 1 122 ? -10.409 10.256  -3.054  1.00 16.99 ? 468 PRO A CA  1 
ATOM   985  C C   . PRO A 1 122 ? -8.972  10.224  -3.587  1.00 16.97 ? 468 PRO A C   1 
ATOM   986  O O   . PRO A 1 122 ? -8.639  9.451   -4.489  1.00 17.49 ? 468 PRO A O   1 
ATOM   987  C CB  . PRO A 1 122 ? -11.236 11.379  -3.691  1.00 17.05 ? 468 PRO A CB  1 
ATOM   988  C CG  . PRO A 1 122 ? -12.161 11.809  -2.557  1.00 17.52 ? 468 PRO A CG  1 
ATOM   989  C CD  . PRO A 1 122 ? -11.149 11.877  -1.428  1.00 17.11 ? 468 PRO A CD  1 
ATOM   990  N N   . LYS A 1 123 ? -8.125  11.081  -3.023  1.00 16.91 ? 469 LYS A N   1 
ATOM   991  C CA  . LYS A 1 123 ? -6.725  11.149  -3.427  1.00 16.93 ? 469 LYS A CA  1 
ATOM   992  C C   . LYS A 1 123 ? -5.863  10.201  -2.600  1.00 16.74 ? 469 LYS A C   1 
ATOM   993  O O   . LYS A 1 123 ? -5.975  10.152  -1.375  1.00 16.57 ? 469 LYS A O   1 
ATOM   994  C CB  . LYS A 1 123 ? -6.203  12.581  -3.277  1.00 17.68 ? 469 LYS A CB  1 
ATOM   995  C CG  . LYS A 1 123 ? -6.725  13.537  -4.335  1.00 18.60 ? 469 LYS A CG  1 
ATOM   996  C CD  . LYS A 1 123 ? -6.405  14.975  -3.993  1.00 20.59 ? 469 LYS A CD  1 
ATOM   997  C CE  . LYS A 1 123 ? -6.588  15.876  -5.205  1.00 20.92 ? 469 LYS A CE  1 
ATOM   998  N NZ  . LYS A 1 123 ? -7.935  15.713  -5.823  1.00 22.01 ? 469 LYS A NZ  1 
ATOM   999  N N   . GLY A 1 124 ? -5.014  9.445   -3.286  1.00 16.25 ? 470 GLY A N   1 
ATOM   1000 C CA  . GLY A 1 124 ? -4.121  8.511   -2.625  1.00 15.89 ? 470 GLY A CA  1 
ATOM   1001 C C   . GLY A 1 124 ? -2.701  8.826   -3.053  1.00 15.79 ? 470 GLY A C   1 
ATOM   1002 O O   . GLY A 1 124 ? -2.501  9.463   -4.087  1.00 15.67 ? 470 GLY A O   1 
ATOM   1003 N N   . PHE A 1 125 ? -1.718  8.384   -2.273  1.00 15.12 ? 471 PHE A N   1 
ATOM   1004 C CA  . PHE A 1 125 ? -0.314  8.647   -2.577  1.00 14.90 ? 471 PHE A CA  1 
ATOM   1005 C C   . PHE A 1 125 ? 0.455   7.324   -2.606  1.00 14.89 ? 471 PHE A C   1 
ATOM   1006 O O   . PHE A 1 125 ? 0.382   6.524   -1.671  1.00 14.37 ? 471 PHE A O   1 
ATOM   1007 C CB  . PHE A 1 125 ? 0.274   9.584   -1.510  1.00 15.02 ? 471 PHE A CB  1 
ATOM   1008 C CG  . PHE A 1 125 ? 1.603   10.180  -1.886  1.00 15.67 ? 471 PHE A CG  1 
ATOM   1009 C CD1 . PHE A 1 125 ? 1.710   11.065  -2.957  1.00 15.82 ? 471 PHE A CD1 1 
ATOM   1010 C CD2 . PHE A 1 125 ? 2.745   9.870   -1.159  1.00 16.17 ? 471 PHE A CD2 1 
ATOM   1011 C CE1 . PHE A 1 125 ? 2.939   11.638  -3.297  1.00 15.95 ? 471 PHE A CE1 1 
ATOM   1012 C CE2 . PHE A 1 125 ? 3.982   10.433  -1.488  1.00 16.04 ? 471 PHE A CE2 1 
ATOM   1013 C CZ  . PHE A 1 125 ? 4.079   11.319  -2.558  1.00 16.51 ? 471 PHE A CZ  1 
ATOM   1014 N N   . GLY A 1 126 ? 1.190   7.082   -3.682  1.00 14.94 ? 472 GLY A N   1 
ATOM   1015 C CA  . GLY A 1 126 ? 1.917   5.830   -3.762  1.00 14.91 ? 472 GLY A CA  1 
ATOM   1016 C C   . GLY A 1 126 ? 2.629   5.580   -5.075  1.00 15.19 ? 472 GLY A C   1 
ATOM   1017 O O   . GLY A 1 126 ? 3.036   6.521   -5.765  1.00 14.98 ? 472 GLY A O   1 
ATOM   1018 N N   . TYR A 1 127 ? 2.750   4.303   -5.430  1.00 15.01 ? 473 TYR A N   1 
ATOM   1019 C CA  . TYR A 1 127 ? 3.468   3.899   -6.636  1.00 15.36 ? 473 TYR A CA  1 
ATOM   1020 C C   . TYR A 1 127 ? 2.669   3.076   -7.637  1.00 15.57 ? 473 TYR A C   1 
ATOM   1021 O O   . TYR A 1 127 ? 2.221   1.976   -7.325  1.00 15.67 ? 473 TYR A O   1 
ATOM   1022 C CB  . TYR A 1 127 ? 4.710   3.083   -6.254  1.00 15.62 ? 473 TYR A CB  1 
ATOM   1023 C CG  . TYR A 1 127 ? 5.582   3.711   -5.197  1.00 15.75 ? 473 TYR A CG  1 
ATOM   1024 C CD1 . TYR A 1 127 ? 5.227   3.668   -3.845  1.00 15.35 ? 473 TYR A CD1 1 
ATOM   1025 C CD2 . TYR A 1 127 ? 6.755   4.372   -5.549  1.00 15.91 ? 473 TYR A CD2 1 
ATOM   1026 C CE1 . TYR A 1 127 ? 6.024   4.275   -2.867  1.00 16.01 ? 473 TYR A CE1 1 
ATOM   1027 C CE2 . TYR A 1 127 ? 7.558   4.980   -4.586  1.00 16.51 ? 473 TYR A CE2 1 
ATOM   1028 C CZ  . TYR A 1 127 ? 7.191   4.932   -3.249  1.00 16.29 ? 473 TYR A CZ  1 
ATOM   1029 O OH  . TYR A 1 127 ? 7.999   5.549   -2.315  1.00 16.08 ? 473 TYR A OH  1 
ATOM   1030 N N   . VAL A 1 128 ? 2.517   3.601   -8.848  1.00 15.63 ? 474 VAL A N   1 
ATOM   1031 C CA  . VAL A 1 128 ? 1.806   2.886   -9.893  1.00 16.08 ? 474 VAL A CA  1 
ATOM   1032 C C   . VAL A 1 128 ? 2.597   1.636   -10.251 1.00 16.00 ? 474 VAL A C   1 
ATOM   1033 O O   . VAL A 1 128 ? 2.023   0.568   -10.457 1.00 16.35 ? 474 VAL A O   1 
ATOM   1034 C CB  . VAL A 1 128 ? 1.620   3.769   -11.158 1.00 16.52 ? 474 VAL A CB  1 
ATOM   1035 C CG1 . VAL A 1 128 ? 1.000   2.945   -12.300 1.00 17.46 ? 474 VAL A CG1 1 
ATOM   1036 C CG2 . VAL A 1 128 ? 0.710   4.945   -10.828 1.00 17.08 ? 474 VAL A CG2 1 
ATOM   1037 N N   . THR A 1 129 ? 3.921   1.768   -10.305 1.00 16.12 ? 475 THR A N   1 
ATOM   1038 C CA  . THR A 1 129 ? 4.798   0.643   -10.624 1.00 16.03 ? 475 THR A CA  1 
ATOM   1039 C C   . THR A 1 129 ? 5.578   0.193   -9.383  1.00 15.93 ? 475 THR A C   1 
ATOM   1040 O O   . THR A 1 129 ? 6.808   0.214   -9.374  1.00 16.36 ? 475 THR A O   1 
ATOM   1041 C CB  . THR A 1 129 ? 5.800   1.026   -11.752 1.00 16.63 ? 475 THR A CB  1 
ATOM   1042 O OG1 . THR A 1 129 ? 6.537   2.198   -11.373 1.00 16.45 ? 475 THR A OG1 1 
ATOM   1043 C CG2 . THR A 1 129 ? 5.051   1.319   -13.049 1.00 16.02 ? 475 THR A CG2 1 
ATOM   1044 N N   . PHE A 1 130 ? 4.863   -0.225  -8.341  1.00 15.38 ? 476 PHE A N   1 
ATOM   1045 C CA  . PHE A 1 130 ? 5.507   -0.660  -7.109  1.00 15.55 ? 476 PHE A CA  1 
ATOM   1046 C C   . PHE A 1 130 ? 6.362   -1.901  -7.316  1.00 15.77 ? 476 PHE A C   1 
ATOM   1047 O O   . PHE A 1 130 ? 7.533   -1.935  -6.931  1.00 15.25 ? 476 PHE A O   1 
ATOM   1048 C CB  . PHE A 1 130 ? 4.472   -0.957  -6.024  1.00 15.40 ? 476 PHE A CB  1 
ATOM   1049 C CG  . PHE A 1 130 ? 5.081   -1.247  -4.683  1.00 15.87 ? 476 PHE A CG  1 
ATOM   1050 C CD1 . PHE A 1 130 ? 5.644   -0.222  -3.926  1.00 15.67 ? 476 PHE A CD1 1 
ATOM   1051 C CD2 . PHE A 1 130 ? 5.143   -2.550  -4.199  1.00 15.54 ? 476 PHE A CD2 1 
ATOM   1052 C CE1 . PHE A 1 130 ? 6.256   -0.491  -2.709  1.00 15.38 ? 476 PHE A CE1 1 
ATOM   1053 C CE2 . PHE A 1 130 ? 5.754   -2.826  -2.983  1.00 15.35 ? 476 PHE A CE2 1 
ATOM   1054 C CZ  . PHE A 1 130 ? 6.312   -1.795  -2.236  1.00 15.62 ? 476 PHE A CZ  1 
ATOM   1055 N N   . MET A 1 131 ? 5.769   -2.924  -7.925  1.00 16.14 ? 477 MET A N   1 
ATOM   1056 C CA  . MET A 1 131 ? 6.485   -4.166  -8.167  1.00 17.15 ? 477 MET A CA  1 
ATOM   1057 C C   . MET A 1 131 ? 5.897   -4.915  -9.363  1.00 16.58 ? 477 MET A C   1 
ATOM   1058 O O   . MET A 1 131 ? 4.687   -5.115  -9.451  1.00 16.11 ? 477 MET A O   1 
ATOM   1059 C CB  . MET A 1 131 ? 6.418   -5.048  -6.918  1.00 18.52 ? 477 MET A CB  1 
ATOM   1060 C CG  . MET A 1 131 ? 7.318   -6.269  -6.959  1.00 20.85 ? 477 MET A CG  1 
ATOM   1061 S SD  . MET A 1 131 ? 7.081   -7.317  -5.512  1.00 24.72 ? 477 MET A SD  1 
ATOM   1062 C CE  . MET A 1 131 ? 8.436   -8.405  -5.663  1.00 23.36 ? 477 MET A CE  1 
ATOM   1063 N N   . HIS A 1 132 ? 6.754   -5.332  -10.290 1.00 16.31 ? 478 HIS A N   1 
ATOM   1064 C CA  . HIS A 1 132 ? 6.269   -6.058  -11.456 1.00 16.53 ? 478 HIS A CA  1 
ATOM   1065 C C   . HIS A 1 132 ? 5.849   -7.459  -11.005 1.00 16.83 ? 478 HIS A C   1 
ATOM   1066 O O   . HIS A 1 132 ? 6.508   -8.066  -10.159 1.00 16.48 ? 478 HIS A O   1 
ATOM   1067 C CB  . HIS A 1 132 ? 7.370   -6.183  -12.519 1.00 16.25 ? 478 HIS A CB  1 
ATOM   1068 C CG  . HIS A 1 132 ? 6.863   -6.666  -13.844 1.00 16.92 ? 478 HIS A CG  1 
ATOM   1069 N ND1 . HIS A 1 132 ? 6.589   -5.816  -14.894 1.00 17.14 ? 478 HIS A ND1 1 
ATOM   1070 C CD2 . HIS A 1 132 ? 6.499   -7.901  -14.260 1.00 15.94 ? 478 HIS A CD2 1 
ATOM   1071 C CE1 . HIS A 1 132 ? 6.075   -6.504  -15.897 1.00 16.32 ? 478 HIS A CE1 1 
ATOM   1072 N NE2 . HIS A 1 132 ? 6.009   -7.775  -15.537 1.00 17.13 ? 478 HIS A NE2 1 
ATOM   1073 N N   . LEU A 1 133 ? 4.754   -7.965  -11.567 1.00 17.39 ? 479 LEU A N   1 
ATOM   1074 C CA  . LEU A 1 133 ? 4.260   -9.302  -11.232 1.00 18.74 ? 479 LEU A CA  1 
ATOM   1075 C C   . LEU A 1 133 ? 5.298   -10.402 -11.484 1.00 19.77 ? 479 LEU A C   1 
ATOM   1076 O O   . LEU A 1 133 ? 5.320   -11.416 -10.791 1.00 19.24 ? 479 LEU A O   1 
ATOM   1077 C CB  . LEU A 1 133 ? 2.985   -9.608  -12.026 1.00 18.02 ? 479 LEU A CB  1 
ATOM   1078 C CG  . LEU A 1 133 ? 1.696   -8.920  -11.573 1.00 17.69 ? 479 LEU A CG  1 
ATOM   1079 C CD1 . LEU A 1 133 ? 0.593   -9.180  -12.612 1.00 17.73 ? 479 LEU A CD1 1 
ATOM   1080 C CD2 . LEU A 1 133 ? 1.289   -9.450  -10.195 1.00 17.07 ? 479 LEU A CD2 1 
ATOM   1081 N N   . GLU A 1 134 ? 6.162   -10.193 -12.473 1.00 21.30 ? 480 GLU A N   1 
ATOM   1082 C CA  . GLU A 1 134 ? 7.199   -11.167 -12.810 1.00 23.31 ? 480 GLU A CA  1 
ATOM   1083 C C   . GLU A 1 134 ? 8.121   -11.405 -11.612 1.00 24.34 ? 480 GLU A C   1 
ATOM   1084 O O   . GLU A 1 134 ? 8.714   -12.475 -11.472 1.00 24.53 ? 480 GLU A O   1 
ATOM   1085 C CB  . GLU A 1 134 ? 8.007   -10.655 -14.007 1.00 23.78 ? 480 GLU A CB  1 
ATOM   1086 C CG  . GLU A 1 134 ? 8.813   -11.695 -14.768 1.00 25.31 ? 480 GLU A CG  1 
ATOM   1087 C CD  . GLU A 1 134 ? 7.954   -12.796 -15.363 1.00 25.84 ? 480 GLU A CD  1 
ATOM   1088 O OE1 . GLU A 1 134 ? 6.855   -12.503 -15.874 1.00 26.43 ? 480 GLU A OE1 1 
ATOM   1089 O OE2 . GLU A 1 134 ? 8.392   -13.959 -15.341 1.00 27.42 ? 480 GLU A OE2 1 
ATOM   1090 N N   . ALA A 1 135 ? 8.234   -10.401 -10.746 1.00 25.57 ? 481 ALA A N   1 
ATOM   1091 C CA  . ALA A 1 135 ? 9.076   -10.498 -9.557  1.00 26.93 ? 481 ALA A CA  1 
ATOM   1092 C C   . ALA A 1 135 ? 8.580   -11.586 -8.604  1.00 28.07 ? 481 ALA A C   1 
ATOM   1093 O O   . ALA A 1 135 ? 9.358   -12.138 -7.821  1.00 28.14 ? 481 ALA A O   1 
ATOM   1094 C CB  . ALA A 1 135 ? 9.119   -9.157  -8.833  1.00 26.69 ? 481 ALA A CB  1 
ATOM   1095 N N   . LEU A 1 136 ? 7.286   -11.888 -8.668  1.00 29.33 ? 482 LEU A N   1 
ATOM   1096 C CA  . LEU A 1 136 ? 6.691   -12.912 -7.815  1.00 30.75 ? 482 LEU A CA  1 
ATOM   1097 C C   . LEU A 1 136 ? 7.196   -14.300 -8.201  1.00 31.86 ? 482 LEU A C   1 
ATOM   1098 O O   . LEU A 1 136 ? 7.097   -15.248 -7.420  1.00 32.21 ? 482 LEU A O   1 
ATOM   1099 C CB  . LEU A 1 136 ? 5.164   -12.872 -7.930  1.00 30.54 ? 482 LEU A CB  1 
ATOM   1100 C CG  . LEU A 1 136 ? 4.458   -11.588 -7.478  1.00 30.41 ? 482 LEU A CG  1 
ATOM   1101 C CD1 . LEU A 1 136 ? 2.987   -11.643 -7.857  1.00 30.17 ? 482 LEU A CD1 1 
ATOM   1102 C CD2 . LEU A 1 136 ? 4.631   -11.411 -5.974  1.00 30.41 ? 482 LEU A CD2 1 
ATOM   1103 N N   . ARG A 1 137 ? 7.734   -14.413 -9.410  1.00 33.25 ? 483 ARG A N   1 
ATOM   1104 C CA  . ARG A 1 137 ? 8.255   -15.680 -9.913  1.00 34.33 ? 483 ARG A CA  1 
ATOM   1105 C C   . ARG A 1 137 ? 9.744   -15.853 -9.623  1.00 34.60 ? 483 ARG A C   1 
ATOM   1106 O O   . ARG A 1 137 ? 10.345  -16.851 -10.018 1.00 35.11 ? 483 ARG A O   1 
ATOM   1107 C CB  . ARG A 1 137 ? 8.011   -15.774 -11.421 1.00 35.03 ? 483 ARG A CB  1 
ATOM   1108 C CG  . ARG A 1 137 ? 6.546   -15.939 -11.807 1.00 36.31 ? 483 ARG A CG  1 
ATOM   1109 C CD  . ARG A 1 137 ? 6.326   -15.717 -13.301 1.00 37.10 ? 483 ARG A CD  1 
ATOM   1110 N NE  . ARG A 1 137 ? 7.204   -16.521 -14.150 1.00 38.11 ? 483 ARG A NE  1 
ATOM   1111 C CZ  . ARG A 1 137 ? 7.206   -17.850 -14.198 1.00 38.72 ? 483 ARG A CZ  1 
ATOM   1112 N NH1 . ARG A 1 137 ? 6.370   -18.548 -13.442 1.00 38.97 ? 483 ARG A NH1 1 
ATOM   1113 N NH2 . ARG A 1 137 ? 8.049   -18.482 -15.008 1.00 38.84 ? 483 ARG A NH2 1 
ATOM   1114 N N   . GLN A 1 138 ? 10.331  -14.885 -8.926  1.00 34.91 ? 484 GLN A N   1 
ATOM   1115 C CA  . GLN A 1 138 ? 11.754  -14.922 -8.595  1.00 35.05 ? 484 GLN A CA  1 
ATOM   1116 C C   . GLN A 1 138 ? 12.070  -15.269 -7.143  1.00 34.76 ? 484 GLN A C   1 
ATOM   1117 O O   . GLN A 1 138 ? 13.166  -15.742 -6.835  1.00 34.67 ? 484 GLN A O   1 
ATOM   1118 C CB  . GLN A 1 138 ? 12.396  -13.587 -8.971  1.00 35.81 ? 484 GLN A CB  1 
ATOM   1119 C CG  . GLN A 1 138 ? 12.680  -13.469 -10.462 1.00 37.26 ? 484 GLN A CG  1 
ATOM   1120 C CD  . GLN A 1 138 ? 12.377  -12.097 -11.024 1.00 37.87 ? 484 GLN A CD  1 
ATOM   1121 O OE1 . GLN A 1 138 ? 12.788  -11.075 -10.469 1.00 38.40 ? 484 GLN A OE1 1 
ATOM   1122 N NE2 . GLN A 1 138 ? 11.669  -12.066 -12.150 1.00 38.48 ? 484 GLN A NE2 1 
ATOM   1123 N N   . ARG A 1 139 ? 11.115  -15.033 -6.250  1.00 34.28 ? 485 ARG A N   1 
ATOM   1124 C CA  . ARG A 1 139 ? 11.304  -15.341 -4.838  1.00 33.43 ? 485 ARG A CA  1 
ATOM   1125 C C   . ARG A 1 139 ? 9.958   -15.788 -4.293  1.00 32.19 ? 485 ARG A C   1 
ATOM   1126 O O   . ARG A 1 139 ? 8.925   -15.544 -4.915  1.00 32.28 ? 485 ARG A O   1 
ATOM   1127 C CB  . ARG A 1 139 ? 11.782  -14.105 -4.070  1.00 34.59 ? 485 ARG A CB  1 
ATOM   1128 C CG  . ARG A 1 139 ? 12.921  -13.358 -4.735  1.00 35.83 ? 485 ARG A CG  1 
ATOM   1129 C CD  . ARG A 1 139 ? 13.403  -12.201 -3.881  1.00 36.95 ? 485 ARG A CD  1 
ATOM   1130 N NE  . ARG A 1 139 ? 14.201  -11.264 -4.665  1.00 38.62 ? 485 ARG A NE  1 
ATOM   1131 C CZ  . ARG A 1 139 ? 13.714  -10.529 -5.663  1.00 39.30 ? 485 ARG A CZ  1 
ATOM   1132 N NH1 . ARG A 1 139 ? 12.433  -10.622 -5.996  1.00 39.74 ? 485 ARG A NH1 1 
ATOM   1133 N NH2 . ARG A 1 139 ? 14.506  -9.701  -6.328  1.00 39.58 ? 485 ARG A NH2 1 
ATOM   1134 N N   . THR A 1 140 ? 9.971   -16.438 -3.137  1.00 30.76 ? 486 THR A N   1 
ATOM   1135 C CA  . THR A 1 140 ? 8.735   -16.909 -2.530  1.00 29.55 ? 486 THR A CA  1 
ATOM   1136 C C   . THR A 1 140 ? 7.980   -15.765 -1.851  1.00 28.49 ? 486 THR A C   1 
ATOM   1137 O O   . THR A 1 140 ? 7.941   -15.684 -0.622  1.00 28.12 ? 486 THR A O   1 
ATOM   1138 C CB  . THR A 1 140 ? 9.003   -18.010 -1.479  1.00 29.73 ? 486 THR A CB  1 
ATOM   1139 O OG1 . THR A 1 140 ? 9.847   -19.018 -2.045  1.00 30.41 ? 486 THR A OG1 1 
ATOM   1140 C CG2 . THR A 1 140 ? 7.698   -18.659 -1.046  1.00 29.78 ? 486 THR A CG2 1 
ATOM   1141 N N   . PHE A 1 141 ? 7.397   -14.871 -2.646  1.00 27.27 ? 487 PHE A N   1 
ATOM   1142 C CA  . PHE A 1 141 ? 6.624   -13.771 -2.080  1.00 26.24 ? 487 PHE A CA  1 
ATOM   1143 C C   . PHE A 1 141 ? 5.229   -14.282 -1.779  1.00 25.90 ? 487 PHE A C   1 
ATOM   1144 O O   . PHE A 1 141 ? 4.561   -13.798 -0.869  1.00 25.63 ? 487 PHE A O   1 
ATOM   1145 C CB  . PHE A 1 141 ? 6.533   -12.585 -3.045  1.00 25.73 ? 487 PHE A CB  1 
ATOM   1146 C CG  . PHE A 1 141 ? 7.785   -11.765 -3.121  1.00 25.14 ? 487 PHE A CG  1 
ATOM   1147 C CD1 . PHE A 1 141 ? 8.606   -11.812 -4.242  1.00 24.87 ? 487 PHE A CD1 1 
ATOM   1148 C CD2 . PHE A 1 141 ? 8.144   -10.942 -2.058  1.00 25.06 ? 487 PHE A CD2 1 
ATOM   1149 C CE1 . PHE A 1 141 ? 9.768   -11.045 -4.304  1.00 25.08 ? 487 PHE A CE1 1 
ATOM   1150 C CE2 . PHE A 1 141 ? 9.301   -10.173 -2.110  1.00 25.20 ? 487 PHE A CE2 1 
ATOM   1151 C CZ  . PHE A 1 141 ? 10.114  -10.222 -3.232  1.00 24.81 ? 487 PHE A CZ  1 
ATOM   1152 N N   . ILE A 1 142 ? 4.797   -15.265 -2.562  1.00 25.61 ? 488 ILE A N   1 
ATOM   1153 C CA  . ILE A 1 142 ? 3.486   -15.865 -2.379  1.00 25.37 ? 488 ILE A CA  1 
ATOM   1154 C C   . ILE A 1 142 ? 3.657   -17.177 -1.631  1.00 25.36 ? 488 ILE A C   1 
ATOM   1155 O O   . ILE A 1 142 ? 4.393   -18.056 -2.071  1.00 25.54 ? 488 ILE A O   1 
ATOM   1156 C CB  . ILE A 1 142 ? 2.799   -16.178 -3.728  1.00 24.99 ? 488 ILE A CB  1 
ATOM   1157 C CG1 . ILE A 1 142 ? 2.625   -14.898 -4.548  1.00 25.26 ? 488 ILE A CG1 1 
ATOM   1158 C CG2 . ILE A 1 142 ? 1.440   -16.834 -3.476  1.00 24.63 ? 488 ILE A CG2 1 
ATOM   1159 C CD1 . ILE A 1 142 ? 1.731   -13.867 -3.895  1.00 25.74 ? 488 ILE A CD1 1 
ATOM   1160 N N   . LYS A 1 143 ? 2.983   -17.301 -0.497  1.00 25.35 ? 489 LYS A N   1 
ATOM   1161 C CA  . LYS A 1 143 ? 3.049   -18.521 0.290   1.00 25.30 ? 489 LYS A CA  1 
ATOM   1162 C C   . LYS A 1 143 ? 1.635   -18.848 0.740   1.00 24.91 ? 489 LYS A C   1 
ATOM   1163 O O   . LYS A 1 143 ? 0.902   -17.975 1.203   1.00 24.35 ? 489 LYS A O   1 
ATOM   1164 C CB  . LYS A 1 143 ? 3.960   -18.339 1.508   1.00 25.44 ? 489 LYS A CB  1 
ATOM   1165 C CG  . LYS A 1 143 ? 4.155   -19.614 2.321   1.00 26.16 ? 489 LYS A CG  1 
ATOM   1166 C CD  . LYS A 1 143 ? 5.025   -19.387 3.552   1.00 26.48 ? 489 LYS A CD  1 
ATOM   1167 C CE  . LYS A 1 143 ? 5.190   -20.675 4.354   1.00 26.90 ? 489 LYS A CE  1 
ATOM   1168 N NZ  . LYS A 1 143 ? 5.995   -20.479 5.589   1.00 27.04 ? 489 LYS A NZ  1 
ATOM   1169 N N   . ASP A 1 144 ? 1.249   -20.109 0.594   1.00 25.01 ? 490 ASP A N   1 
ATOM   1170 C CA  . ASP A 1 144 ? -0.090  -20.542 0.972   1.00 25.05 ? 490 ASP A CA  1 
ATOM   1171 C C   . ASP A 1 144 ? -1.113  -19.621 0.295   1.00 24.14 ? 490 ASP A C   1 
ATOM   1172 O O   . ASP A 1 144 ? -2.111  -19.200 0.891   1.00 24.12 ? 490 ASP A O   1 
ATOM   1173 C CB  . ASP A 1 144 ? -0.221  -20.523 2.500   1.00 27.14 ? 490 ASP A CB  1 
ATOM   1174 C CG  . ASP A 1 144 ? -1.502  -21.171 2.989   1.00 28.70 ? 490 ASP A CG  1 
ATOM   1175 O OD1 . ASP A 1 144 ? -1.907  -22.205 2.412   1.00 30.57 ? 490 ASP A OD1 1 
ATOM   1176 O OD2 . ASP A 1 144 ? -2.086  -20.666 3.971   1.00 29.85 ? 490 ASP A OD2 1 
ATOM   1177 N N   . ASP A 1 145 ? -0.818  -19.309 -0.966  1.00 23.06 ? 491 ASP A N   1 
ATOM   1178 C CA  . ASP A 1 145 ? -1.657  -18.474 -1.820  1.00 21.83 ? 491 ASP A CA  1 
ATOM   1179 C C   . ASP A 1 145 ? -1.965  -17.118 -1.179  1.00 20.99 ? 491 ASP A C   1 
ATOM   1180 O O   . ASP A 1 145 ? -3.033  -16.539 -1.388  1.00 20.11 ? 491 ASP A O   1 
ATOM   1181 C CB  . ASP A 1 145 ? -2.948  -19.240 -2.148  1.00 22.74 ? 491 ASP A CB  1 
ATOM   1182 C CG  . ASP A 1 145 ? -3.709  -18.648 -3.323  1.00 23.38 ? 491 ASP A CG  1 
ATOM   1183 O OD1 . ASP A 1 145 ? -3.055  -18.175 -4.279  1.00 24.17 ? 491 ASP A OD1 1 
ATOM   1184 O OD2 . ASP A 1 145 ? -4.958  -18.694 -3.310  1.00 24.13 ? 491 ASP A OD2 1 
ATOM   1185 N N   . THR A 1 146 ? -1.006  -16.610 -0.410  1.00 20.07 ? 492 THR A N   1 
ATOM   1186 C CA  . THR A 1 146 ? -1.165  -15.328 0.274   1.00 19.82 ? 492 THR A CA  1 
ATOM   1187 C C   . THR A 1 146 ? 0.014   -14.380 0.058   1.00 18.88 ? 492 THR A C   1 
ATOM   1188 O O   . THR A 1 146 ? 1.173   -14.794 0.044   1.00 18.78 ? 492 THR A O   1 
ATOM   1189 C CB  . THR A 1 146 ? -1.340  -15.533 1.802   1.00 20.35 ? 492 THR A CB  1 
ATOM   1190 O OG1 . THR A 1 146 ? -2.505  -16.329 2.045   1.00 20.68 ? 492 THR A OG1 1 
ATOM   1191 C CG2 . THR A 1 146 ? -1.494  -14.189 2.523   1.00 21.29 ? 492 THR A CG2 1 
ATOM   1192 N N   . LEU A 1 147 ? -0.301  -13.101 -0.116  1.00 17.56 ? 493 LEU A N   1 
ATOM   1193 C CA  . LEU A 1 147 ? 0.709   -12.068 -0.288  1.00 16.44 ? 493 LEU A CA  1 
ATOM   1194 C C   . LEU A 1 147 ? 0.689   -11.246 1.006   1.00 15.60 ? 493 LEU A C   1 
ATOM   1195 O O   . LEU A 1 147 ? -0.384  -10.972 1.558   1.00 14.47 ? 493 LEU A O   1 
ATOM   1196 C CB  . LEU A 1 147 ? 0.363   -11.167 -1.478  1.00 16.61 ? 493 LEU A CB  1 
ATOM   1197 C CG  . LEU A 1 147 ? 1.410   -10.098 -1.817  1.00 16.82 ? 493 LEU A CG  1 
ATOM   1198 C CD1 . LEU A 1 147 ? 2.617   -10.766 -2.449  1.00 16.60 ? 493 LEU A CD1 1 
ATOM   1199 C CD2 . LEU A 1 147 ? 0.829   -9.065  -2.781  1.00 17.45 ? 493 LEU A CD2 1 
ATOM   1200 N N   . LEU A 1 148 ? 1.864   -10.862 1.495   1.00 15.18 ? 494 LEU A N   1 
ATOM   1201 C CA  . LEU A 1 148 ? 1.963   -10.077 2.723   1.00 15.51 ? 494 LEU A CA  1 
ATOM   1202 C C   . LEU A 1 148 ? 2.467   -8.664  2.459   1.00 15.24 ? 494 LEU A C   1 
ATOM   1203 O O   . LEU A 1 148 ? 3.587   -8.481  2.000   1.00 15.33 ? 494 LEU A O   1 
ATOM   1204 C CB  . LEU A 1 148 ? 2.908   -10.755 3.722   1.00 16.14 ? 494 LEU A CB  1 
ATOM   1205 C CG  . LEU A 1 148 ? 2.527   -12.114 4.303   1.00 16.87 ? 494 LEU A CG  1 
ATOM   1206 C CD1 . LEU A 1 148 ? 3.612   -12.534 5.301   1.00 18.32 ? 494 LEU A CD1 1 
ATOM   1207 C CD2 . LEU A 1 148 ? 1.167   -12.031 4.996   1.00 17.67 ? 494 LEU A CD2 1 
ATOM   1208 N N   . VAL A 1 149 ? 1.642   -7.666  2.761   1.00 14.61 ? 495 VAL A N   1 
ATOM   1209 C CA  . VAL A 1 149 ? 2.029   -6.277  2.554   1.00 14.43 ? 495 VAL A CA  1 
ATOM   1210 C C   . VAL A 1 149 ? 2.170   -5.587  3.913   1.00 14.39 ? 495 VAL A C   1 
ATOM   1211 O O   . VAL A 1 149 ? 1.274   -5.658  4.752   1.00 15.14 ? 495 VAL A O   1 
ATOM   1212 C CB  . VAL A 1 149 ? 0.981   -5.536  1.694   1.00 13.90 ? 495 VAL A CB  1 
ATOM   1213 C CG1 . VAL A 1 149 ? 1.449   -4.107  1.403   1.00 13.18 ? 495 VAL A CG1 1 
ATOM   1214 C CG2 . VAL A 1 149 ? 0.749   -6.306  0.389   1.00 14.16 ? 495 VAL A CG2 1 
ATOM   1215 N N   . ARG A 1 150 ? 3.297   -4.917  4.127   1.00 14.78 ? 496 ARG A N   1 
ATOM   1216 C CA  . ARG A 1 150 ? 3.550   -4.240  5.394   1.00 14.35 ? 496 ARG A CA  1 
ATOM   1217 C C   . ARG A 1 150 ? 3.609   -2.727  5.225   1.00 14.48 ? 496 ARG A C   1 
ATOM   1218 O O   . ARG A 1 150 ? 4.195   -2.221  4.274   1.00 14.75 ? 496 ARG A O   1 
ATOM   1219 C CB  . ARG A 1 150 ? 4.866   -4.759  5.996   1.00 14.65 ? 496 ARG A CB  1 
ATOM   1220 C CG  . ARG A 1 150 ? 5.305   -4.121  7.326   1.00 14.52 ? 496 ARG A CG  1 
ATOM   1221 C CD  . ARG A 1 150 ? 6.576   -4.827  7.831   1.00 15.27 ? 496 ARG A CD  1 
ATOM   1222 N NE  . ARG A 1 150 ? 7.050   -4.414  9.154   1.00 14.92 ? 496 ARG A NE  1 
ATOM   1223 C CZ  . ARG A 1 150 ? 7.706   -3.287  9.431   1.00 15.57 ? 496 ARG A CZ  1 
ATOM   1224 N NH1 . ARG A 1 150 ? 7.992   -2.408  8.476   1.00 15.87 ? 496 ARG A NH1 1 
ATOM   1225 N NH2 . ARG A 1 150 ? 8.101   -3.052  10.676  1.00 14.80 ? 496 ARG A NH2 1 
ATOM   1226 N N   . CYS A 1 151 ? 2.993   -2.012  6.153   1.00 13.85 ? 497 CYS A N   1 
ATOM   1227 C CA  . CYS A 1 151 ? 2.991   -0.555  6.112   1.00 14.55 ? 497 CYS A CA  1 
ATOM   1228 C C   . CYS A 1 151 ? 3.429   -0.022  7.468   1.00 14.72 ? 497 CYS A C   1 
ATOM   1229 O O   . CYS A 1 151 ? 2.745   -0.236  8.469   1.00 15.02 ? 497 CYS A O   1 
ATOM   1230 C CB  . CYS A 1 151 ? 1.590   -0.019  5.798   1.00 13.95 ? 497 CYS A CB  1 
ATOM   1231 S SG  . CYS A 1 151 ? 1.484   1.807   5.793   1.00 15.77 ? 497 CYS A SG  1 
ATOM   1232 N N   . GLU A 1 152 ? 4.568   0.665   7.498   1.00 15.34 ? 498 GLU A N   1 
ATOM   1233 C CA  . GLU A 1 152 ? 5.079   1.247   8.735   1.00 15.53 ? 498 GLU A CA  1 
ATOM   1234 C C   . GLU A 1 152 ? 5.058   2.768   8.614   1.00 15.65 ? 498 GLU A C   1 
ATOM   1235 O O   . GLU A 1 152 ? 5.636   3.335   7.686   1.00 15.56 ? 498 GLU A O   1 
ATOM   1236 C CB  . GLU A 1 152 ? 6.507   0.779   9.023   1.00 15.94 ? 498 GLU A CB  1 
ATOM   1237 C CG  . GLU A 1 152 ? 7.076   1.367   10.316  1.00 16.89 ? 498 GLU A CG  1 
ATOM   1238 C CD  . GLU A 1 152 ? 8.486   0.892   10.631  1.00 18.23 ? 498 GLU A CD  1 
ATOM   1239 O OE1 . GLU A 1 152 ? 9.025   1.317   11.673  1.00 19.80 ? 498 GLU A OE1 1 
ATOM   1240 O OE2 . GLU A 1 152 ? 9.050   0.099   9.847   1.00 19.40 ? 498 GLU A OE2 1 
ATOM   1241 N N   . VAL A 1 153 ? 4.391   3.416   9.562   1.00 16.39 ? 499 VAL A N   1 
ATOM   1242 C CA  . VAL A 1 153 ? 4.271   4.866   9.566   1.00 17.37 ? 499 VAL A CA  1 
ATOM   1243 C C   . VAL A 1 153 ? 5.060   5.480   10.712  1.00 18.87 ? 499 VAL A C   1 
ATOM   1244 O O   . VAL A 1 153 ? 4.964   5.035   11.858  1.00 18.21 ? 499 VAL A O   1 
ATOM   1245 C CB  . VAL A 1 153 ? 2.797   5.305   9.716   1.00 16.87 ? 499 VAL A CB  1 
ATOM   1246 C CG1 . VAL A 1 153 ? 2.698   6.836   9.667   1.00 16.24 ? 499 VAL A CG1 1 
ATOM   1247 C CG2 . VAL A 1 153 ? 1.944   4.663   8.628   1.00 16.90 ? 499 VAL A CG2 1 
ATOM   1248 N N   . SER A 1 154 ? 5.835   6.508   10.394  1.00 20.22 ? 500 SER A N   1 
ATOM   1249 C CA  . SER A 1 154 ? 6.622   7.208   11.398  1.00 22.95 ? 500 SER A CA  1 
ATOM   1250 C C   . SER A 1 154 ? 6.188   8.671   11.344  1.00 24.22 ? 500 SER A C   1 
ATOM   1251 O O   . SER A 1 154 ? 6.403   9.341   10.335  1.00 23.95 ? 500 SER A O   1 
ATOM   1252 C CB  . SER A 1 154 ? 8.118   7.072   11.080  1.00 23.22 ? 500 SER A CB  1 
ATOM   1253 O OG  . SER A 1 154 ? 8.907   7.641   12.106  1.00 25.20 ? 500 SER A OG  1 
ATOM   1254 N N   . THR A 1 155 ? 5.554   9.153   12.412  1.00 26.23 ? 501 THR A N   1 
ATOM   1255 C CA  . THR A 1 155 ? 5.085   10.539  12.469  1.00 28.24 ? 501 THR A CA  1 
ATOM   1256 C C   . THR A 1 155 ? 6.129   11.435  13.130  1.00 28.91 ? 501 THR A C   1 
ATOM   1257 O O   . THR A 1 155 ? 6.872   12.101  12.378  1.00 30.19 ? 501 THR A O   1 
ATOM   1258 C CB  . THR A 1 155 ? 3.763   10.660  13.269  1.00 28.83 ? 501 THR A CB  1 
ATOM   1259 O OG1 . THR A 1 155 ? 2.776   9.784   12.706  1.00 30.15 ? 501 THR A OG1 1 
ATOM   1260 C CG2 . THR A 1 155 ? 3.239   12.094  13.204  1.00 29.92 ? 501 THR A CG2 1 
ATOM   1261 N N   . LYS B 2 1   ? 15.979  6.553   -8.306  1.00 36.36 ? 601 LYS B N   1 
ATOM   1262 C CA  . LYS B 2 1   ? 15.069  6.151   -7.194  1.00 36.15 ? 601 LYS B CA  1 
ATOM   1263 C C   . LYS B 2 1   ? 13.619  6.428   -7.550  1.00 35.63 ? 601 LYS B C   1 
ATOM   1264 O O   . LYS B 2 1   ? 13.256  7.560   -7.888  1.00 35.57 ? 601 LYS B O   1 
ATOM   1265 C CB  . LYS B 2 1   ? 15.432  6.910   -5.918  1.00 36.89 ? 601 LYS B CB  1 
ATOM   1266 C CG  . LYS B 2 1   ? 14.555  6.563   -4.727  1.00 37.63 ? 601 LYS B CG  1 
ATOM   1267 C CD  . LYS B 2 1   ? 14.982  7.338   -3.497  1.00 38.55 ? 601 LYS B CD  1 
ATOM   1268 C CE  . LYS B 2 1   ? 14.140  6.965   -2.293  1.00 39.04 ? 601 LYS B CE  1 
ATOM   1269 N NZ  . LYS B 2 1   ? 14.596  7.680   -1.071  1.00 39.79 ? 601 LYS B NZ  1 
ATOM   1270 N N   . GLN B 2 2   ? 12.784  5.398   -7.471  1.00 34.71 ? 602 GLN B N   1 
ATOM   1271 C CA  . GLN B 2 2   ? 11.367  5.548   -7.787  1.00 33.69 ? 602 GLN B CA  1 
ATOM   1272 C C   . GLN B 2 2   ? 10.700  6.563   -6.866  1.00 32.45 ? 602 GLN B C   1 
ATOM   1273 O O   . GLN B 2 2   ? 10.854  6.506   -5.645  1.00 32.22 ? 602 GLN B O   1 
ATOM   1274 C CB  . GLN B 2 2   ? 10.657  4.190   -7.680  1.00 34.43 ? 602 GLN B CB  1 
ATOM   1275 C CG  . GLN B 2 2   ? 9.172   4.276   -7.952  1.00 35.51 ? 602 GLN B CG  1 
ATOM   1276 C CD  . GLN B 2 2   ? 8.548   2.936   -8.282  1.00 36.03 ? 602 GLN B CD  1 
ATOM   1277 O OE1 . GLN B 2 2   ? 7.862   2.813   -9.303  1.00 36.92 ? 602 GLN B OE1 1 
ATOM   1278 N NE2 . GLN B 2 2   ? 8.774   1.938   -7.448  1.00 36.64 ? 602 GLN B NE2 1 
ATOM   1279 N N   . GLU B 2 3   ? 9.966   7.493   -7.468  1.00 30.96 ? 603 GLU B N   1 
ATOM   1280 C CA  . GLU B 2 3   ? 9.263   8.544   -6.731  1.00 29.47 ? 603 GLU B CA  1 
ATOM   1281 C C   . GLU B 2 3   ? 7.748   8.348   -6.722  1.00 27.79 ? 603 GLU B C   1 
ATOM   1282 O O   . GLU B 2 3   ? 7.137   8.128   -7.765  1.00 27.33 ? 603 GLU B O   1 
ATOM   1283 C CB  . GLU B 2 3   ? 9.570   9.914   -7.345  1.00 30.36 ? 603 GLU B CB  1 
ATOM   1284 C CG  . GLU B 2 3   ? 11.007  10.383  -7.189  1.00 31.64 ? 603 GLU B CG  1 
ATOM   1285 C CD  . GLU B 2 3   ? 11.406  10.533  -5.738  1.00 32.37 ? 603 GLU B CD  1 
ATOM   1286 O OE1 . GLU B 2 3   ? 10.659  11.192  -4.986  1.00 32.81 ? 603 GLU B OE1 1 
ATOM   1287 O OE2 . GLU B 2 3   ? 12.469  10.001  -5.351  1.00 33.79 ? 603 GLU B OE2 1 
ATOM   1288 N N   . PRO B 2 4   ? 7.124   8.426   -5.537  1.00 26.18 ? 604 PRO B N   1 
ATOM   1289 C CA  . PRO B 2 4   ? 5.674   8.264   -5.390  1.00 25.08 ? 604 PRO B CA  1 
ATOM   1290 C C   . PRO B 2 4   ? 4.926   9.445   -6.012  1.00 24.20 ? 604 PRO B C   1 
ATOM   1291 O O   . PRO B 2 4   ? 5.513   10.495  -6.259  1.00 24.28 ? 604 PRO B O   1 
ATOM   1292 C CB  . PRO B 2 4   ? 5.503   8.209   -3.873  1.00 25.18 ? 604 PRO B CB  1 
ATOM   1293 C CG  . PRO B 2 4   ? 6.583   9.176   -3.417  1.00 25.24 ? 604 PRO B CG  1 
ATOM   1294 C CD  . PRO B 2 4   ? 7.743   8.620   -4.212  1.00 25.75 ? 604 PRO B CD  1 
ATOM   1295 N N   . GLN B 2 5   ? 3.634   9.274   -6.264  1.00 23.05 ? 605 GLN B N   1 
ATOM   1296 C CA  . GLN B 2 5   ? 2.834   10.341  -6.851  1.00 22.66 ? 605 GLN B CA  1 
ATOM   1297 C C   . GLN B 2 5   ? 1.407   10.298  -6.325  1.00 21.58 ? 605 GLN B C   1 
ATOM   1298 O O   . GLN B 2 5   ? 0.941   9.264   -5.844  1.00 20.91 ? 605 GLN B O   1 
ATOM   1299 C CB  . GLN B 2 5   ? 2.806   10.224  -8.378  1.00 23.32 ? 605 GLN B CB  1 
ATOM   1300 C CG  . GLN B 2 5   ? 2.078   8.996   -8.901  1.00 25.76 ? 605 GLN B CG  1 
ATOM   1301 C CD  . GLN B 2 5   ? 2.015   8.948   -10.422 1.00 26.77 ? 605 GLN B CD  1 
ATOM   1302 O OE1 . GLN B 2 5   ? 1.444   8.028   -11.002 1.00 27.92 ? 605 GLN B OE1 1 
ATOM   1303 N NE2 . GLN B 2 5   ? 2.598   9.946   -11.069 1.00 28.02 ? 605 GLN B NE2 1 
ATOM   1304 N N   . GLU B 2 6   ? 0.719   11.426  -6.419  1.00 20.73 ? 606 GLU B N   1 
ATOM   1305 C CA  . GLU B 2 6   ? -0.661  11.499  -5.969  1.00 20.59 ? 606 GLU B CA  1 
ATOM   1306 C C   . GLU B 2 6   ? -1.589  11.180  -7.125  1.00 20.75 ? 606 GLU B C   1 
ATOM   1307 O O   . GLU B 2 6   ? -1.390  11.659  -8.243  1.00 20.63 ? 606 GLU B O   1 
ATOM   1308 C CB  . GLU B 2 6   ? -0.988  12.898  -5.446  1.00 19.99 ? 606 GLU B CB  1 
ATOM   1309 C CG  . GLU B 2 6   ? -2.434  13.054  -4.980  1.00 19.98 ? 606 GLU B CG  1 
ATOM   1310 C CD  . GLU B 2 6   ? -2.752  14.466  -4.524  1.00 20.47 ? 606 GLU B CD  1 
ATOM   1311 O OE1 . GLU B 2 6   ? -2.725  15.386  -5.369  1.00 20.33 ? 606 GLU B OE1 1 
ATOM   1312 O OE2 . GLU B 2 6   ? -3.020  14.658  -3.318  1.00 20.74 ? 606 GLU B OE2 1 
ATOM   1313 N N   . ILE B 2 7   ? -2.593  10.355  -6.858  1.00 21.03 ? 607 ILE B N   1 
ATOM   1314 C CA  . ILE B 2 7   ? -3.585  10.004  -7.867  1.00 21.64 ? 607 ILE B CA  1 
ATOM   1315 C C   . ILE B 2 7   ? -4.968  10.181  -7.257  1.00 21.94 ? 607 ILE B C   1 
ATOM   1316 O O   . ILE B 2 7   ? -5.223  9.760   -6.128  1.00 21.35 ? 607 ILE B O   1 
ATOM   1317 C CB  . ILE B 2 7   ? -3.432  8.544   -8.371  1.00 21.73 ? 607 ILE B CB  1 
ATOM   1318 C CG1 . ILE B 2 7   ? -2.130  8.406   -9.169  1.00 22.34 ? 607 ILE B CG1 1 
ATOM   1319 C CG2 . ILE B 2 7   ? -4.636  8.156   -9.234  1.00 21.62 ? 607 ILE B CG2 1 
ATOM   1320 C CD1 . ILE B 2 7   ? -1.935  7.044   -9.809  1.00 23.66 ? 607 ILE B CD1 1 
ATOM   1321 N N   . ASP B 2 8   ? -5.847  10.838  -7.999  1.00 22.85 ? 608 ASP B N   1 
ATOM   1322 C CA  . ASP B 2 8   ? -7.208  11.068  -7.545  1.00 24.04 ? 608 ASP B CA  1 
ATOM   1323 C C   . ASP B 2 8   ? -8.034  9.933   -8.130  1.00 24.27 ? 608 ASP B C   1 
ATOM   1324 O O   . ASP B 2 8   ? -8.210  9.853   -9.347  1.00 24.14 ? 608 ASP B O   1 
ATOM   1325 C CB  . ASP B 2 8   ? -7.722  12.406  -8.077  1.00 25.19 ? 608 ASP B CB  1 
ATOM   1326 C CG  . ASP B 2 8   ? -9.055  12.798  -7.477  1.00 26.22 ? 608 ASP B CG  1 
ATOM   1327 O OD1 . ASP B 2 8   ? -10.000 11.979  -7.518  1.00 26.60 ? 608 ASP B OD1 1 
ATOM   1328 O OD2 . ASP B 2 8   ? -9.158  13.933  -6.967  1.00 27.72 ? 608 ASP B OD2 1 
ATOM   1329 N N   . PHE B 2 9   ? -8.524  9.047   -7.272  1.00 24.32 ? 609 PHE B N   1 
ATOM   1330 C CA  . PHE B 2 9   ? -9.321  7.928   -7.742  1.00 24.46 ? 609 PHE B CA  1 
ATOM   1331 C C   . PHE B 2 9   ? -10.804 8.270   -7.724  1.00 24.69 ? 609 PHE B C   1 
ATOM   1332 O O   . PHE B 2 9   ? -11.137 9.428   -7.391  1.00 24.50 ? 609 PHE B O   1 
ATOM   1333 C CB  . PHE B 2 9   ? -9.053  6.684   -6.887  1.00 24.36 ? 609 PHE B CB  1 
ATOM   1334 C CG  . PHE B 2 9   ? -7.605  6.269   -6.860  1.00 24.14 ? 609 PHE B CG  1 
ATOM   1335 C CD1 . PHE B 2 9   ? -6.697  6.901   -6.012  1.00 23.70 ? 609 PHE B CD1 1 
ATOM   1336 C CD2 . PHE B 2 9   ? -7.143  5.264   -7.705  1.00 23.92 ? 609 PHE B CD2 1 
ATOM   1337 C CE1 . PHE B 2 9   ? -5.350  6.538   -6.007  1.00 23.72 ? 609 PHE B CE1 1 
ATOM   1338 C CE2 . PHE B 2 9   ? -5.802  4.894   -7.711  1.00 23.86 ? 609 PHE B CE2 1 
ATOM   1339 C CZ  . PHE B 2 9   ? -4.901  5.531   -6.859  1.00 23.69 ? 609 PHE B CZ  1 
ATOM   1340 O OXT . PHE B 2 9   ? -11.613 7.382   -8.055  1.00 25.46 ? 609 PHE B OXT 1 
HETATM 1341 O O   . HOH C 3 .   ? -4.757  10.068  1.044   1.00 13.12 ? 700 HOH A O   1 
HETATM 1342 O O   . HOH C 3 .   ? -7.310  9.655   10.247  1.00 13.13 ? 701 HOH A O   1 
HETATM 1343 O O   . HOH C 3 .   ? -0.525  -11.102 -16.979 1.00 13.65 ? 703 HOH A O   1 
HETATM 1344 O O   . HOH C 3 .   ? -11.789 1.859   2.553   1.00 15.08 ? 705 HOH A O   1 
HETATM 1345 O O   . HOH C 3 .   ? 7.062   -1.522  5.859   1.00 11.07 ? 706 HOH A O   1 
HETATM 1346 O O   . HOH C 3 .   ? -4.630  -1.371  -15.693 1.00 19.03 ? 707 HOH A O   1 
HETATM 1347 O O   . HOH C 3 .   ? -2.043  -6.772  10.944  1.00 17.48 ? 708 HOH A O   1 
HETATM 1348 O O   . HOH C 3 .   ? -7.983  8.996   13.859  1.00 13.50 ? 709 HOH A O   1 
HETATM 1349 O O   . HOH C 3 .   ? -7.288  17.675  15.024  1.00 14.75 ? 710 HOH A O   1 
HETATM 1350 O O   . HOH C 3 .   ? -8.189  -6.885  2.106   1.00 22.27 ? 711 HOH A O   1 
HETATM 1351 O O   . HOH C 3 .   ? 5.941   -16.064 -5.131  1.00 21.57 ? 712 HOH A O   1 
HETATM 1352 O O   . HOH C 3 .   ? 4.495   -11.305 0.378   1.00 20.49 ? 713 HOH A O   1 
HETATM 1353 O O   . HOH C 3 .   ? -6.818  -3.744  -12.348 1.00 29.56 ? 714 HOH A O   1 
HETATM 1354 O O   . HOH C 3 .   ? 1.727   14.222  11.320  1.00 20.64 ? 715 HOH A O   1 
HETATM 1355 O O   . HOH C 3 .   ? -6.095  -0.338  13.848  1.00 17.56 ? 716 HOH A O   1 
HETATM 1356 O O   . HOH C 3 .   ? -7.195  -4.966  -21.993 1.00 34.07 ? 717 HOH A O   1 
HETATM 1357 O O   . HOH C 3 .   ? 11.441  -8.592  7.281   1.00 33.75 ? 718 HOH A O   1 
HETATM 1358 O O   . HOH C 3 .   ? 9.739   -4.837  -10.466 1.00 29.79 ? 719 HOH A O   1 
HETATM 1359 O O   . HOH C 3 .   ? -6.561  -18.440 -5.273  1.00 19.51 ? 720 HOH A O   1 
HETATM 1360 O O   . HOH C 3 .   ? -13.253 11.741  12.389  1.00 18.62 ? 721 HOH A O   1 
HETATM 1361 O O   . HOH C 3 .   ? -9.815  -10.762 -8.343  1.00 22.36 ? 722 HOH A O   1 
HETATM 1362 O O   . HOH C 3 .   ? -10.991 -8.728  -9.551  1.00 20.88 ? 723 HOH A O   1 
HETATM 1363 O O   . HOH C 3 .   ? -1.598  -1.773  13.283  1.00 23.11 ? 724 HOH A O   1 
HETATM 1364 O O   . HOH C 3 .   ? 13.365  -3.346  -2.484  1.00 28.27 ? 725 HOH A O   1 
HETATM 1365 O O   . HOH C 3 .   ? 12.124  4.229   -1.633  1.00 25.22 ? 726 HOH A O   1 
HETATM 1366 O O   . HOH C 3 .   ? -10.800 15.988  24.128  1.00 20.90 ? 727 HOH A O   1 
HETATM 1367 O O   . HOH C 3 .   ? 0.906   -20.401 -2.921  1.00 32.75 ? 728 HOH A O   1 
HETATM 1368 O O   . HOH C 3 .   ? -8.920  3.851   -3.811  1.00 28.12 ? 729 HOH A O   1 
HETATM 1369 O O   . HOH C 3 .   ? -0.886  22.163  2.730   1.00 23.32 ? 730 HOH A O   1 
HETATM 1370 O O   . HOH C 3 .   ? -11.572 12.947  17.117  1.00 27.27 ? 731 HOH A O   1 
HETATM 1371 O O   . HOH C 3 .   ? 1.136   19.575  9.542   1.00 26.62 ? 732 HOH A O   1 
HETATM 1372 O O   . HOH C 3 .   ? 9.520   10.541  -1.129  1.00 35.02 ? 733 HOH A O   1 
HETATM 1373 O O   . HOH C 3 .   ? -12.698 3.540   12.985  1.00 32.65 ? 736 HOH A O   1 
HETATM 1374 O O   . HOH C 3 .   ? -5.242  -8.176  6.951   1.00 22.91 ? 737 HOH A O   1 
HETATM 1375 O O   . HOH C 3 .   ? -1.688  -18.214 -17.065 1.00 26.13 ? 738 HOH A O   1 
HETATM 1376 O O   . HOH C 3 .   ? 3.537   -13.788 -11.457 1.00 44.94 ? 739 HOH A O   1 
HETATM 1377 O O   . HOH C 3 .   ? -18.579 10.997  6.532   1.00 46.09 ? 740 HOH A O   1 
HETATM 1378 O O   . HOH C 3 .   ? 7.788   16.230  1.996   1.00 30.89 ? 741 HOH A O   1 
HETATM 1379 O O   . HOH C 3 .   ? -13.584 6.196   7.939   1.00 20.05 ? 742 HOH A O   1 
HETATM 1380 O O   . HOH C 3 .   ? -4.964  2.398   17.722  1.00 29.63 ? 743 HOH A O   1 
HETATM 1381 O O   . HOH C 3 .   ? -5.363  -17.184 -16.416 1.00 27.30 ? 744 HOH A O   1 
HETATM 1382 O O   . HOH C 3 .   ? -15.580 15.913  7.741   1.00 46.15 ? 745 HOH A O   1 
HETATM 1383 O O   . HOH C 3 .   ? -5.421  7.576   24.044  1.00 44.89 ? 746 HOH A O   1 
HETATM 1384 O O   . HOH C 3 .   ? 7.582   18.890  4.118   1.00 45.38 ? 747 HOH A O   1 
HETATM 1385 O O   . HOH C 3 .   ? 7.677   12.245  -1.187  1.00 32.25 ? 748 HOH A O   1 
HETATM 1386 O O   . HOH C 3 .   ? 14.326  0.126   1.874   1.00 29.35 ? 749 HOH A O   1 
HETATM 1387 O O   . HOH C 3 .   ? -2.131  -17.638 -13.361 1.00 46.78 ? 750 HOH A O   1 
HETATM 1388 O O   . HOH C 3 .   ? -10.592 6.705   -2.459  1.00 29.99 ? 752 HOH A O   1 
HETATM 1389 O O   . HOH C 3 .   ? -0.077  8.490   19.483  1.00 27.68 ? 753 HOH A O   1 
HETATM 1390 O O   . HOH C 3 .   ? -6.925  -20.376 -10.480 1.00 54.02 ? 754 HOH A O   1 
HETATM 1391 O O   . HOH C 3 .   ? 1.832   16.901  11.052  1.00 24.24 ? 755 HOH A O   1 
HETATM 1392 O O   . HOH C 3 .   ? 8.532   11.073  14.551  1.00 48.47 ? 756 HOH A O   1 
HETATM 1393 O O   . HOH C 3 .   ? 5.905   -18.513 -4.587  1.00 38.39 ? 757 HOH A O   1 
HETATM 1394 O O   . HOH C 3 .   ? 6.281   -23.199 6.951   1.00 41.85 ? 758 HOH A O   1 
HETATM 1395 O O   . HOH C 3 .   ? 2.234   5.156   16.621  1.00 38.87 ? 759 HOH A O   1 
HETATM 1396 O O   . HOH C 3 .   ? 9.256   -0.885  -9.979  1.00 31.60 ? 760 HOH A O   1 
HETATM 1397 O O   . HOH C 3 .   ? -10.934 -0.393  3.815   1.00 23.59 ? 761 HOH A O   1 
HETATM 1398 O O   . HOH C 3 .   ? -7.715  1.864   18.442  1.00 33.19 ? 762 HOH A O   1 
HETATM 1399 O O   . HOH C 3 .   ? -13.862 5.859   11.514  1.00 34.05 ? 763 HOH A O   1 
HETATM 1400 O O   . HOH C 3 .   ? 11.432  -0.050  25.296  1.00 24.97 ? 764 HOH A O   1 
HETATM 1401 O O   . HOH C 3 .   ? 6.403   -4.678  -18.037 1.00 16.64 ? 765 HOH A O   1 
HETATM 1402 O O   . HOH C 3 .   ? 8.729   -1.355  15.785  1.00 25.86 ? 766 HOH A O   1 
HETATM 1403 O O   . HOH C 3 .   ? 6.419   14.719  5.655   1.00 22.93 ? 767 HOH A O   1 
HETATM 1404 O O   . HOH C 3 .   ? 6.984   17.245  6.104   1.00 31.02 ? 768 HOH A O   1 
HETATM 1405 O O   . HOH C 3 .   ? 6.616   0.066   16.473  1.00 18.33 ? 769 HOH A O   1 
HETATM 1406 O O   . HOH C 3 .   ? -4.819  12.152  22.969  1.00 23.24 ? 770 HOH A O   1 
HETATM 1407 O O   . HOH C 3 .   ? -2.859  1.432   16.511  1.00 25.58 ? 771 HOH A O   1 
HETATM 1408 O O   . HOH C 3 .   ? 4.210   -11.044 -16.310 1.00 39.27 ? 772 HOH A O   1 
HETATM 1409 O O   . HOH C 3 .   ? -7.105  -1.928  -14.064 1.00 33.17 ? 773 HOH A O   1 
HETATM 1410 O O   . HOH C 3 .   ? 3.061   -22.367 -0.318  1.00 35.24 ? 774 HOH A O   1 
HETATM 1411 O O   . HOH C 3 .   ? -7.219  -5.897  10.177  1.00 31.65 ? 775 HOH A O   1 
HETATM 1412 O O   . HOH C 3 .   ? -1.507  -9.646  11.500  1.00 32.83 ? 776 HOH A O   1 
HETATM 1413 O O   . HOH C 3 .   ? -3.914  -6.500  12.844  1.00 31.64 ? 777 HOH A O   1 
HETATM 1414 O O   . HOH C 3 .   ? 8.158   4.888   8.339   1.00 21.82 ? 778 HOH A O   1 
HETATM 1415 O O   . HOH C 3 .   ? 12.445  -7.855  -5.553  1.00 37.46 ? 779 HOH A O   1 
HETATM 1416 O O   . HOH C 3 .   ? 10.308  3.486   8.933   1.00 28.22 ? 780 HOH A O   1 
HETATM 1417 O O   . HOH C 3 .   ? 6.913   18.744  1.036   1.00 41.03 ? 781 HOH A O   1 
HETATM 1418 O O   . HOH C 3 .   ? -5.182  -0.126  -18.187 1.00 31.80 ? 782 HOH A O   1 
HETATM 1419 O O   . HOH C 3 .   ? 9.985   -3.959  -13.465 1.00 27.66 ? 783 HOH A O   1 
HETATM 1420 O O   . HOH C 3 .   ? -7.368  -2.870  11.320  1.00 41.37 ? 784 HOH A O   1 
HETATM 1421 O O   . HOH C 3 .   ? -1.255  -12.395 -13.525 1.00 39.24 ? 785 HOH A O   1 
HETATM 1422 O O   . HOH C 3 .   ? 5.233   -15.935 6.046   1.00 33.69 ? 786 HOH A O   1 
HETATM 1423 O O   . HOH C 3 .   ? 12.477  3.065   25.993  1.00 40.10 ? 787 HOH A O   1 
HETATM 1424 O O   . HOH C 3 .   ? -0.769  -18.747 -5.466  1.00 41.88 ? 788 HOH A O   1 
HETATM 1425 O O   . HOH C 3 .   ? -8.685  -8.003  4.329   1.00 37.13 ? 789 HOH A O   1 
HETATM 1426 O O   . HOH C 3 .   ? -10.276 15.178  -4.533  1.00 32.48 ? 790 HOH A O   1 
HETATM 1427 O O   . HOH C 3 .   ? 2.772   -16.225 -11.092 1.00 35.00 ? 791 HOH A O   1 
HETATM 1428 O O   . HOH C 3 .   ? 11.790  -6.268  -9.647  1.00 45.20 ? 792 HOH A O   1 
HETATM 1429 O O   . HOH C 3 .   ? 3.266   -1.375  -20.043 1.00 38.50 ? 793 HOH A O   1 
HETATM 1430 O O   . HOH C 3 .   ? -11.019 -1.417  9.585   1.00 32.73 ? 794 HOH A O   1 
HETATM 1431 O O   . HOH C 3 .   ? -2.599  22.861  0.942   1.00 44.48 ? 795 HOH A O   1 
HETATM 1432 O O   . HOH C 3 .   ? 10.215  10.855  11.974  1.00 45.09 ? 796 HOH A O   1 
HETATM 1433 O O   . HOH C 3 .   ? 10.102  1.066   14.748  1.00 44.95 ? 797 HOH A O   1 
HETATM 1434 O O   . HOH C 3 .   ? 13.686  -8.468  -3.400  1.00 41.18 ? 798 HOH A O   1 
HETATM 1435 O O   . HOH C 3 .   ? 1.360   -16.318 4.423   1.00 42.14 ? 800 HOH A O   1 
HETATM 1436 O O   . HOH C 3 .   ? 0.566   7.764   14.897  1.00 49.49 ? 801 HOH A O   1 
HETATM 1437 O O   . HOH C 3 .   ? 11.147  5.614   12.492  1.00 38.02 ? 802 HOH A O   1 
HETATM 1438 O O   . HOH C 3 .   ? -10.637 6.924   24.917  1.00 48.91 ? 803 HOH A O   1 
HETATM 1439 O O   . HOH C 3 .   ? 7.974   14.015  13.630  1.00 44.81 ? 805 HOH A O   1 
HETATM 1440 O O   . HOH C 3 .   ? -5.416  -1.654  -21.214 1.00 32.99 ? 806 HOH A O   1 
HETATM 1441 O O   . HOH C 3 .   ? -6.497  9.534   22.237  1.00 29.59 ? 807 HOH A O   1 
HETATM 1442 O O   . HOH C 3 .   ? -10.804 3.738   -8.038  1.00 38.73 ? 808 HOH A O   1 
HETATM 1443 O O   . HOH C 3 .   ? 9.790   -6.562  7.603   1.00 27.40 ? 809 HOH A O   1 
HETATM 1444 O O   . HOH C 3 .   ? 13.135  -4.728  3.774   1.00 41.16 ? 810 HOH A O   1 
HETATM 1445 O O   . HOH C 3 .   ? 4.721   14.082  -5.820  1.00 39.42 ? 811 HOH A O   1 
HETATM 1446 O O   . HOH C 3 .   ? -3.462  21.747  3.993   1.00 40.67 ? 812 HOH A O   1 
HETATM 1447 O O   . HOH C 3 .   ? -10.395 -15.910 -13.304 1.00 40.89 ? 813 HOH A O   1 
HETATM 1448 O O   . HOH C 3 .   ? 0.612   -11.147 11.652  1.00 43.93 ? 815 HOH A O   1 
HETATM 1449 O O   . HOH C 3 .   ? -6.173  -20.115 -7.382  1.00 45.05 ? 816 HOH A O   1 
HETATM 1450 O O   . HOH C 3 .   ? 2.731   18.847  12.833  1.00 35.93 ? 818 HOH A O   1 
HETATM 1451 O O   . HOH C 3 .   ? 12.742  -8.620  -10.073 1.00 48.85 ? 820 HOH A O   1 
HETATM 1452 O O   . HOH C 3 .   ? -10.641 -15.223 -10.902 1.00 30.29 ? 821 HOH A O   1 
HETATM 1453 O O   . HOH D 3 .   ? -3.285  17.726  -3.972  1.00 15.80 ? 702 HOH B O   1 
HETATM 1454 O O   . HOH D 3 .   ? 10.373  6.308   -3.148  1.00 21.84 ? 704 HOH B O   1 
HETATM 1455 O O   . HOH D 3 .   ? -5.004  11.626  -10.680 1.00 27.06 ? 734 HOH B O   1 
HETATM 1456 O O   . HOH D 3 .   ? 2.143   13.624  -7.311  1.00 27.72 ? 735 HOH B O   1 
HETATM 1457 O O   . HOH D 3 .   ? 12.569  7.799   0.485   1.00 34.87 ? 751 HOH B O   1 
HETATM 1458 O O   . HOH D 3 .   ? 0.275   11.495  -10.628 1.00 47.83 ? 799 HOH B O   1 
HETATM 1459 O O   . HOH D 3 .   ? -13.969 10.130  -7.236  1.00 40.88 ? 804 HOH B O   1 
HETATM 1460 O O   . HOH D 3 .   ? -12.016 13.193  -6.657  1.00 41.83 ? 814 HOH B O   1 
HETATM 1461 O O   . HOH D 3 .   ? 9.803   7.719   -10.446 1.00 44.53 ? 817 HOH B O   1 
HETATM 1462 O O   . HOH D 3 .   ? 7.248   9.158   -10.150 1.00 42.15 ? 819 HOH B O   1 
# 
